data_8S5L
#
_entry.id   8S5L
#
_cell.length_a   1.00
_cell.length_b   1.00
_cell.length_c   1.00
_cell.angle_alpha   90.00
_cell.angle_beta   90.00
_cell.angle_gamma   90.00
#
_symmetry.space_group_name_H-M   'P 1'
#
loop_
_entity.id
_entity.type
_entity.pdbx_description
1 polymer 'Cystathionine beta-synthase'
2 polymer 'Cystathionine beta-synthase'
3 non-polymer 'PROTOPORPHYRIN IX CONTAINING FE'
4 non-polymer "PYRIDOXAL-5'-PHOSPHATE"
#
loop_
_entity_poly.entity_id
_entity_poly.type
_entity_poly.pdbx_seq_one_letter_code
_entity_poly.pdbx_strand_id
1 'polypeptide(L)'
;SMPSETPQAEVGPTGCPHRSGPHSAKGSLEKGSPEDKEAKEPLWIRPDAPSRCTWQLGRPASESPHHHTAPAKSPKILPD
ILKKIGDTPMVRINKIGKKFGLKCELLAKCEFFNAGGSV(LLP)DRISLRMIEDAERDGTLKPGDTIIEPTSGNTGIGLA
LAAAVRGYRCIIVMPEKMSSEKVDVLRALGAEIVRTPTNARFDSPESHVGVAWRLKNEIPNSHILDQYRNASNPLAHYDT
TADEILQQCDGKLDMLVASVGTGGTITGIARKLKEKCPGCRIIGVDPEGSILAEPEELNQTEQTTYEVEGIGYDFIPTVL
DRTVVDKWFKSNDEEAFTFARMLIAQEGLLCGGSAGSTVAVAVKAAQELQEGQRCVVILPDSVRNYMTKFLSDRWMLQKG
FLKEEDLTEKKPWWWHLRVQELGLSAPLTVLPTITCGHTIEILREKGFDQAPVVDEAGVILGMVTLGNMLSSLLAGKVQP
SDQVGKVIYKQFKQIRLTDTLGRLSHILEMDHFALVVHEQIQYHSTGKSSQRQMVFGVVTAIDLLNFVAAQERDQK
;
A,D
2 'polypeptide(L)'
;SMPSETPQAEVGPTGCPHRSGPHSAKGSLEKGSPEDKEAKEPLWIRPDAPSRCTWQLGRPASESPHHHTAPAKSPKILPD
ILKKIGDTPMVRINKIGKKFGLKCELLAKCEFFNAGGSVKDRISLRMIEDAERDGTLKPGDTIIEPTSGNTGIGLALAAA
VRGYRCIIVMPEKMSSEKVDVLRALGAEIVRTPTNARFDSPESHVGVAWRLKNEIPNSHILDQYRNASNPLAHYDTTADE
ILQQCDGKLDMLVASVGTGGTITGIARKLKEKCPGCRIIGVDPEGSILAEPEELNQTEQTTYEVEGIGYDFIPTVLDRTV
VDKWFKSNDEEAFTFARMLIAQEGLLCGGSAGSTVAVAVKAAQELQEGQRCVVILPDSVRNYMTKFLSDRWMLQKGFLKE
EDLTEKKPWWWHLRVQELGLSAPLTVLPTITCGHTIEILREKGFDQAPVVDEAGVILGMVTLGNMLSSLLAGKVQPSDQV
GKVIYKQFKQIRLTDTLGRLSHILEMDHFALVVHEQIQYHSTGKSSQRQMVFGVVTAIDLLNFVAAQERDQK
;
B,C
#
loop_
_chem_comp.id
_chem_comp.type
_chem_comp.name
_chem_comp.formula
HEM non-polymer 'PROTOPORPHYRIN IX CONTAINING FE' 'C34 H32 Fe N4 O4'
PLP non-polymer PYRIDOXAL-5'-PHOSPHATE 'C8 H10 N O6 P'
#
# COMPACT_ATOMS: atom_id res chain seq x y z
N LEU A 43 11.97 -23.32 23.56
CA LEU A 43 12.72 -22.14 23.04
C LEU A 43 12.82 -21.04 24.09
N TRP A 44 11.68 -20.43 24.40
CA TRP A 44 11.65 -19.37 25.39
C TRP A 44 11.96 -19.93 26.78
N ILE A 45 12.83 -19.23 27.50
CA ILE A 45 13.23 -19.63 28.85
C ILE A 45 12.48 -18.75 29.84
N ARG A 46 11.69 -19.38 30.70
CA ARG A 46 10.83 -18.63 31.59
C ARG A 46 11.66 -17.85 32.60
N PRO A 47 11.15 -16.72 33.10
CA PRO A 47 11.87 -15.98 34.13
C PRO A 47 11.54 -16.39 35.55
N ASP A 48 10.78 -17.48 35.74
CA ASP A 48 10.35 -17.89 37.07
C ASP A 48 10.82 -19.29 37.42
N ALA A 49 11.82 -19.82 36.74
CA ALA A 49 12.29 -21.16 37.03
C ALA A 49 12.93 -21.20 38.41
N PRO A 50 13.02 -22.38 39.03
CA PRO A 50 13.52 -22.45 40.41
C PRO A 50 14.93 -21.87 40.53
N SER A 51 15.20 -21.32 41.70
CA SER A 51 16.50 -20.70 41.98
C SER A 51 17.58 -21.77 42.04
N ARG A 52 18.69 -21.53 41.34
CA ARG A 52 19.80 -22.48 41.31
C ARG A 52 20.97 -22.11 42.21
N CYS A 53 20.82 -21.08 43.04
CA CYS A 53 21.90 -20.69 43.93
C CYS A 53 21.93 -21.58 45.17
N THR A 54 23.12 -21.75 45.72
CA THR A 54 23.36 -22.67 46.83
C THR A 54 23.64 -21.95 48.14
N TRP A 55 23.58 -20.62 48.14
CA TRP A 55 23.88 -19.85 49.35
C TRP A 55 23.02 -20.32 50.52
N GLN A 56 23.69 -20.60 51.63
CA GLN A 56 23.02 -20.94 52.88
C GLN A 56 23.69 -20.20 54.01
N LEU A 57 22.89 -19.55 54.84
CA LEU A 57 23.40 -18.63 55.86
C LEU A 57 24.63 -19.19 56.53
N GLY A 58 25.70 -18.39 56.57
CA GLY A 58 26.92 -18.77 57.26
C GLY A 58 28.02 -19.31 56.38
N ARG A 59 27.73 -19.65 55.13
CA ARG A 59 28.77 -20.18 54.27
C ARG A 59 29.86 -19.13 54.08
N PRO A 60 31.12 -19.56 53.93
CA PRO A 60 32.18 -18.59 53.65
C PRO A 60 32.06 -18.03 52.25
N ALA A 61 32.43 -16.76 52.10
CA ALA A 61 32.32 -16.09 50.81
C ALA A 61 33.27 -16.68 49.77
N SER A 62 34.32 -17.38 50.20
CA SER A 62 35.25 -17.96 49.26
C SER A 62 34.57 -18.92 48.30
N GLU A 63 33.48 -19.56 48.73
CA GLU A 63 32.79 -20.50 47.87
C GLU A 63 32.16 -19.83 46.66
N SER A 64 32.06 -18.51 46.68
CA SER A 64 31.25 -17.79 45.71
C SER A 64 31.73 -18.04 44.29
N PRO A 65 30.95 -18.72 43.45
CA PRO A 65 31.29 -18.75 42.03
C PRO A 65 31.20 -17.40 41.38
N HIS A 66 30.49 -16.45 41.98
CA HIS A 66 30.31 -15.13 41.41
C HIS A 66 31.52 -14.25 41.67
N HIS A 67 31.75 -13.31 40.75
CA HIS A 67 32.90 -12.42 40.83
C HIS A 67 32.53 -11.20 41.68
N HIS A 68 32.71 -11.36 42.99
CA HIS A 68 32.50 -10.23 43.89
C HIS A 68 33.60 -9.18 43.67
N THR A 69 33.23 -7.92 43.81
CA THR A 69 34.16 -6.80 43.73
C THR A 69 33.86 -5.80 44.83
N ALA A 70 34.91 -5.24 45.41
CA ALA A 70 34.73 -4.29 46.50
C ALA A 70 34.51 -2.89 45.95
N PRO A 71 33.94 -1.99 46.77
CA PRO A 71 33.84 -0.58 46.34
C PRO A 71 35.23 0.05 46.24
N ALA A 72 35.24 1.32 45.86
CA ALA A 72 36.48 2.07 45.74
C ALA A 72 36.18 3.56 45.87
N LYS A 73 37.21 4.32 46.25
CA LYS A 73 37.10 5.77 46.33
C LYS A 73 37.22 6.35 44.92
N SER A 74 36.24 7.15 44.52
CA SER A 74 36.27 7.72 43.18
C SER A 74 37.37 8.78 43.09
N PRO A 75 37.96 8.94 41.91
CA PRO A 75 39.04 9.94 41.77
C PRO A 75 38.52 11.34 42.02
N LYS A 76 39.45 12.29 42.02
CA LYS A 76 39.07 13.67 42.27
C LYS A 76 38.12 14.18 41.20
N ILE A 77 38.43 13.92 39.93
CA ILE A 77 37.58 14.30 38.81
C ILE A 77 37.13 13.03 38.10
N LEU A 78 35.82 12.86 37.98
CA LEU A 78 35.31 11.62 37.46
C LEU A 78 35.77 11.43 36.01
N PRO A 79 36.08 10.20 35.60
CA PRO A 79 36.41 10.00 34.19
C PRO A 79 35.19 10.05 33.29
N ASP A 80 34.02 9.75 33.83
CA ASP A 80 32.78 9.79 33.07
C ASP A 80 31.62 9.83 34.04
N ILE A 81 30.43 10.09 33.50
CA ILE A 81 29.26 10.22 34.35
C ILE A 81 28.94 8.92 35.06
N LEU A 82 29.42 7.79 34.54
CA LEU A 82 29.04 6.50 35.11
C LEU A 82 29.49 6.38 36.55
N LYS A 83 30.71 6.81 36.87
CA LYS A 83 31.28 6.55 38.18
C LYS A 83 30.51 7.22 39.31
N LYS A 84 29.63 8.16 39.01
CA LYS A 84 28.79 8.77 40.04
C LYS A 84 27.66 7.85 40.49
N ILE A 85 27.55 6.65 39.93
CA ILE A 85 26.53 5.70 40.35
C ILE A 85 27.04 5.03 41.62
N GLY A 86 26.45 5.40 42.75
CA GLY A 86 26.85 4.90 44.05
C GLY A 86 27.02 6.01 45.05
N ASP A 87 27.56 5.65 46.21
CA ASP A 87 27.87 6.60 47.28
C ASP A 87 26.71 7.57 47.48
N THR A 88 25.59 7.04 47.96
CA THR A 88 24.41 7.85 48.18
C THR A 88 24.23 8.13 49.67
N PRO A 89 23.78 9.33 50.03
CA PRO A 89 23.75 9.72 51.44
C PRO A 89 22.60 9.06 52.19
N MET A 90 22.68 9.14 53.51
CA MET A 90 21.66 8.60 54.40
C MET A 90 21.20 9.70 55.35
N VAL A 91 19.95 10.11 55.20
CA VAL A 91 19.44 11.31 55.86
C VAL A 91 18.38 10.90 56.87
N ARG A 92 18.41 11.50 58.05
CA ARG A 92 17.46 11.16 59.09
C ARG A 92 16.09 11.78 58.80
N ILE A 93 15.05 10.97 58.91
CA ILE A 93 13.69 11.47 58.83
C ILE A 93 13.36 12.12 60.17
N ASN A 94 13.21 13.44 60.17
CA ASN A 94 13.16 14.20 61.42
C ASN A 94 11.75 14.59 61.84
N LYS A 95 10.78 14.53 60.96
CA LYS A 95 9.44 15.00 61.30
C LYS A 95 8.35 13.97 61.10
N ILE A 96 8.56 12.97 60.23
CA ILE A 96 7.54 11.95 60.04
C ILE A 96 7.42 11.10 61.29
N GLY A 97 8.56 10.67 61.85
CA GLY A 97 8.52 9.77 62.98
C GLY A 97 7.75 10.35 64.16
N LYS A 98 7.99 11.63 64.46
CA LYS A 98 7.22 12.27 65.52
C LYS A 98 5.75 12.38 65.12
N LYS A 99 5.48 12.59 63.84
CA LYS A 99 4.08 12.68 63.40
C LYS A 99 3.35 11.36 63.57
N PHE A 100 4.06 10.26 63.81
CA PHE A 100 3.43 8.97 64.08
C PHE A 100 4.07 8.27 65.27
N GLY A 101 4.71 9.02 66.16
CA GLY A 101 5.12 8.48 67.44
C GLY A 101 6.30 7.54 67.41
N LEU A 102 7.04 7.49 66.32
CA LEU A 102 8.21 6.62 66.27
C LEU A 102 9.27 7.10 67.27
N LYS A 103 9.95 6.14 67.87
CA LYS A 103 10.98 6.44 68.86
C LYS A 103 12.39 6.10 68.38
N CYS A 104 12.54 5.31 67.32
CA CYS A 104 13.87 4.94 66.86
C CYS A 104 14.43 5.97 65.90
N GLU A 105 15.74 5.93 65.74
CA GLU A 105 16.43 6.80 64.78
C GLU A 105 16.11 6.32 63.37
N LEU A 106 15.16 6.97 62.72
CA LEU A 106 14.69 6.57 61.40
C LEU A 106 15.55 7.22 60.34
N LEU A 107 16.10 6.42 59.43
CA LEU A 107 17.00 6.89 58.40
C LEU A 107 16.52 6.39 57.04
N ALA A 108 16.67 7.23 56.02
CA ALA A 108 16.27 6.88 54.67
C ALA A 108 17.49 6.88 53.77
N LYS A 109 17.89 5.69 53.31
CA LYS A 109 19.02 5.54 52.40
C LYS A 109 18.57 6.04 51.04
N CYS A 110 18.56 7.35 50.87
CA CYS A 110 18.05 7.97 49.64
C CYS A 110 18.92 7.51 48.50
N GLU A 111 18.38 6.62 47.68
CA GLU A 111 19.12 6.09 46.54
C GLU A 111 18.92 6.88 45.26
N PHE A 112 18.06 7.89 45.26
CA PHE A 112 17.70 8.57 44.04
C PHE A 112 18.67 9.66 43.62
N PHE A 113 19.86 9.74 44.23
CA PHE A 113 20.83 10.76 43.85
C PHE A 113 21.82 10.26 42.81
N ASN A 114 21.63 9.06 42.28
CA ASN A 114 22.54 8.52 41.29
C ASN A 114 22.43 9.29 39.99
N ALA A 115 23.26 8.89 39.01
CA ALA A 115 23.29 9.61 37.74
C ALA A 115 21.95 9.58 37.03
N GLY A 116 21.28 8.43 37.02
CA GLY A 116 20.00 8.30 36.36
C GLY A 116 18.80 8.65 37.21
N GLY A 117 18.99 9.07 38.45
CA GLY A 117 17.87 9.42 39.29
C GLY A 117 17.07 8.25 39.79
N SER A 118 17.65 7.07 39.85
CA SER A 118 16.95 5.89 40.33
C SER A 118 17.95 4.90 40.91
N VAL A 119 17.43 3.90 41.62
CA VAL A 119 18.28 2.91 42.24
C VAL A 119 18.69 1.85 41.23
N1 LLP A 120 11.18 1.08 43.34
C2 LLP A 120 11.17 1.37 42.01
C2' LLP A 120 10.56 2.68 41.54
C3 LLP A 120 11.70 0.47 41.11
O3 LLP A 120 11.68 0.77 39.75
C4 LLP A 120 12.23 -0.68 41.54
C4' LLP A 120 12.80 -1.67 40.52
C5 LLP A 120 12.25 -0.97 42.86
C6 LLP A 120 11.71 -0.08 43.76
C5' LLP A 120 12.84 -2.29 43.36
OP4 LLP A 120 14.16 -2.43 42.91
P LLP A 120 14.72 -3.93 42.52
OP1 LLP A 120 13.65 -4.97 42.75
OP2 LLP A 120 15.12 -3.95 41.08
OP3 LLP A 120 15.92 -4.26 43.37
N LLP A 120 17.99 1.81 40.09
CA LLP A 120 18.27 0.82 39.06
CB LLP A 120 16.98 0.45 38.33
CG LLP A 120 16.55 -0.96 38.70
CD LLP A 120 16.30 -1.10 40.20
CE LLP A 120 14.90 -0.60 40.54
NZ LLP A 120 13.98 -1.60 40.10
C LLP A 120 19.31 1.36 38.09
O LLP A 120 20.09 0.53 37.54
H2'1 LLP A 120 9.53 2.73 41.86
H2'2 LLP A 120 10.59 2.73 40.45
H2'3 LLP A 120 11.11 3.52 41.96
HO3 LLP A 120 10.79 0.76 39.43
H4'1 LLP A 120 12.16 -2.46 40.14
H6 LLP A 120 11.73 -0.31 44.82
H5'1 LLP A 120 12.24 -3.10 42.98
H5'2 LLP A 120 12.83 -2.30 44.44
H LLP A 120 17.23 2.41 39.84
HA LLP A 120 18.69 -0.06 39.53
HB2 LLP A 120 16.21 1.15 38.61
HB3 LLP A 120 17.15 0.52 37.27
HG2 LLP A 120 17.32 -1.66 38.39
HG3 LLP A 120 15.63 -1.19 38.17
HD2 LLP A 120 17.03 -0.55 40.76
HD3 LLP A 120 16.38 -2.14 40.46
HE2 LLP A 120 14.70 0.34 40.03
HE3 LLP A 120 14.84 -0.45 41.62
N ASP A 121 20.40 1.86 38.66
CA ASP A 121 21.56 2.29 37.92
C ASP A 121 22.75 1.48 38.38
N ARG A 122 22.80 1.25 39.70
CA ARG A 122 23.78 0.32 40.24
C ARG A 122 23.72 -1.00 39.50
N ILE A 123 22.52 -1.56 39.36
CA ILE A 123 22.40 -2.86 38.72
C ILE A 123 22.62 -2.72 37.22
N SER A 124 22.24 -1.59 36.61
CA SER A 124 22.55 -1.39 35.21
C SER A 124 24.05 -1.40 34.98
N LEU A 125 24.79 -0.61 35.76
CA LEU A 125 26.24 -0.58 35.62
C LEU A 125 26.83 -1.96 35.84
N ARG A 126 26.39 -2.65 36.89
CA ARG A 126 26.95 -3.96 37.17
C ARG A 126 26.67 -4.94 36.04
N MET A 127 25.45 -4.92 35.50
CA MET A 127 25.11 -5.84 34.43
C MET A 127 25.95 -5.58 33.19
N ILE A 128 26.07 -4.32 32.80
CA ILE A 128 26.88 -4.00 31.62
C ILE A 128 28.33 -4.39 31.85
N GLU A 129 28.87 -4.06 33.02
CA GLU A 129 30.27 -4.35 33.31
C GLU A 129 30.53 -5.85 33.26
N ASP A 130 29.63 -6.65 33.85
CA ASP A 130 29.85 -8.09 33.85
C ASP A 130 29.67 -8.69 32.46
N ALA A 131 28.62 -8.28 31.73
CA ALA A 131 28.43 -8.80 30.39
C ALA A 131 29.57 -8.40 29.46
N GLU A 132 30.29 -7.32 29.78
CA GLU A 132 31.47 -6.98 28.99
C GLU A 132 32.68 -7.79 29.43
N ARG A 133 32.94 -7.84 30.74
CA ARG A 133 34.10 -8.54 31.25
C ARG A 133 34.07 -10.03 30.95
N ASP A 134 32.88 -10.61 30.80
CA ASP A 134 32.79 -12.01 30.39
C ASP A 134 32.96 -12.16 28.88
N GLY A 135 33.10 -11.07 28.13
CA GLY A 135 33.29 -11.14 26.71
C GLY A 135 32.03 -11.40 25.92
N THR A 136 30.91 -11.66 26.57
CA THR A 136 29.67 -11.90 25.85
C THR A 136 29.28 -10.68 25.03
N LEU A 137 29.42 -9.49 25.60
CA LEU A 137 29.06 -8.27 24.92
C LEU A 137 30.26 -7.69 24.19
N LYS A 138 30.00 -7.07 23.03
CA LYS A 138 31.02 -6.41 22.24
C LYS A 138 30.52 -5.05 21.80
N PRO A 139 31.42 -4.09 21.56
CA PRO A 139 30.97 -2.78 21.11
C PRO A 139 30.15 -2.88 19.83
N GLY A 140 29.11 -2.06 19.75
CA GLY A 140 28.18 -2.10 18.64
C GLY A 140 27.00 -3.02 18.84
N ASP A 141 26.96 -3.80 19.91
CA ASP A 141 25.87 -4.71 20.15
C ASP A 141 24.59 -3.93 20.46
N THR A 142 23.46 -4.63 20.37
CA THR A 142 22.17 -4.06 20.73
C THR A 142 21.68 -4.71 22.02
N ILE A 143 21.25 -3.88 22.96
CA ILE A 143 20.78 -4.34 24.26
C ILE A 143 19.27 -4.21 24.31
N ILE A 144 18.59 -5.31 24.56
CA ILE A 144 17.15 -5.33 24.75
C ILE A 144 16.90 -5.71 26.19
N GLU A 145 16.10 -4.90 26.89
CA GLU A 145 15.95 -5.06 28.31
C GLU A 145 14.51 -4.76 28.73
N PRO A 146 13.69 -5.78 28.99
CA PRO A 146 12.33 -5.50 29.47
C PRO A 146 12.38 -4.98 30.90
N THR A 147 11.71 -3.87 31.14
CA THR A 147 11.90 -3.14 32.39
C THR A 147 10.63 -2.41 32.75
N SER A 148 10.55 -2.05 34.04
CA SER A 148 9.50 -1.16 34.50
C SER A 148 9.83 0.30 34.22
N GLY A 149 11.04 0.59 33.73
CA GLY A 149 11.43 1.90 33.33
C GLY A 149 12.70 2.43 33.97
N ASN A 150 12.89 2.24 35.27
CA ASN A 150 14.10 2.73 35.88
C ASN A 150 15.32 1.99 35.37
N THR A 151 15.24 0.65 35.32
CA THR A 151 16.29 -0.08 34.61
C THR A 151 16.36 0.38 33.17
N GLY A 152 15.24 0.78 32.59
CA GLY A 152 15.26 1.28 31.23
C GLY A 152 16.12 2.52 31.09
N ILE A 153 15.92 3.51 31.96
CA ILE A 153 16.71 4.73 31.85
C ILE A 153 18.16 4.43 32.17
N GLY A 154 18.42 3.58 33.16
CA GLY A 154 19.79 3.23 33.47
C GLY A 154 20.51 2.63 32.28
N LEU A 155 19.87 1.64 31.64
CA LEU A 155 20.50 1.00 30.49
C LEU A 155 20.67 1.98 29.34
N ALA A 156 19.66 2.81 29.08
CA ALA A 156 19.80 3.77 28.00
C ALA A 156 20.97 4.71 28.26
N LEU A 157 21.11 5.17 29.49
CA LEU A 157 22.22 6.05 29.84
C LEU A 157 23.56 5.36 29.63
N ALA A 158 23.69 4.14 30.15
CA ALA A 158 24.96 3.42 30.01
C ALA A 158 25.29 3.19 28.54
N ALA A 159 24.29 2.80 27.75
CA ALA A 159 24.54 2.55 26.34
C ALA A 159 24.95 3.82 25.63
N ALA A 160 24.23 4.93 25.86
CA ALA A 160 24.56 6.18 25.18
C ALA A 160 25.95 6.66 25.56
N VAL A 161 26.36 6.45 26.81
CA VAL A 161 27.71 6.83 27.20
C VAL A 161 28.73 5.93 26.51
N ARG A 162 28.44 4.63 26.43
CA ARG A 162 29.42 3.69 25.88
C ARG A 162 29.23 3.43 24.40
N GLY A 163 28.09 3.80 23.82
CA GLY A 163 27.85 3.64 22.39
C GLY A 163 26.99 2.46 22.00
N TYR A 164 26.54 1.64 22.94
CA TYR A 164 25.65 0.56 22.60
C TYR A 164 24.32 1.09 22.11
N ARG A 165 23.63 0.29 21.28
CA ARG A 165 22.26 0.57 20.93
C ARG A 165 21.35 0.00 22.00
N CYS A 166 20.24 0.68 22.26
CA CYS A 166 19.32 0.28 23.32
C CYS A 166 17.89 0.22 22.79
N ILE A 167 17.21 -0.88 23.07
CA ILE A 167 15.79 -1.05 22.79
C ILE A 167 15.11 -1.44 24.09
N ILE A 168 14.31 -0.53 24.65
CA ILE A 168 13.68 -0.73 25.95
C ILE A 168 12.23 -1.15 25.72
N VAL A 169 11.80 -2.18 26.43
CA VAL A 169 10.42 -2.63 26.42
C VAL A 169 9.85 -2.34 27.79
N MET A 170 8.84 -1.48 27.86
CA MET A 170 8.25 -1.13 29.14
C MET A 170 6.73 -1.14 29.03
N PRO A 171 6.04 -1.64 30.04
CA PRO A 171 4.57 -1.70 29.97
C PRO A 171 3.90 -0.38 29.63
N GLU A 172 2.61 -0.46 29.31
CA GLU A 172 1.85 0.71 28.88
C GLU A 172 1.75 1.74 30.00
N LYS A 173 1.44 1.28 31.21
CA LYS A 173 1.03 2.21 32.27
C LYS A 173 2.15 3.15 32.70
N MET A 174 3.39 2.88 32.31
CA MET A 174 4.51 3.67 32.82
C MET A 174 4.34 5.13 32.42
N SER A 175 4.78 6.03 33.30
CA SER A 175 4.58 7.45 33.08
C SER A 175 5.34 7.91 31.84
N SER A 176 4.80 8.94 31.18
CA SER A 176 5.41 9.43 29.95
C SER A 176 6.78 10.05 30.20
N GLU A 177 7.00 10.69 31.34
CA GLU A 177 8.27 11.36 31.58
C GLU A 177 9.44 10.42 31.30
N LYS A 178 9.31 9.16 31.69
CA LYS A 178 10.34 8.19 31.34
C LYS A 178 10.47 8.06 29.83
N VAL A 179 9.36 8.12 29.11
CA VAL A 179 9.42 8.06 27.65
C VAL A 179 10.19 9.24 27.10
N ASP A 180 9.90 10.44 27.60
CA ASP A 180 10.61 11.62 27.12
C ASP A 180 12.10 11.49 27.40
N VAL A 181 12.45 11.05 28.61
CA VAL A 181 13.87 10.92 28.93
C VAL A 181 14.53 9.89 28.03
N LEU A 182 13.91 8.74 27.84
CA LEU A 182 14.51 7.71 27.00
C LEU A 182 14.71 8.22 25.58
N ARG A 183 13.71 8.92 25.04
CA ARG A 183 13.88 9.50 23.71
C ARG A 183 15.04 10.46 23.69
N ALA A 184 15.17 11.30 24.72
CA ALA A 184 16.29 12.23 24.77
C ALA A 184 17.62 11.49 24.72
N LEU A 185 17.68 10.30 25.29
CA LEU A 185 18.92 9.52 25.30
C LEU A 185 19.09 8.67 24.05
N GLY A 186 18.19 8.77 23.08
CA GLY A 186 18.36 8.04 21.84
C GLY A 186 17.93 6.60 21.86
N ALA A 187 17.45 6.11 22.99
CA ALA A 187 16.99 4.73 23.06
C ALA A 187 15.71 4.56 22.26
N GLU A 188 15.40 3.30 21.97
CA GLU A 188 14.19 2.94 21.24
C GLU A 188 13.21 2.28 22.22
N ILE A 189 11.96 2.70 22.16
CA ILE A 189 10.95 2.27 23.12
C ILE A 189 9.95 1.36 22.44
N VAL A 190 9.47 0.36 23.18
CA VAL A 190 8.38 -0.50 22.75
C VAL A 190 7.50 -0.75 23.96
N ARG A 191 6.19 -0.68 23.77
CA ARG A 191 5.26 -0.83 24.87
C ARG A 191 4.49 -2.14 24.76
N THR A 192 3.86 -2.52 25.87
CA THR A 192 3.06 -3.72 25.91
C THR A 192 1.84 -3.44 26.77
N PRO A 193 0.73 -4.15 26.56
CA PRO A 193 -0.47 -3.86 27.35
C PRO A 193 -0.21 -4.10 28.83
N THR A 194 -0.87 -3.28 29.66
CA THR A 194 -0.58 -3.32 31.09
C THR A 194 -0.92 -4.67 31.69
N ASN A 195 -2.07 -5.25 31.32
CA ASN A 195 -2.57 -6.45 31.96
C ASN A 195 -2.32 -7.69 31.13
N ALA A 196 -1.19 -7.77 30.45
CA ALA A 196 -0.83 -8.98 29.70
C ALA A 196 -0.07 -9.93 30.61
N ARG A 197 -0.60 -11.12 30.82
CA ARG A 197 0.04 -12.07 31.70
C ARG A 197 1.45 -12.39 31.21
N PHE A 198 2.36 -12.58 32.14
CA PHE A 198 3.79 -12.62 31.80
C PHE A 198 4.10 -13.71 30.79
N ASP A 199 3.50 -14.89 30.94
CA ASP A 199 3.82 -16.02 30.08
C ASP A 199 3.11 -15.96 28.74
N SER A 200 2.35 -14.89 28.48
CA SER A 200 1.78 -14.74 27.16
C SER A 200 2.81 -14.17 26.19
N PRO A 201 2.61 -14.34 24.89
CA PRO A 201 3.60 -13.84 23.92
C PRO A 201 3.79 -12.34 23.95
N GLU A 202 2.84 -11.58 24.50
CA GLU A 202 2.86 -10.13 24.41
C GLU A 202 3.09 -9.45 25.76
N SER A 203 3.64 -10.16 26.74
CA SER A 203 4.14 -9.50 27.94
C SER A 203 5.50 -8.89 27.65
N HIS A 204 5.95 -7.98 28.52
CA HIS A 204 7.20 -7.30 28.24
C HIS A 204 8.36 -8.29 28.17
N VAL A 205 8.40 -9.27 29.06
CA VAL A 205 9.41 -10.30 28.93
C VAL A 205 9.25 -11.04 27.61
N GLY A 206 8.00 -11.39 27.25
CA GLY A 206 7.80 -12.13 26.02
C GLY A 206 8.21 -11.33 24.79
N VAL A 207 7.79 -10.07 24.72
CA VAL A 207 8.13 -9.26 23.57
C VAL A 207 9.64 -9.05 23.49
N ALA A 208 10.28 -8.84 24.64
CA ALA A 208 11.73 -8.71 24.64
C ALA A 208 12.38 -9.97 24.09
N TRP A 209 11.91 -11.14 24.54
CA TRP A 209 12.50 -12.40 24.08
C TRP A 209 12.33 -12.56 22.57
N ARG A 210 11.13 -12.28 22.06
CA ARG A 210 10.90 -12.46 20.62
C ARG A 210 11.73 -11.47 19.80
N LEU A 211 11.83 -10.22 20.25
CA LEU A 211 12.69 -9.27 19.55
C LEU A 211 14.13 -9.76 19.56
N LYS A 212 14.59 -10.29 20.69
CA LYS A 212 15.94 -10.84 20.74
C LYS A 212 16.11 -11.94 19.72
N ASN A 213 15.11 -12.80 19.58
CA ASN A 213 15.16 -13.82 18.53
C ASN A 213 15.25 -13.21 17.15
N GLU A 214 14.53 -12.11 16.90
CA GLU A 214 14.55 -11.50 15.57
C GLU A 214 15.82 -10.71 15.33
N ILE A 215 16.04 -9.64 16.09
CA ILE A 215 17.11 -8.69 15.80
C ILE A 215 18.46 -9.38 15.96
N PRO A 216 19.33 -9.33 14.94
CA PRO A 216 20.60 -10.06 15.03
C PRO A 216 21.54 -9.44 16.05
N ASN A 217 22.39 -10.29 16.63
CA ASN A 217 23.40 -9.85 17.59
C ASN A 217 22.77 -9.05 18.71
N SER A 218 21.63 -9.56 19.20
CA SER A 218 20.87 -8.92 20.26
C SER A 218 21.08 -9.69 21.55
N HIS A 219 21.42 -8.98 22.62
CA HIS A 219 21.63 -9.58 23.93
C HIS A 219 20.58 -9.08 24.91
N ILE A 220 19.86 -10.00 25.52
CA ILE A 220 18.98 -9.66 26.62
C ILE A 220 19.78 -9.73 27.92
N LEU A 221 19.52 -8.79 28.82
CA LEU A 221 20.14 -8.80 30.13
C LEU A 221 19.21 -9.24 31.25
N ASP A 222 17.91 -9.37 30.97
CA ASP A 222 16.97 -10.08 31.83
C ASP A 222 17.23 -9.84 33.31
N GLN A 223 17.07 -8.59 33.76
CA GLN A 223 17.27 -8.27 35.16
C GLN A 223 16.56 -9.24 36.09
N TYR A 224 15.47 -9.85 35.65
CA TYR A 224 14.70 -10.74 36.52
C TYR A 224 15.50 -11.96 36.94
N ARG A 225 16.30 -12.51 36.03
CA ARG A 225 17.02 -13.76 36.28
C ARG A 225 18.52 -13.61 36.37
N ASN A 226 19.10 -12.51 35.91
CA ASN A 226 20.54 -12.36 35.93
C ASN A 226 21.02 -12.24 37.37
N ALA A 227 21.95 -13.10 37.76
CA ALA A 227 22.53 -12.99 39.09
C ALA A 227 23.38 -11.75 39.23
N SER A 228 23.66 -11.05 38.14
CA SER A 228 24.36 -9.78 38.23
C SER A 228 23.56 -8.75 39.00
N ASN A 229 22.25 -8.95 39.12
CA ASN A 229 21.38 -7.97 39.76
C ASN A 229 21.59 -7.95 41.27
N PRO A 230 21.26 -9.03 42.00
CA PRO A 230 21.40 -8.98 43.45
C PRO A 230 22.84 -8.75 43.89
N LEU A 231 23.80 -9.18 43.08
CA LEU A 231 25.21 -9.02 43.46
C LEU A 231 25.57 -7.55 43.56
N ALA A 232 25.03 -6.71 42.69
CA ALA A 232 25.38 -5.30 42.75
C ALA A 232 25.10 -4.73 44.13
N HIS A 233 23.89 -4.97 44.64
CA HIS A 233 23.56 -4.48 45.98
C HIS A 233 24.40 -5.18 47.03
N TYR A 234 24.52 -6.50 46.94
CA TYR A 234 25.27 -7.26 47.94
C TYR A 234 26.71 -6.76 48.06
N ASP A 235 27.27 -6.25 46.96
CA ASP A 235 28.64 -5.75 46.99
C ASP A 235 28.71 -4.30 47.43
N THR A 236 27.83 -3.44 46.91
CA THR A 236 27.98 -2.00 47.14
C THR A 236 26.90 -1.47 48.07
N THR A 237 25.64 -1.69 47.74
CA THR A 237 24.57 -1.11 48.54
C THR A 237 24.60 -1.66 49.95
N ALA A 238 24.61 -2.98 50.09
CA ALA A 238 24.58 -3.57 51.41
C ALA A 238 25.78 -3.16 52.25
N ASP A 239 26.92 -2.91 51.62
CA ASP A 239 28.10 -2.49 52.37
C ASP A 239 27.94 -1.06 52.87
N GLU A 240 27.47 -0.17 52.01
CA GLU A 240 27.29 1.21 52.44
C GLU A 240 26.20 1.34 53.48
N ILE A 241 25.10 0.59 53.33
CA ILE A 241 24.03 0.68 54.31
C ILE A 241 24.45 0.07 55.63
N LEU A 242 25.52 -0.72 55.64
CA LEU A 242 26.04 -1.26 56.90
C LEU A 242 27.09 -0.33 57.49
N GLN A 243 27.80 0.42 56.64
CA GLN A 243 28.89 1.25 57.14
C GLN A 243 28.39 2.63 57.58
N GLN A 244 27.46 3.22 56.84
CA GLN A 244 26.98 4.56 57.17
C GLN A 244 26.32 4.57 58.54
N CYS A 245 25.48 3.58 58.82
CA CYS A 245 24.96 3.43 60.17
C CYS A 245 25.95 2.72 61.09
N ASP A 246 26.99 2.11 60.52
CA ASP A 246 28.06 1.49 61.29
C ASP A 246 27.56 0.30 62.12
N GLY A 247 26.85 -0.59 61.44
CA GLY A 247 26.49 -1.87 62.03
C GLY A 247 25.28 -1.84 62.93
N LYS A 248 25.18 -0.87 63.82
CA LYS A 248 24.10 -0.85 64.81
C LYS A 248 22.82 -0.44 64.09
N LEU A 249 22.08 -1.44 63.61
CA LEU A 249 20.75 -1.23 63.08
C LEU A 249 19.86 -2.39 63.51
N ASP A 250 18.56 -2.11 63.59
CA ASP A 250 17.57 -3.07 64.08
C ASP A 250 16.68 -3.62 62.99
N MET A 251 16.20 -2.79 62.07
CA MET A 251 15.24 -3.22 61.06
C MET A 251 15.47 -2.47 59.77
N LEU A 252 15.12 -3.10 58.66
CA LEU A 252 15.27 -2.50 57.34
C LEU A 252 13.98 -2.68 56.57
N VAL A 253 13.48 -1.60 56.00
CA VAL A 253 12.25 -1.59 55.21
C VAL A 253 12.65 -1.42 53.76
N ALA A 254 12.13 -2.28 52.89
CA ALA A 254 12.52 -2.26 51.48
C ALA A 254 11.30 -2.48 50.60
N SER A 255 11.34 -1.86 49.43
CA SER A 255 10.31 -2.03 48.42
C SER A 255 10.78 -3.10 47.44
N VAL A 256 9.94 -4.11 47.23
CA VAL A 256 10.34 -5.30 46.50
C VAL A 256 9.80 -5.21 45.09
N GLY A 257 10.70 -5.13 44.11
CA GLY A 257 10.33 -5.20 42.72
C GLY A 257 10.86 -6.47 42.11
N THR A 258 11.97 -6.38 41.38
CA THR A 258 12.65 -7.60 40.94
C THR A 258 13.16 -8.40 42.11
N GLY A 259 13.26 -7.80 43.29
CA GLY A 259 13.75 -8.48 44.46
C GLY A 259 15.22 -8.27 44.76
N GLY A 260 15.99 -7.76 43.81
CA GLY A 260 17.41 -7.57 44.06
C GLY A 260 17.66 -6.64 45.22
N THR A 261 16.97 -5.50 45.25
CA THR A 261 17.22 -4.51 46.29
C THR A 261 17.11 -5.11 47.68
N ILE A 262 16.25 -6.12 47.84
CA ILE A 262 16.07 -6.69 49.18
C ILE A 262 16.91 -7.95 49.33
N THR A 263 17.00 -8.79 48.30
CA THR A 263 17.79 -10.02 48.44
C THR A 263 19.26 -9.68 48.70
N GLY A 264 19.83 -8.84 47.85
CA GLY A 264 21.23 -8.48 47.99
C GLY A 264 21.53 -7.76 49.28
N ILE A 265 20.59 -6.96 49.78
CA ILE A 265 20.78 -6.30 51.06
C ILE A 265 20.72 -7.32 52.19
N ALA A 266 19.69 -8.17 52.19
CA ALA A 266 19.47 -9.06 53.31
C ALA A 266 20.59 -10.06 53.46
N ARG A 267 21.09 -10.59 52.34
CA ARG A 267 22.11 -11.64 52.44
C ARG A 267 23.36 -11.12 53.13
N LYS A 268 23.91 -10.01 52.65
CA LYS A 268 25.07 -9.43 53.30
C LYS A 268 24.74 -8.99 54.72
N LEU A 269 23.56 -8.43 54.93
CA LEU A 269 23.21 -7.92 56.25
C LEU A 269 23.22 -9.04 57.28
N LYS A 270 22.63 -10.19 56.93
CA LYS A 270 22.58 -11.30 57.86
C LYS A 270 23.93 -11.98 57.99
N GLU A 271 24.74 -12.01 56.93
CA GLU A 271 26.09 -12.53 57.07
C GLU A 271 26.90 -11.69 58.06
N LYS A 272 26.79 -10.37 57.96
CA LYS A 272 27.61 -9.46 58.75
C LYS A 272 26.93 -8.94 60.01
N CYS A 273 25.62 -9.06 60.13
CA CYS A 273 24.90 -8.61 61.33
C CYS A 273 23.62 -9.42 61.47
N PRO A 274 23.72 -10.64 61.99
CA PRO A 274 22.54 -11.54 61.99
C PRO A 274 21.39 -11.03 62.83
N GLY A 275 21.61 -10.14 63.80
CA GLY A 275 20.53 -9.69 64.64
C GLY A 275 19.51 -8.81 63.95
N CYS A 276 19.80 -8.37 62.73
CA CYS A 276 18.91 -7.46 62.02
C CYS A 276 17.75 -8.22 61.40
N ARG A 277 16.64 -7.51 61.22
CA ARG A 277 15.47 -8.05 60.55
C ARG A 277 15.44 -7.59 59.10
N ILE A 278 14.42 -8.02 58.37
CA ILE A 278 14.12 -7.50 57.05
C ILE A 278 12.61 -7.37 56.94
N ILE A 279 12.14 -6.22 56.47
CA ILE A 279 10.72 -5.97 56.26
C ILE A 279 10.50 -5.69 54.78
N GLY A 280 9.66 -6.48 54.14
CA GLY A 280 9.40 -6.33 52.71
C GLY A 280 8.05 -5.67 52.48
N VAL A 281 7.91 -5.04 51.32
CA VAL A 281 6.67 -4.38 50.93
C VAL A 281 6.35 -4.76 49.50
N ASP A 282 5.09 -4.63 49.14
CA ASP A 282 4.62 -4.99 47.81
C ASP A 282 3.23 -4.40 47.60
N PRO A 283 2.96 -3.74 46.48
CA PRO A 283 1.63 -3.17 46.29
C PRO A 283 0.55 -4.25 46.27
N GLU A 284 -0.62 -3.89 46.77
CA GLU A 284 -1.77 -4.79 46.70
C GLU A 284 -2.03 -5.15 45.25
N GLY A 285 -2.32 -6.42 45.01
CA GLY A 285 -2.49 -6.89 43.65
C GLY A 285 -1.24 -7.49 43.06
N SER A 286 -0.37 -8.08 43.89
CA SER A 286 0.79 -8.80 43.42
C SER A 286 0.95 -10.04 44.28
N ILE A 287 1.67 -11.03 43.74
CA ILE A 287 1.74 -12.35 44.35
C ILE A 287 3.09 -12.62 45.00
N LEU A 288 3.94 -11.60 45.13
CA LEU A 288 5.23 -11.80 45.78
C LEU A 288 5.07 -12.19 47.23
N ALA A 289 4.15 -11.53 47.94
CA ALA A 289 4.04 -11.73 49.38
C ALA A 289 3.55 -13.12 49.71
N GLU A 290 4.01 -13.63 50.85
CA GLU A 290 3.52 -14.86 51.45
C GLU A 290 3.43 -14.64 52.95
N PRO A 291 2.58 -15.40 53.65
CA PRO A 291 1.71 -16.49 53.16
C PRO A 291 0.60 -15.99 52.24
N GLU A 292 0.09 -16.88 51.40
CA GLU A 292 -0.69 -16.48 50.23
C GLU A 292 -1.88 -15.60 50.57
N GLU A 293 -2.47 -15.76 51.76
CA GLU A 293 -3.74 -15.09 52.03
C GLU A 293 -3.64 -13.58 51.90
N LEU A 294 -2.44 -13.03 52.01
CA LEU A 294 -2.29 -11.58 51.86
C LEU A 294 -2.73 -11.10 50.48
N ASN A 295 -2.61 -11.95 49.47
CA ASN A 295 -2.84 -11.55 48.09
C ASN A 295 -4.30 -11.64 47.67
N GLN A 296 -5.22 -11.96 48.59
CA GLN A 296 -6.61 -12.16 48.23
C GLN A 296 -7.30 -10.83 47.93
N THR A 297 -6.91 -10.25 46.79
CA THR A 297 -7.50 -9.02 46.28
C THR A 297 -7.83 -9.20 44.81
N GLU A 298 -8.92 -8.55 44.38
CA GLU A 298 -9.48 -8.84 43.06
C GLU A 298 -8.65 -8.24 41.93
N GLN A 299 -8.20 -7.00 42.08
CA GLN A 299 -7.65 -6.25 40.96
C GLN A 299 -6.17 -6.54 40.76
N THR A 300 -5.71 -6.36 39.52
CA THR A 300 -4.31 -6.50 39.16
C THR A 300 -3.70 -5.20 38.65
N THR A 301 -4.41 -4.08 38.79
CA THR A 301 -3.93 -2.79 38.33
C THR A 301 -3.73 -1.86 39.53
N TYR A 302 -2.58 -1.21 39.58
CA TYR A 302 -2.26 -0.30 40.66
C TYR A 302 -1.39 0.81 40.11
N GLU A 303 -1.62 2.03 40.59
CA GLU A 303 -0.92 3.19 40.06
C GLU A 303 0.54 3.25 40.50
N VAL A 304 0.86 2.73 41.69
CA VAL A 304 2.23 2.74 42.19
C VAL A 304 3.11 2.05 41.16
N GLU A 305 4.19 2.72 40.76
CA GLU A 305 4.97 2.25 39.63
C GLU A 305 6.14 1.40 40.08
N GLY A 306 6.37 0.29 39.37
CA GLY A 306 7.65 -0.38 39.40
C GLY A 306 7.83 -1.47 40.42
N ILE A 307 6.82 -1.79 41.22
CA ILE A 307 6.96 -2.86 42.21
C ILE A 307 5.77 -3.79 42.11
N GLY A 308 5.99 -5.04 42.52
CA GLY A 308 4.97 -6.07 42.41
C GLY A 308 4.92 -6.64 41.02
N TYR A 309 4.87 -7.97 40.92
CA TYR A 309 4.76 -8.64 39.64
C TYR A 309 3.79 -9.80 39.76
N ASP A 310 3.17 -10.15 38.64
CA ASP A 310 2.26 -11.29 38.58
C ASP A 310 2.99 -12.62 38.51
N PHE A 311 4.27 -12.65 38.88
CA PHE A 311 5.02 -13.89 39.01
C PHE A 311 6.07 -13.68 40.08
N ILE A 312 6.77 -14.76 40.42
CA ILE A 312 7.79 -14.73 41.47
C ILE A 312 9.16 -14.77 40.79
N PRO A 313 9.87 -13.66 40.69
CA PRO A 313 11.15 -13.69 39.96
C PRO A 313 12.14 -14.62 40.63
N THR A 314 12.98 -15.25 39.83
CA THR A 314 13.96 -16.17 40.40
C THR A 314 14.91 -15.45 41.34
N VAL A 315 15.36 -14.26 40.96
CA VAL A 315 16.36 -13.55 41.75
C VAL A 315 15.88 -13.34 43.18
N LEU A 316 14.58 -13.25 43.39
CA LEU A 316 14.02 -12.96 44.70
C LEU A 316 13.98 -14.25 45.52
N ASP A 317 14.68 -14.25 46.65
CA ASP A 317 14.65 -15.38 47.58
C ASP A 317 13.73 -15.00 48.74
N ARG A 318 12.67 -15.74 48.92
CA ARG A 318 11.71 -15.46 49.97
C ARG A 318 12.11 -16.09 51.30
N THR A 319 13.37 -16.53 51.44
CA THR A 319 13.84 -17.09 52.70
C THR A 319 14.49 -16.04 53.60
N VAL A 320 14.64 -14.81 53.12
CA VAL A 320 15.29 -13.77 53.90
C VAL A 320 14.28 -12.85 54.56
N VAL A 321 13.16 -12.58 53.91
CA VAL A 321 12.16 -11.66 54.43
C VAL A 321 11.55 -12.23 55.70
N ASP A 322 11.66 -11.47 56.80
CA ASP A 322 11.01 -11.89 58.03
C ASP A 322 9.52 -11.66 57.98
N LYS A 323 9.07 -10.60 57.31
CA LYS A 323 7.65 -10.30 57.26
C LYS A 323 7.34 -9.50 56.00
N TRP A 324 6.08 -9.56 55.57
CA TRP A 324 5.59 -8.83 54.42
C TRP A 324 4.42 -7.95 54.82
N PHE A 325 4.37 -6.75 54.24
CA PHE A 325 3.26 -5.84 54.42
C PHE A 325 2.78 -5.39 53.06
N LYS A 326 1.51 -5.63 52.76
CA LYS A 326 0.95 -5.14 51.52
C LYS A 326 0.69 -3.64 51.64
N SER A 327 0.82 -2.93 50.53
CA SER A 327 0.66 -1.49 50.50
C SER A 327 -0.32 -1.09 49.42
N ASN A 328 -1.30 -0.25 49.77
CA ASN A 328 -2.22 0.27 48.78
C ASN A 328 -1.53 1.34 47.95
N ASP A 329 -2.32 2.06 47.15
CA ASP A 329 -1.80 3.15 46.35
C ASP A 329 -2.00 4.50 47.02
N GLU A 330 -3.17 4.72 47.64
CA GLU A 330 -3.43 5.99 48.29
C GLU A 330 -2.38 6.30 49.35
N GLU A 331 -2.08 5.34 50.23
CA GLU A 331 -1.10 5.60 51.27
C GLU A 331 0.26 5.88 50.68
N ALA A 332 0.66 5.15 49.65
CA ALA A 332 1.95 5.41 49.03
C ALA A 332 2.04 6.83 48.53
N PHE A 333 1.06 7.26 47.75
CA PHE A 333 1.17 8.60 47.18
C PHE A 333 1.06 9.67 48.25
N THR A 334 0.18 9.48 49.24
CA THR A 334 0.06 10.47 50.31
C THR A 334 1.36 10.60 51.07
N PHE A 335 2.02 9.48 51.36
CA PHE A 335 3.28 9.56 52.09
C PHE A 335 4.37 10.17 51.23
N ALA A 336 4.34 9.93 49.92
CA ALA A 336 5.30 10.62 49.05
C ALA A 336 5.10 12.12 49.13
N ARG A 337 3.84 12.57 49.07
CA ARG A 337 3.55 13.99 49.17
C ARG A 337 4.03 14.54 50.51
N MET A 338 3.79 13.80 51.59
CA MET A 338 4.19 14.26 52.92
C MET A 338 5.70 14.34 53.04
N LEU A 339 6.42 13.35 52.52
CA LEU A 339 7.88 13.42 52.52
C LEU A 339 8.36 14.65 51.76
N ILE A 340 7.87 14.85 50.54
CA ILE A 340 8.31 16.01 49.77
C ILE A 340 8.05 17.28 50.56
N ALA A 341 6.87 17.39 51.17
CA ALA A 341 6.48 18.63 51.81
C ALA A 341 7.26 18.90 53.09
N GLN A 342 7.54 17.87 53.89
CA GLN A 342 8.01 18.07 55.25
C GLN A 342 9.37 17.48 55.56
N GLU A 343 10.10 16.98 54.56
CA GLU A 343 11.46 16.52 54.80
C GLU A 343 12.45 16.89 53.71
N GLY A 344 12.00 17.45 52.59
CA GLY A 344 12.91 17.87 51.55
C GLY A 344 13.42 16.76 50.66
N LEU A 345 12.94 15.53 50.81
CA LEU A 345 13.36 14.43 49.97
C LEU A 345 12.43 14.33 48.78
N LEU A 346 12.89 14.77 47.61
CA LEU A 346 12.10 14.67 46.39
C LEU A 346 12.09 13.23 45.91
N CYS A 347 11.25 12.42 46.57
CA CYS A 347 11.21 10.98 46.37
C CYS A 347 9.88 10.58 45.74
N GLY A 348 9.90 9.48 44.99
CA GLY A 348 8.75 9.06 44.21
C GLY A 348 7.79 8.18 44.99
N GLY A 349 6.84 7.62 44.25
CA GLY A 349 5.73 6.92 44.89
C GLY A 349 6.17 5.70 45.67
N SER A 350 7.02 4.86 45.08
CA SER A 350 7.44 3.66 45.78
C SER A 350 8.13 3.99 47.09
N ALA A 351 8.90 5.06 47.13
CA ALA A 351 9.46 5.51 48.40
C ALA A 351 8.36 5.85 49.38
N GLY A 352 7.29 6.48 48.90
CA GLY A 352 6.15 6.74 49.76
C GLY A 352 5.59 5.47 50.35
N SER A 353 5.44 4.44 49.53
CA SER A 353 4.93 3.15 50.03
C SER A 353 5.87 2.59 51.08
N THR A 354 7.17 2.65 50.84
CA THR A 354 8.13 2.12 51.79
C THR A 354 8.00 2.80 53.14
N VAL A 355 7.98 4.12 53.14
CA VAL A 355 7.87 4.85 54.41
C VAL A 355 6.53 4.56 55.07
N ALA A 356 5.46 4.42 54.27
CA ALA A 356 4.17 4.12 54.86
C ALA A 356 4.21 2.80 55.61
N VAL A 357 4.78 1.76 55.01
CA VAL A 357 4.90 0.50 55.73
C VAL A 357 5.77 0.69 56.96
N ALA A 358 6.86 1.43 56.83
CA ALA A 358 7.77 1.59 57.96
C ALA A 358 7.06 2.20 59.16
N VAL A 359 6.26 3.24 58.92
CA VAL A 359 5.57 3.90 60.03
C VAL A 359 4.80 2.90 60.88
N LYS A 360 4.32 1.81 60.28
CA LYS A 360 3.70 0.74 61.06
C LYS A 360 4.76 -0.17 61.68
N ALA A 361 5.66 -0.70 60.85
CA ALA A 361 6.57 -1.72 61.33
C ALA A 361 7.48 -1.20 62.44
N ALA A 362 7.94 0.03 62.34
CA ALA A 362 8.88 0.58 63.31
C ALA A 362 8.26 0.85 64.66
N GLN A 363 6.94 0.69 64.82
CA GLN A 363 6.31 0.98 66.10
C GLN A 363 6.90 0.15 67.23
N GLU A 364 7.46 -1.01 66.94
CA GLU A 364 8.02 -1.86 67.98
C GLU A 364 9.33 -1.30 68.54
N LEU A 365 9.99 -0.41 67.82
CA LEU A 365 11.32 0.04 68.22
C LEU A 365 11.22 1.13 69.28
N GLN A 366 12.34 1.36 69.96
CA GLN A 366 12.43 2.30 71.08
C GLN A 366 13.67 3.17 70.90
N GLU A 367 13.92 4.02 71.90
CA GLU A 367 15.09 4.88 71.87
C GLU A 367 16.36 4.05 71.82
N GLY A 368 17.35 4.54 71.08
CA GLY A 368 18.60 3.84 70.89
C GLY A 368 18.62 2.86 69.74
N GLN A 369 17.45 2.49 69.22
CA GLN A 369 17.38 1.60 68.09
C GLN A 369 17.41 2.40 66.79
N ARG A 370 17.76 1.73 65.70
CA ARG A 370 17.93 2.37 64.41
C ARG A 370 17.23 1.55 63.34
N CYS A 371 16.56 2.25 62.42
CA CYS A 371 15.83 1.64 61.33
C CYS A 371 16.31 2.23 60.02
N VAL A 372 16.12 1.48 58.93
CA VAL A 372 16.50 1.92 57.60
C VAL A 372 15.30 1.77 56.67
N VAL A 373 15.18 2.69 55.73
CA VAL A 373 14.19 2.60 54.66
C VAL A 373 14.86 3.01 53.36
N ILE A 374 14.59 2.26 52.31
CA ILE A 374 15.19 2.49 51.01
C ILE A 374 14.23 3.30 50.16
N LEU A 375 14.67 4.46 49.68
CA LEU A 375 13.89 5.25 48.76
C LEU A 375 14.46 5.03 47.37
N PRO A 376 13.78 4.32 46.48
CA PRO A 376 14.45 3.94 45.23
C PRO A 376 14.59 5.04 44.21
N ASP A 377 13.55 5.82 43.94
CA ASP A 377 13.56 6.66 42.75
C ASP A 377 13.33 8.12 43.09
N SER A 378 13.66 8.98 42.13
CA SER A 378 13.48 10.40 42.29
C SER A 378 12.04 10.81 42.01
N VAL A 379 11.76 12.11 42.21
CA VAL A 379 10.47 12.63 41.83
C VAL A 379 10.45 13.03 40.37
N ARG A 380 11.62 13.11 39.74
CA ARG A 380 11.68 13.63 38.37
C ARG A 380 10.75 12.87 37.45
N ASN A 381 10.67 11.55 37.61
CA ASN A 381 9.87 10.72 36.73
C ASN A 381 8.37 10.87 36.94
N TYR A 382 7.94 11.60 37.98
CA TYR A 382 6.52 11.67 38.32
C TYR A 382 5.96 13.08 38.28
N MET A 383 6.48 13.96 37.42
CA MET A 383 6.02 15.35 37.43
C MET A 383 4.52 15.42 37.16
N THR A 384 4.03 14.69 36.17
CA THR A 384 2.61 14.71 35.82
C THR A 384 1.76 13.89 36.79
N LYS A 385 2.33 12.89 37.42
CA LYS A 385 1.62 12.04 38.36
C LYS A 385 1.58 12.70 39.73
N PHE A 386 1.44 11.92 40.80
CA PHE A 386 0.99 12.43 42.10
C PHE A 386 1.49 13.82 42.42
N LEU A 387 2.65 14.22 41.91
CA LEU A 387 3.11 15.59 42.16
C LEU A 387 2.15 16.63 41.58
N SER A 388 1.29 16.25 40.64
CA SER A 388 0.33 17.16 40.04
C SER A 388 -1.02 17.00 40.73
N ASP A 389 -1.44 18.04 41.46
CA ASP A 389 -2.71 17.95 42.16
C ASP A 389 -3.85 17.63 41.21
N ARG A 390 -3.78 18.12 39.97
CA ARG A 390 -4.83 17.81 39.00
C ARG A 390 -4.96 16.30 38.83
N TRP A 391 -3.85 15.62 38.58
CA TRP A 391 -3.90 14.17 38.37
C TRP A 391 -4.39 13.46 39.62
N MET A 392 -3.92 13.88 40.79
CA MET A 392 -4.36 13.24 42.02
C MET A 392 -5.87 13.35 42.20
N LEU A 393 -6.41 14.55 41.99
CA LEU A 393 -7.85 14.74 42.12
C LEU A 393 -8.61 13.94 41.07
N GLN A 394 -8.10 13.92 39.83
CA GLN A 394 -8.80 13.20 38.77
C GLN A 394 -8.87 11.71 39.06
N LYS A 395 -7.78 11.13 39.56
CA LYS A 395 -7.77 9.70 39.84
C LYS A 395 -8.45 9.35 41.15
N GLY A 396 -8.95 10.34 41.89
CA GLY A 396 -9.79 10.07 43.04
C GLY A 396 -9.05 9.83 44.33
N PHE A 397 -7.72 9.89 44.33
CA PHE A 397 -6.98 9.72 45.58
C PHE A 397 -7.27 10.85 46.55
N LEU A 398 -7.33 12.08 46.05
CA LEU A 398 -7.69 13.22 46.87
C LEU A 398 -9.14 13.62 46.65
N LYS A 399 -9.59 14.58 47.43
CA LYS A 399 -10.95 15.10 47.33
C LYS A 399 -10.92 16.62 47.45
N GLU A 400 -12.04 17.25 47.04
CA GLU A 400 -12.14 18.70 47.08
C GLU A 400 -12.07 19.25 48.50
N GLU A 401 -12.45 18.45 49.50
CA GLU A 401 -12.24 18.86 50.89
C GLU A 401 -10.77 18.88 51.26
N ASP A 402 -9.93 18.21 50.46
CA ASP A 402 -8.48 18.22 50.68
C ASP A 402 -7.80 19.41 50.01
N LEU A 403 -8.55 20.28 49.33
CA LEU A 403 -7.97 21.42 48.63
C LEU A 403 -8.66 22.72 49.04
N THR A 404 -9.98 22.67 49.23
CA THR A 404 -10.74 23.87 49.57
C THR A 404 -10.60 24.28 51.02
N GLU A 405 -10.16 23.37 51.89
CA GLU A 405 -9.99 23.67 53.30
C GLU A 405 -9.02 24.84 53.49
N LEU B 43 11.43 55.09 49.14
CA LEU B 43 10.91 53.90 49.90
C LEU B 43 11.59 52.63 49.43
N TRP B 44 11.32 52.26 48.18
CA TRP B 44 11.93 51.06 47.60
C TRP B 44 13.41 51.28 47.31
N ILE B 45 14.19 50.24 47.53
CA ILE B 45 15.62 50.24 47.22
C ILE B 45 15.84 49.36 46.01
N ARG B 46 16.40 49.93 44.97
CA ARG B 46 16.52 49.19 43.72
C ARG B 46 17.68 48.20 43.77
N PRO B 47 17.56 47.08 43.05
CA PRO B 47 18.68 46.13 42.99
C PRO B 47 19.77 46.53 42.01
N ASP B 48 19.49 47.48 41.12
CA ASP B 48 20.42 47.84 40.05
C ASP B 48 21.39 48.93 40.47
N ALA B 49 21.37 49.34 41.73
CA ALA B 49 22.22 50.43 42.17
C ALA B 49 23.69 50.04 42.11
N PRO B 50 24.59 51.02 42.06
CA PRO B 50 26.02 50.70 42.16
C PRO B 50 26.33 50.00 43.49
N SER B 51 27.26 49.07 43.43
CA SER B 51 27.71 48.38 44.62
C SER B 51 28.71 49.24 45.39
N ARG B 52 28.77 49.05 46.70
CA ARG B 52 29.67 49.81 47.55
C ARG B 52 30.84 49.00 48.08
N CYS B 53 30.91 47.70 47.77
CA CYS B 53 32.01 46.89 48.27
C CYS B 53 33.34 47.45 47.78
N THR B 54 34.35 47.40 48.65
CA THR B 54 35.67 47.93 48.35
C THR B 54 36.64 46.82 47.97
N TRP B 55 36.14 45.64 47.62
CA TRP B 55 37.02 44.54 47.27
C TRP B 55 37.90 44.89 46.07
N GLN B 56 39.13 44.39 46.09
CA GLN B 56 40.00 44.49 44.93
C GLN B 56 41.07 43.42 45.05
N LEU B 57 41.57 42.99 43.89
CA LEU B 57 42.60 41.97 43.86
C LEU B 57 43.89 42.48 44.49
N GLY B 58 44.57 41.61 45.23
CA GLY B 58 45.78 41.96 45.91
C GLY B 58 45.63 42.29 47.38
N ARG B 59 44.40 42.44 47.87
CA ARG B 59 44.20 42.74 49.28
C ARG B 59 44.41 41.48 50.13
N PRO B 60 44.64 41.65 51.43
CA PRO B 60 44.59 40.50 52.33
C PRO B 60 43.15 40.21 52.76
N ALA B 61 42.76 38.94 52.74
CA ALA B 61 41.38 38.58 53.05
C ALA B 61 40.98 38.99 54.47
N SER B 62 41.95 39.21 55.35
CA SER B 62 41.62 39.54 56.73
C SER B 62 40.79 40.81 56.84
N GLU B 63 40.91 41.72 55.88
CA GLU B 63 40.12 42.95 55.91
C GLU B 63 38.63 42.70 55.65
N SER B 64 38.26 41.49 55.25
CA SER B 64 36.89 41.25 54.82
C SER B 64 35.92 41.57 55.96
N PRO B 65 34.82 42.27 55.70
CA PRO B 65 33.77 42.39 56.71
C PRO B 65 32.82 41.21 56.73
N HIS B 66 32.95 40.26 55.81
CA HIS B 66 32.01 39.16 55.70
C HIS B 66 32.55 37.92 56.40
N HIS B 67 31.65 37.19 57.04
CA HIS B 67 32.04 35.96 57.72
C HIS B 67 32.25 34.84 56.71
N HIS B 68 33.39 34.17 56.79
CA HIS B 68 33.76 33.12 55.86
C HIS B 68 33.74 31.77 56.55
N THR B 69 33.18 30.77 55.87
CA THR B 69 33.07 29.42 56.39
C THR B 69 34.05 28.52 55.64
N ALA B 70 34.89 27.82 56.39
CA ALA B 70 35.83 26.90 55.77
C ALA B 70 35.11 25.64 55.32
N PRO B 71 35.27 25.21 54.06
CA PRO B 71 34.67 23.95 53.65
C PRO B 71 35.23 22.77 54.44
N ALA B 72 34.39 21.76 54.62
CA ALA B 72 34.75 20.59 55.42
C ALA B 72 34.04 19.35 54.89
N LYS B 73 33.99 18.29 55.69
CA LYS B 73 33.33 17.05 55.30
C LYS B 73 32.17 16.76 56.25
N SER B 74 31.06 16.31 55.68
CA SER B 74 29.87 16.01 56.45
C SER B 74 30.03 14.68 57.18
N PRO B 75 29.33 14.48 58.29
CA PRO B 75 29.44 13.21 59.02
C PRO B 75 28.91 12.04 58.20
N LYS B 76 29.02 10.85 58.80
CA LYS B 76 28.64 9.64 58.07
C LYS B 76 27.17 9.65 57.70
N ILE B 77 26.29 10.09 58.61
CA ILE B 77 24.86 10.17 58.35
C ILE B 77 24.43 11.61 58.51
N LEU B 78 23.77 12.14 57.51
CA LEU B 78 23.49 13.58 57.46
C LEU B 78 22.40 13.93 58.45
N PRO B 79 22.60 14.93 59.31
CA PRO B 79 21.52 15.34 60.21
C PRO B 79 20.31 15.86 59.49
N ASP B 80 20.44 16.24 58.22
CA ASP B 80 19.30 16.69 57.44
C ASP B 80 19.69 16.72 55.97
N ILE B 81 18.69 16.98 55.12
CA ILE B 81 18.94 16.96 53.68
C ILE B 81 19.85 18.11 53.28
N LEU B 82 19.70 19.28 53.92
CA LEU B 82 20.47 20.45 53.49
C LEU B 82 21.97 20.19 53.48
N LYS B 83 22.47 19.36 54.39
CA LYS B 83 23.88 19.02 54.36
C LYS B 83 24.27 18.37 53.04
N LYS B 84 23.31 17.78 52.33
CA LYS B 84 23.57 17.20 51.02
C LYS B 84 23.63 18.29 49.98
N ILE B 85 24.51 19.27 50.17
CA ILE B 85 24.72 20.35 49.21
C ILE B 85 26.22 20.59 49.12
N GLY B 86 26.69 20.77 47.90
CA GLY B 86 28.11 20.86 47.67
C GLY B 86 28.73 19.50 47.43
N ASP B 87 30.04 19.49 47.30
CA ASP B 87 30.77 18.28 46.96
C ASP B 87 30.26 17.68 45.66
N THR B 88 29.81 18.55 44.76
CA THR B 88 29.27 18.10 43.50
C THR B 88 30.39 17.61 42.59
N PRO B 89 30.09 16.69 41.67
CA PRO B 89 31.14 16.01 40.94
C PRO B 89 31.54 16.75 39.67
N MET B 90 32.81 16.59 39.30
CA MET B 90 33.35 17.13 38.06
C MET B 90 33.52 15.99 37.06
N VAL B 91 32.84 16.07 35.93
CA VAL B 91 32.83 15.02 34.94
C VAL B 91 33.49 15.53 33.68
N ARG B 92 34.02 14.61 32.88
CA ARG B 92 34.70 14.98 31.64
C ARG B 92 33.75 14.90 30.47
N ILE B 93 33.81 15.90 29.59
CA ILE B 93 33.06 15.87 28.34
C ILE B 93 34.00 15.23 27.32
N ASN B 94 33.72 13.97 26.99
CA ASN B 94 34.66 13.20 26.19
C ASN B 94 34.36 13.27 24.69
N LYS B 95 33.09 13.39 24.31
CA LYS B 95 32.72 13.37 22.90
C LYS B 95 32.58 14.77 22.31
N ILE B 96 31.98 15.71 23.04
CA ILE B 96 31.78 17.05 22.50
C ILE B 96 33.11 17.73 22.27
N GLY B 97 34.03 17.64 23.24
CA GLY B 97 35.32 18.29 23.09
C GLY B 97 36.07 17.80 21.87
N LYS B 98 36.08 16.49 21.66
CA LYS B 98 36.75 15.95 20.48
C LYS B 98 35.94 16.21 19.22
N LYS B 99 34.62 16.27 19.34
CA LYS B 99 33.78 16.47 18.16
C LYS B 99 34.04 17.83 17.52
N PHE B 100 34.27 18.86 18.34
CA PHE B 100 34.51 20.21 17.86
C PHE B 100 35.97 20.60 17.85
N GLY B 101 36.87 19.64 18.05
CA GLY B 101 38.29 19.91 17.93
C GLY B 101 38.89 20.70 19.07
N LEU B 102 38.25 20.71 20.23
CA LEU B 102 38.84 21.37 21.39
C LEU B 102 40.06 20.59 21.85
N LYS B 103 41.23 21.19 21.70
CA LYS B 103 42.47 20.51 22.09
C LYS B 103 42.63 20.43 23.59
N CYS B 104 41.93 21.27 24.35
CA CYS B 104 42.01 21.24 25.80
C CYS B 104 40.96 20.30 26.37
N GLU B 105 41.29 19.68 27.50
CA GLU B 105 40.37 18.76 28.14
C GLU B 105 39.25 19.55 28.81
N LEU B 106 38.02 19.25 28.43
CA LEU B 106 36.85 20.01 28.89
C LEU B 106 36.22 19.26 30.05
N LEU B 107 36.06 19.94 31.18
CA LEU B 107 35.45 19.36 32.37
C LEU B 107 34.20 20.14 32.73
N ALA B 108 33.10 19.42 32.95
CA ALA B 108 31.84 20.05 33.31
C ALA B 108 31.59 19.83 34.78
N LYS B 109 31.48 20.93 35.52
CA LYS B 109 31.13 20.88 36.94
C LYS B 109 29.65 20.59 37.05
N CYS B 110 29.28 19.33 37.21
CA CYS B 110 27.88 18.91 37.28
C CYS B 110 27.27 19.48 38.55
N GLU B 111 26.55 20.59 38.41
CA GLU B 111 25.94 21.22 39.57
C GLU B 111 24.49 20.80 39.79
N PHE B 112 23.97 19.87 39.00
CA PHE B 112 22.59 19.45 39.18
C PHE B 112 22.43 18.33 40.20
N PHE B 113 23.46 18.03 40.99
CA PHE B 113 23.39 16.96 41.97
C PHE B 113 23.04 17.45 43.36
N ASN B 114 22.76 18.74 43.53
CA ASN B 114 22.32 19.23 44.82
C ASN B 114 20.96 18.65 45.17
N ALA B 115 20.48 18.98 46.37
CA ALA B 115 19.18 18.49 46.80
C ALA B 115 18.08 18.98 45.87
N GLY B 116 18.10 20.27 45.54
CA GLY B 116 17.10 20.87 44.68
C GLY B 116 17.33 20.68 43.21
N GLY B 117 18.41 20.01 42.82
CA GLY B 117 18.71 19.82 41.41
C GLY B 117 19.07 21.08 40.67
N SER B 118 19.85 21.96 41.27
CA SER B 118 20.18 23.23 40.62
C SER B 118 21.45 23.81 41.22
N VAL B 119 22.07 24.72 40.49
CA VAL B 119 23.23 25.42 41.02
C VAL B 119 22.83 26.26 42.20
N LYS B 120 21.54 26.55 42.34
CA LYS B 120 21.04 27.18 43.55
C LYS B 120 21.15 26.16 44.67
N ASP B 121 20.57 26.47 45.82
CA ASP B 121 20.70 25.64 47.01
C ASP B 121 22.08 25.83 47.64
N ARG B 122 22.96 26.55 46.94
CA ARG B 122 24.15 27.08 47.59
C ARG B 122 23.84 28.47 48.13
N ILE B 123 23.38 29.35 47.26
CA ILE B 123 23.03 30.70 47.69
C ILE B 123 21.86 30.65 48.66
N SER B 124 20.90 29.76 48.45
CA SER B 124 19.76 29.69 49.36
C SER B 124 20.20 29.31 50.76
N LEU B 125 20.96 28.21 50.87
CA LEU B 125 21.41 27.77 52.18
C LEU B 125 22.27 28.84 52.83
N ARG B 126 23.18 29.43 52.06
CA ARG B 126 24.09 30.43 52.64
C ARG B 126 23.32 31.66 53.10
N MET B 127 22.31 32.08 52.34
CA MET B 127 21.53 33.25 52.73
C MET B 127 20.72 32.98 53.99
N ILE B 128 20.11 31.80 54.10
CA ILE B 128 19.37 31.49 55.32
C ILE B 128 20.33 31.42 56.50
N GLU B 129 21.49 30.79 56.32
CA GLU B 129 22.45 30.67 57.40
C GLU B 129 22.93 32.04 57.85
N ASP B 130 23.20 32.94 56.91
CA ASP B 130 23.63 34.29 57.27
C ASP B 130 22.51 35.05 57.96
N ALA B 131 21.27 34.86 57.51
CA ALA B 131 20.16 35.52 58.18
C ALA B 131 20.05 35.08 59.63
N GLU B 132 20.21 33.78 59.91
CA GLU B 132 20.21 33.33 61.29
C GLU B 132 21.43 33.85 62.05
N ARG B 133 22.59 33.92 61.39
CA ARG B 133 23.79 34.41 62.05
C ARG B 133 23.62 35.86 62.48
N ASP B 134 23.03 36.69 61.62
CA ASP B 134 22.74 38.07 61.97
C ASP B 134 21.65 38.17 63.03
N GLY B 135 20.90 37.10 63.27
CA GLY B 135 19.72 37.17 64.11
C GLY B 135 18.53 37.81 63.45
N THR B 136 18.64 38.21 62.19
CA THR B 136 17.54 38.86 61.49
C THR B 136 16.34 37.92 61.38
N LEU B 137 16.59 36.65 61.05
CA LEU B 137 15.54 35.68 60.83
C LEU B 137 15.29 34.90 62.12
N LYS B 138 14.17 35.17 62.75
CA LYS B 138 13.78 34.45 63.96
C LYS B 138 13.10 33.15 63.58
N PRO B 139 13.03 32.19 64.51
CA PRO B 139 12.30 30.96 64.21
C PRO B 139 10.86 31.25 63.83
N GLY B 140 10.36 30.49 62.85
CA GLY B 140 8.99 30.66 62.42
C GLY B 140 8.72 31.89 61.58
N ASP B 141 9.77 32.60 61.16
CA ASP B 141 9.57 33.80 60.37
C ASP B 141 9.01 33.44 58.99
N THR B 142 8.64 34.47 58.25
CA THR B 142 8.14 34.33 56.89
C THR B 142 9.12 34.98 55.92
N ILE B 143 9.36 34.33 54.80
CA ILE B 143 10.31 34.80 53.80
C ILE B 143 9.55 35.08 52.51
N ILE B 144 9.91 36.18 51.84
CA ILE B 144 9.33 36.56 50.56
C ILE B 144 10.46 36.61 49.54
N GLU B 145 10.20 36.09 48.34
CA GLU B 145 11.21 36.19 47.31
C GLU B 145 10.57 36.14 45.92
N PRO B 146 10.73 37.20 45.11
CA PRO B 146 10.45 37.08 43.68
C PRO B 146 11.71 36.63 42.95
N THR B 147 11.57 35.68 42.05
CA THR B 147 12.75 35.09 41.44
C THR B 147 12.40 34.42 40.12
N SER B 148 13.44 33.93 39.44
CA SER B 148 13.31 33.28 38.15
C SER B 148 12.99 31.80 38.26
N GLY B 149 12.82 31.28 39.47
CA GLY B 149 12.31 29.95 39.70
C GLY B 149 13.27 29.03 40.42
N ASN B 150 14.55 29.05 40.05
CA ASN B 150 15.50 28.17 40.70
C ASN B 150 15.75 28.60 42.13
N THR B 151 16.03 29.89 42.33
CA THR B 151 16.18 30.39 43.70
C THR B 151 14.92 30.15 44.50
N GLY B 152 13.77 30.23 43.86
CA GLY B 152 12.53 29.95 44.57
C GLY B 152 12.49 28.53 45.11
N ILE B 153 12.83 27.56 44.26
CA ILE B 153 12.82 26.18 44.70
C ILE B 153 13.87 25.97 45.80
N GLY B 154 15.04 26.56 45.64
CA GLY B 154 16.06 26.41 46.67
C GLY B 154 15.61 26.95 48.01
N LEU B 155 15.06 28.16 48.01
CA LEU B 155 14.61 28.76 49.26
C LEU B 155 13.45 27.97 49.86
N ALA B 156 12.53 27.49 49.01
CA ALA B 156 11.43 26.69 49.55
C ALA B 156 11.96 25.43 50.20
N LEU B 157 12.93 24.77 49.56
CA LEU B 157 13.50 23.55 50.12
C LEU B 157 14.15 23.83 51.47
N ALA B 158 14.90 24.93 51.56
CA ALA B 158 15.50 25.27 52.86
C ALA B 158 14.44 25.59 53.89
N ALA B 159 13.44 26.38 53.51
CA ALA B 159 12.47 26.88 54.48
C ALA B 159 11.60 25.75 55.02
N ALA B 160 10.86 25.06 54.14
CA ALA B 160 9.97 24.02 54.61
C ALA B 160 10.71 22.98 55.42
N VAL B 161 11.99 22.74 55.11
CA VAL B 161 12.79 21.85 55.92
C VAL B 161 13.00 22.44 57.31
N ARG B 162 13.38 23.73 57.38
CA ARG B 162 13.68 24.35 58.66
C ARG B 162 12.46 25.00 59.31
N GLY B 163 11.34 25.07 58.61
CA GLY B 163 10.11 25.54 59.21
C GLY B 163 9.72 26.97 58.91
N TYR B 164 10.45 27.68 58.06
CA TYR B 164 10.10 29.05 57.75
C TYR B 164 9.01 29.09 56.69
N ARG B 165 7.98 29.89 56.92
CA ARG B 165 6.95 30.08 55.91
C ARG B 165 7.54 30.79 54.71
N CYS B 166 7.27 30.26 53.52
CA CYS B 166 7.84 30.77 52.28
C CYS B 166 6.74 31.13 51.32
N ILE B 167 6.85 32.31 50.72
CA ILE B 167 5.91 32.80 49.70
C ILE B 167 6.73 33.30 48.52
N ILE B 168 6.43 32.78 47.34
CA ILE B 168 7.15 33.13 46.12
C ILE B 168 6.18 33.79 45.15
N VAL B 169 6.51 35.00 44.74
CA VAL B 169 5.69 35.78 43.81
C VAL B 169 6.24 35.58 42.42
N MET B 170 5.38 35.21 41.48
CA MET B 170 5.80 34.81 40.15
C MET B 170 4.86 35.36 39.09
N PRO B 171 5.34 35.56 37.87
CA PRO B 171 4.43 35.88 36.76
C PRO B 171 3.65 34.64 36.31
N GLU B 172 3.03 34.73 35.14
CA GLU B 172 2.31 33.58 34.59
C GLU B 172 3.22 32.68 33.79
N LYS B 173 4.20 33.24 33.08
CA LYS B 173 4.97 32.50 32.08
C LYS B 173 5.95 31.52 32.69
N MET B 174 6.14 31.50 34.00
CA MET B 174 7.09 30.59 34.62
C MET B 174 6.64 29.14 34.41
N SER B 175 7.62 28.25 34.28
CA SER B 175 7.35 26.88 33.86
C SER B 175 6.43 26.17 34.86
N SER B 176 5.55 25.33 34.33
CA SER B 176 4.58 24.64 35.17
C SER B 176 5.24 23.61 36.07
N GLU B 177 6.36 23.04 35.65
CA GLU B 177 7.06 22.08 36.51
C GLU B 177 7.51 22.76 37.79
N LYS B 178 8.05 23.97 37.68
CA LYS B 178 8.48 24.71 38.87
C LYS B 178 7.28 25.02 39.76
N VAL B 179 6.17 25.43 39.17
CA VAL B 179 4.99 25.72 39.97
C VAL B 179 4.54 24.49 40.73
N ASP B 180 4.50 23.35 40.05
CA ASP B 180 4.06 22.12 40.69
C ASP B 180 4.99 21.70 41.81
N VAL B 181 6.30 21.74 41.56
CA VAL B 181 7.26 21.36 42.59
C VAL B 181 7.16 22.28 43.79
N LEU B 182 7.02 23.59 43.53
CA LEU B 182 6.89 24.53 44.64
C LEU B 182 5.62 24.26 45.43
N ARG B 183 4.50 24.01 44.75
CA ARG B 183 3.25 23.75 45.45
C ARG B 183 3.36 22.50 46.31
N ALA B 184 3.97 21.44 45.78
CA ALA B 184 4.17 20.24 46.58
C ALA B 184 5.11 20.50 47.75
N LEU B 185 6.11 21.36 47.55
CA LEU B 185 7.03 21.68 48.64
C LEU B 185 6.37 22.47 49.76
N GLY B 186 5.16 22.99 49.55
CA GLY B 186 4.50 23.74 50.58
C GLY B 186 4.82 25.21 50.59
N ALA B 187 5.35 25.74 49.49
CA ALA B 187 5.61 27.17 49.38
C ALA B 187 4.48 27.86 48.63
N GLU B 188 3.91 28.88 49.27
CA GLU B 188 2.81 29.61 48.67
C GLU B 188 3.28 30.38 47.45
N ILE B 189 2.38 30.53 46.48
CA ILE B 189 2.69 31.18 45.20
C ILE B 189 1.59 32.18 44.88
N VAL B 190 1.99 33.36 44.42
CA VAL B 190 1.05 34.42 44.03
C VAL B 190 1.39 34.81 42.60
N ARG B 191 0.36 34.89 41.75
CA ARG B 191 0.54 35.27 40.36
C ARG B 191 0.26 36.76 40.17
N THR B 192 0.92 37.34 39.17
CA THR B 192 0.94 38.78 39.00
C THR B 192 0.97 39.08 37.51
N PRO B 193 0.88 40.37 37.14
CA PRO B 193 1.04 40.72 35.72
C PRO B 193 2.43 40.37 35.21
N THR B 194 2.50 40.03 33.92
CA THR B 194 3.73 39.51 33.33
C THR B 194 4.53 40.54 32.57
N ASN B 195 3.87 41.53 31.96
CA ASN B 195 4.54 42.43 31.03
C ASN B 195 5.10 43.68 31.69
N ALA B 196 5.01 43.80 33.01
CA ALA B 196 5.51 44.98 33.70
C ALA B 196 7.02 44.92 33.86
N ARG B 197 7.71 46.02 33.56
CA ARG B 197 9.14 46.08 33.76
C ARG B 197 9.46 46.09 35.24
N PHE B 198 10.66 45.61 35.59
CA PHE B 198 10.99 45.37 36.99
C PHE B 198 10.79 46.62 37.84
N ASP B 199 11.26 47.77 37.37
CA ASP B 199 11.16 48.99 38.16
C ASP B 199 9.73 49.43 38.39
N SER B 200 8.84 49.17 37.45
CA SER B 200 7.45 49.54 37.61
C SER B 200 6.90 48.87 38.85
N PRO B 201 6.26 49.60 39.77
CA PRO B 201 5.84 48.97 41.04
C PRO B 201 4.94 47.77 40.85
N GLU B 202 4.15 47.72 39.79
CA GLU B 202 3.23 46.62 39.55
C GLU B 202 3.95 45.29 39.29
N SER B 203 5.23 45.32 38.96
CA SER B 203 5.94 44.11 38.57
C SER B 203 6.15 43.20 39.78
N HIS B 204 6.66 42.00 39.50
CA HIS B 204 6.78 41.00 40.54
C HIS B 204 7.67 41.47 41.69
N VAL B 205 8.80 42.10 41.37
CA VAL B 205 9.66 42.60 42.44
C VAL B 205 8.91 43.64 43.26
N GLY B 206 8.13 44.52 42.60
CA GLY B 206 7.36 45.50 43.33
C GLY B 206 6.27 44.87 44.18
N VAL B 207 5.62 43.83 43.65
CA VAL B 207 4.61 43.12 44.44
C VAL B 207 5.24 42.52 45.68
N ALA B 208 6.40 41.90 45.52
CA ALA B 208 7.09 41.31 46.66
C ALA B 208 7.49 42.39 47.66
N TRP B 209 7.93 43.53 47.16
CA TRP B 209 8.31 44.62 48.06
C TRP B 209 7.12 45.12 48.87
N ARG B 210 5.99 45.34 48.20
CA ARG B 210 4.81 45.79 48.93
C ARG B 210 4.33 44.75 49.93
N LEU B 211 4.44 43.46 49.57
CA LEU B 211 4.10 42.42 50.53
C LEU B 211 5.05 42.45 51.72
N LYS B 212 6.34 42.69 51.47
CA LYS B 212 7.29 42.83 52.55
C LYS B 212 6.95 44.00 53.45
N ASN B 213 6.43 45.08 52.86
CA ASN B 213 5.92 46.19 53.66
C ASN B 213 4.65 45.82 54.40
N GLU B 214 3.92 44.81 53.89
CA GLU B 214 2.62 44.48 54.46
C GLU B 214 2.73 43.46 55.59
N ILE B 215 3.25 42.27 55.31
CA ILE B 215 3.23 41.18 56.29
C ILE B 215 4.20 41.51 57.41
N PRO B 216 3.84 41.30 58.67
CA PRO B 216 4.78 41.54 59.77
C PRO B 216 5.78 40.42 59.91
N ASN B 217 6.94 40.78 60.48
CA ASN B 217 7.96 39.81 60.84
C ASN B 217 8.40 38.99 59.63
N SER B 218 8.51 39.64 58.49
CA SER B 218 8.89 38.99 57.25
C SER B 218 10.05 39.75 56.61
N HIS B 219 10.87 39.02 55.85
CA HIS B 219 12.04 39.59 55.20
C HIS B 219 12.07 39.21 53.74
N ILE B 220 12.71 40.04 52.95
CA ILE B 220 13.11 39.69 51.59
C ILE B 220 14.61 39.48 51.60
N LEU B 221 15.05 38.33 51.10
CA LEU B 221 16.47 38.01 51.08
C LEU B 221 17.21 38.71 49.96
N ASP B 222 16.52 39.08 48.88
CA ASP B 222 17.10 39.99 47.89
C ASP B 222 18.40 39.43 47.32
N GLN B 223 18.31 38.31 46.60
CA GLN B 223 19.50 37.70 46.01
C GLN B 223 20.25 38.65 45.11
N TYR B 224 19.58 39.64 44.54
CA TYR B 224 20.24 40.56 43.63
C TYR B 224 21.26 41.43 44.34
N ARG B 225 20.98 41.82 45.58
CA ARG B 225 21.80 42.74 46.35
C ARG B 225 22.49 42.09 47.52
N ASN B 226 21.90 41.05 48.11
CA ASN B 226 22.45 40.45 49.30
C ASN B 226 23.85 39.91 49.03
N ALA B 227 24.83 40.39 49.79
CA ALA B 227 26.20 39.95 49.61
C ALA B 227 26.35 38.46 49.88
N SER B 228 25.40 37.85 50.57
CA SER B 228 25.47 36.41 50.80
C SER B 228 25.51 35.65 49.49
N ASN B 229 24.92 36.19 48.44
CA ASN B 229 24.79 35.46 47.18
C ASN B 229 26.17 35.12 46.64
N PRO B 230 26.97 36.08 46.17
CA PRO B 230 28.28 35.71 45.65
C PRO B 230 29.18 35.10 46.71
N LEU B 231 28.94 35.43 47.99
CA LEU B 231 29.75 34.86 49.05
C LEU B 231 29.63 33.36 49.10
N ALA B 232 28.42 32.82 48.92
CA ALA B 232 28.25 31.39 48.98
C ALA B 232 29.19 30.71 47.99
N HIS B 233 29.18 31.15 46.74
CA HIS B 233 30.07 30.56 45.74
C HIS B 233 31.53 30.83 46.11
N TYR B 234 31.86 32.07 46.47
CA TYR B 234 33.25 32.41 46.74
C TYR B 234 33.83 31.54 47.84
N ASP B 235 33.00 31.14 48.81
CA ASP B 235 33.49 30.30 49.88
C ASP B 235 33.54 28.84 49.45
N THR B 236 32.41 28.28 49.03
CA THR B 236 32.33 26.84 48.78
C THR B 236 32.72 26.49 47.34
N THR B 237 31.98 27.02 46.36
CA THR B 237 32.15 26.53 44.99
C THR B 237 33.57 26.72 44.50
N ALA B 238 34.13 27.91 44.67
CA ALA B 238 35.45 28.18 44.14
C ALA B 238 36.49 27.25 44.73
N ASP B 239 36.44 27.06 46.05
CA ASP B 239 37.36 26.13 46.68
C ASP B 239 37.20 24.74 46.08
N GLU B 240 35.96 24.30 45.86
CA GLU B 240 35.75 22.98 45.28
C GLU B 240 36.39 22.89 43.91
N ILE B 241 36.15 23.87 43.05
CA ILE B 241 36.69 23.80 41.69
C ILE B 241 38.21 23.79 41.72
N LEU B 242 38.81 24.74 42.42
CA LEU B 242 40.26 24.83 42.38
C LEU B 242 40.93 23.64 43.05
N GLN B 243 40.28 23.06 44.06
CA GLN B 243 40.83 21.88 44.72
C GLN B 243 40.72 20.66 43.84
N GLN B 244 39.56 20.43 43.23
CA GLN B 244 39.38 19.25 42.39
C GLN B 244 40.25 19.33 41.14
N CYS B 245 40.37 20.51 40.55
CA CYS B 245 41.29 20.69 39.43
C CYS B 245 42.71 20.95 39.89
N ASP B 246 42.96 20.92 41.20
CA ASP B 246 44.30 21.09 41.74
C ASP B 246 44.79 22.53 41.55
N GLY B 247 43.86 23.41 41.20
CA GLY B 247 44.17 24.83 41.08
C GLY B 247 44.75 25.24 39.74
N LYS B 248 45.01 24.28 38.86
CA LYS B 248 45.67 24.56 37.58
C LYS B 248 44.69 24.66 36.42
N LEU B 249 43.47 25.14 36.65
CA LEU B 249 42.50 25.27 35.59
C LEU B 249 42.84 26.46 34.69
N ASP B 250 42.62 26.29 33.38
CA ASP B 250 42.98 27.33 32.43
C ASP B 250 41.93 28.42 32.35
N MET B 251 40.67 28.08 32.10
CA MET B 251 39.63 29.09 32.02
C MET B 251 38.33 28.52 32.58
N LEU B 252 37.50 29.42 33.09
CA LEU B 252 36.21 29.07 33.65
C LEU B 252 35.13 29.75 32.82
N VAL B 253 34.25 28.97 32.22
CA VAL B 253 33.08 29.48 31.53
C VAL B 253 31.89 29.32 32.46
N ALA B 254 31.01 30.30 32.48
CA ALA B 254 29.84 30.20 33.33
C ALA B 254 28.83 31.26 32.92
N SER B 255 27.56 30.86 32.92
CA SER B 255 26.51 31.80 32.57
C SER B 255 26.52 32.98 33.54
N VAL B 256 26.32 34.18 32.99
CA VAL B 256 26.25 35.37 33.84
C VAL B 256 25.09 35.26 34.80
N GLY B 257 23.98 34.70 34.37
CA GLY B 257 22.84 34.55 35.26
C GLY B 257 22.43 35.90 35.80
N THR B 258 22.15 35.94 37.10
CA THR B 258 21.84 37.17 37.79
C THR B 258 22.71 37.31 39.03
N GLY B 259 23.10 36.17 39.61
CA GLY B 259 23.86 36.21 40.82
C GLY B 259 25.35 36.35 40.55
N GLY B 260 26.16 35.88 41.49
CA GLY B 260 27.59 35.96 41.39
C GLY B 260 28.29 34.68 41.02
N THR B 261 27.58 33.72 40.42
CA THR B 261 28.21 32.47 40.02
C THR B 261 29.38 32.70 39.10
N ILE B 262 29.55 33.92 38.60
CA ILE B 262 30.77 34.33 37.90
C ILE B 262 31.60 35.27 38.75
N THR B 263 30.96 36.22 39.44
CA THR B 263 31.70 37.21 40.21
C THR B 263 32.51 36.56 41.33
N GLY B 264 31.84 35.91 42.27
CA GLY B 264 32.54 35.35 43.40
C GLY B 264 33.55 34.30 42.99
N ILE B 265 33.17 33.45 42.04
CA ILE B 265 34.08 32.40 41.61
C ILE B 265 35.33 33.01 40.98
N ALA B 266 35.16 34.05 40.15
CA ALA B 266 36.30 34.68 39.52
C ALA B 266 37.18 35.38 40.56
N ARG B 267 36.55 36.02 41.55
CA ARG B 267 37.32 36.68 42.58
C ARG B 267 38.22 35.68 43.30
N LYS B 268 37.64 34.56 43.74
CA LYS B 268 38.45 33.57 44.44
C LYS B 268 39.51 32.98 43.52
N LEU B 269 39.17 32.73 42.26
CA LEU B 269 40.15 32.16 41.35
C LEU B 269 41.32 33.11 41.14
N LYS B 270 41.04 34.40 40.95
CA LYS B 270 42.11 35.36 40.76
C LYS B 270 42.96 35.49 42.01
N GLU B 271 42.34 35.52 43.19
CA GLU B 271 43.12 35.64 44.41
C GLU B 271 43.96 34.41 44.66
N LYS B 272 43.49 33.25 44.19
CA LYS B 272 44.23 32.00 44.33
C LYS B 272 45.01 31.63 43.07
N CYS B 273 44.55 32.09 41.91
CA CYS B 273 45.15 31.71 40.64
C CYS B 273 44.95 32.83 39.61
N PRO B 274 45.92 33.74 39.45
CA PRO B 274 45.73 34.85 38.52
C PRO B 274 45.71 34.45 37.06
N GLY B 275 46.23 33.27 36.71
CA GLY B 275 46.36 32.90 35.32
C GLY B 275 45.08 32.46 34.65
N CYS B 276 43.99 32.32 35.38
CA CYS B 276 42.75 31.79 34.80
C CYS B 276 42.03 32.86 34.01
N ARG B 277 41.46 32.46 32.87
CA ARG B 277 40.57 33.34 32.13
C ARG B 277 39.13 33.01 32.45
N ILE B 278 38.32 34.02 32.73
CA ILE B 278 36.92 33.85 33.07
C ILE B 278 36.09 34.32 31.88
N ILE B 279 35.23 33.44 31.40
CA ILE B 279 34.37 33.72 30.26
C ILE B 279 32.94 33.73 30.74
N GLY B 280 32.23 34.81 30.49
CA GLY B 280 30.82 34.92 30.87
C GLY B 280 29.94 34.73 29.64
N VAL B 281 28.83 34.04 29.83
CA VAL B 281 27.83 33.85 28.78
C VAL B 281 26.62 34.68 29.15
N ASP B 282 25.96 35.24 28.14
CA ASP B 282 24.85 36.14 28.37
C ASP B 282 23.89 35.98 27.20
N PRO B 283 22.62 35.64 27.44
CA PRO B 283 21.71 35.41 26.31
C PRO B 283 21.52 36.65 25.47
N GLU B 284 21.23 36.45 24.19
CA GLU B 284 20.81 37.55 23.34
C GLU B 284 19.47 38.09 23.84
N GLY B 285 19.40 39.41 23.99
CA GLY B 285 18.23 40.07 24.54
C GLY B 285 18.45 40.70 25.90
N SER B 286 19.28 40.08 26.74
CA SER B 286 19.71 40.73 27.97
C SER B 286 20.75 41.79 27.65
N ILE B 287 21.06 42.61 28.65
CA ILE B 287 21.95 43.75 28.44
C ILE B 287 23.04 43.79 29.50
N LEU B 288 23.36 42.64 30.10
CA LEU B 288 24.46 42.59 31.05
C LEU B 288 25.81 42.72 30.36
N ALA B 289 25.99 42.04 29.24
CA ALA B 289 27.29 41.95 28.58
C ALA B 289 27.81 43.34 28.25
N GLU B 290 29.10 43.54 28.46
CA GLU B 290 29.77 44.79 28.13
C GLU B 290 30.90 44.52 27.15
N PRO B 291 31.23 45.50 26.31
CA PRO B 291 30.61 46.83 26.18
C PRO B 291 29.26 46.72 25.49
N GLU B 292 28.55 47.83 25.33
CA GLU B 292 27.17 47.77 24.85
C GLU B 292 27.09 47.16 23.45
N GLU B 293 28.02 47.54 22.56
CA GLU B 293 27.90 47.18 21.15
C GLU B 293 27.74 45.68 20.92
N LEU B 294 28.09 44.84 21.89
CA LEU B 294 27.80 43.42 21.78
C LEU B 294 26.31 43.14 21.87
N ASN B 295 25.53 44.10 22.37
CA ASN B 295 24.12 43.88 22.64
C ASN B 295 23.21 44.35 21.52
N GLN B 296 23.64 44.24 20.27
CA GLN B 296 22.85 44.70 19.13
C GLN B 296 21.84 43.62 18.75
N THR B 297 20.65 43.73 19.35
CA THR B 297 19.52 42.87 19.01
C THR B 297 18.24 43.64 19.28
N GLU B 298 17.14 43.14 18.70
CA GLU B 298 15.89 43.87 18.74
C GLU B 298 14.94 43.35 19.82
N GLN B 299 14.73 42.04 19.88
CA GLN B 299 13.76 41.48 20.82
C GLN B 299 14.24 41.65 22.25
N THR B 300 13.28 41.63 23.17
CA THR B 300 13.55 41.79 24.59
C THR B 300 13.23 40.54 25.40
N THR B 301 13.00 39.41 24.72
CA THR B 301 12.67 38.17 25.41
C THR B 301 13.41 37.01 24.75
N TYR B 302 13.65 35.96 25.53
CA TYR B 302 14.22 34.74 25.00
C TYR B 302 13.68 33.57 25.80
N GLU B 303 13.73 32.39 25.17
CA GLU B 303 13.05 31.22 25.72
C GLU B 303 13.79 30.65 26.93
N VAL B 304 15.12 30.60 26.88
CA VAL B 304 15.87 30.00 27.99
C VAL B 304 15.64 30.79 29.25
N GLU B 305 15.58 30.09 30.39
CA GLU B 305 15.24 30.69 31.66
C GLU B 305 16.51 31.05 32.44
N GLY B 306 16.31 31.76 33.54
CA GLY B 306 17.42 32.05 34.44
C GLY B 306 18.41 33.09 33.99
N ILE B 307 19.10 32.83 32.88
CA ILE B 307 20.27 33.62 32.52
C ILE B 307 19.86 34.93 31.86
N GLY B 308 20.65 35.97 32.12
CA GLY B 308 20.45 37.26 31.49
C GLY B 308 19.39 38.10 32.16
N TYR B 309 19.59 39.42 32.18
CA TYR B 309 18.60 40.35 32.74
C TYR B 309 18.76 41.70 32.06
N ASP B 310 17.72 42.53 32.17
CA ASP B 310 17.68 43.82 31.51
C ASP B 310 18.27 44.94 32.35
N PHE B 311 18.86 44.61 33.49
CA PHE B 311 19.46 45.58 34.38
C PHE B 311 20.72 45.00 34.96
N ILE B 312 21.64 45.87 35.37
CA ILE B 312 22.89 45.43 35.98
C ILE B 312 22.64 45.26 37.48
N PRO B 313 22.75 44.07 38.04
CA PRO B 313 22.53 43.91 39.49
C PRO B 313 23.75 44.32 40.29
N THR B 314 23.49 44.71 41.55
CA THR B 314 24.56 45.17 42.42
C THR B 314 25.58 44.07 42.69
N VAL B 315 25.11 42.85 42.94
CA VAL B 315 26.03 41.77 43.22
C VAL B 315 26.92 41.51 42.02
N LEU B 316 26.39 41.65 40.81
CA LEU B 316 27.10 41.24 39.61
C LEU B 316 28.22 42.23 39.33
N ASP B 317 29.36 41.99 39.97
CA ASP B 317 30.55 42.80 39.70
C ASP B 317 31.06 42.47 38.32
N ARG B 318 30.90 43.40 37.39
CA ARG B 318 31.30 43.16 36.00
C ARG B 318 32.77 43.48 35.73
N THR B 319 33.50 43.99 36.72
CA THR B 319 34.89 44.37 36.47
C THR B 319 35.85 43.20 36.53
N VAL B 320 35.41 42.04 37.02
CA VAL B 320 36.32 40.92 37.24
C VAL B 320 36.37 39.93 36.09
N VAL B 321 35.46 40.02 35.15
CA VAL B 321 35.42 39.08 34.03
C VAL B 321 36.42 39.50 32.97
N ASP B 322 36.85 38.54 32.14
CA ASP B 322 37.78 38.85 31.06
C ASP B 322 37.05 39.16 29.77
N LYS B 323 35.99 38.41 29.45
CA LYS B 323 35.32 38.61 28.18
C LYS B 323 33.88 38.13 28.32
N TRP B 324 33.05 38.54 27.36
CA TRP B 324 31.67 38.11 27.27
C TRP B 324 31.38 37.52 25.90
N PHE B 325 30.31 36.76 25.81
CA PHE B 325 29.85 36.18 24.56
C PHE B 325 28.33 36.14 24.58
N LYS B 326 27.72 36.61 23.50
CA LYS B 326 26.28 36.53 23.39
C LYS B 326 25.89 35.18 22.82
N SER B 327 24.71 34.71 23.21
CA SER B 327 24.20 33.43 22.74
C SER B 327 22.68 33.47 22.72
N ASN B 328 22.09 32.73 21.79
CA ASN B 328 20.65 32.73 21.58
C ASN B 328 20.04 31.44 22.11
N ASP B 329 18.72 31.27 21.89
CA ASP B 329 18.05 30.07 22.36
C ASP B 329 18.35 28.87 21.49
N GLU B 330 18.40 29.05 20.17
CA GLU B 330 18.52 27.92 19.27
C GLU B 330 19.77 27.11 19.57
N GLU B 331 20.92 27.77 19.64
CA GLU B 331 22.15 27.06 19.94
C GLU B 331 22.10 26.45 21.33
N ALA B 332 21.51 27.17 22.29
CA ALA B 332 21.42 26.64 23.64
C ALA B 332 20.71 25.30 23.66
N PHE B 333 19.52 25.21 23.06
CA PHE B 333 18.77 23.97 23.11
C PHE B 333 19.35 22.90 22.22
N THR B 334 19.90 23.25 21.05
CA THR B 334 20.58 22.25 20.24
C THR B 334 21.72 21.61 21.02
N PHE B 335 22.52 22.42 21.69
CA PHE B 335 23.62 21.87 22.47
C PHE B 335 23.10 21.11 23.69
N ALA B 336 21.98 21.55 24.27
CA ALA B 336 21.43 20.80 25.41
C ALA B 336 21.07 19.38 24.99
N ARG B 337 20.31 19.25 23.90
CA ARG B 337 19.96 17.91 23.44
C ARG B 337 21.20 17.12 23.05
N MET B 338 22.15 17.76 22.35
CA MET B 338 23.36 17.04 21.97
C MET B 338 24.11 16.56 23.20
N LEU B 339 24.16 17.39 24.24
CA LEU B 339 24.86 17.01 25.47
C LEU B 339 24.18 15.83 26.15
N ILE B 340 22.86 15.89 26.30
CA ILE B 340 22.16 14.76 26.92
C ILE B 340 22.42 13.49 26.13
N ALA B 341 22.26 13.56 24.81
CA ALA B 341 22.36 12.34 24.00
C ALA B 341 23.77 11.78 23.98
N GLN B 342 24.79 12.63 23.92
CA GLN B 342 26.14 12.16 23.65
C GLN B 342 27.04 12.12 24.88
N GLU B 343 26.56 12.56 26.04
CA GLU B 343 27.38 12.56 27.23
C GLU B 343 26.66 12.07 28.49
N GLY B 344 25.33 12.11 28.52
CA GLY B 344 24.58 11.56 29.63
C GLY B 344 24.34 12.48 30.80
N LEU B 345 24.77 13.74 30.73
CA LEU B 345 24.48 14.69 31.79
C LEU B 345 23.07 15.24 31.58
N LEU B 346 22.14 14.86 32.46
CA LEU B 346 20.76 15.31 32.34
C LEU B 346 20.64 16.78 32.79
N CYS B 347 21.16 17.68 31.96
CA CYS B 347 21.25 19.09 32.30
C CYS B 347 20.13 19.88 31.63
N GLY B 348 20.08 21.17 31.94
CA GLY B 348 19.08 22.07 31.43
C GLY B 348 19.61 23.00 30.35
N GLY B 349 18.76 23.95 29.97
CA GLY B 349 19.08 24.81 28.83
C GLY B 349 20.29 25.68 29.05
N SER B 350 20.39 26.34 30.21
CA SER B 350 21.53 27.20 30.45
C SER B 350 22.83 26.44 30.33
N ALA B 351 22.84 25.16 30.72
CA ALA B 351 24.01 24.33 30.52
C ALA B 351 24.33 24.23 29.03
N GLY B 352 23.31 24.07 28.21
CA GLY B 352 23.53 24.07 26.78
C GLY B 352 24.17 25.34 26.31
N SER B 353 23.68 26.48 26.77
CA SER B 353 24.28 27.75 26.38
C SER B 353 25.75 27.80 26.78
N THR B 354 26.05 27.39 28.00
CA THR B 354 27.42 27.49 28.50
C THR B 354 28.37 26.63 27.69
N VAL B 355 27.98 25.39 27.40
CA VAL B 355 28.84 24.53 26.59
C VAL B 355 28.95 25.09 25.18
N ALA B 356 27.85 25.60 24.62
CA ALA B 356 27.87 26.13 23.28
C ALA B 356 28.76 27.36 23.16
N VAL B 357 29.00 28.07 24.24
CA VAL B 357 29.94 29.18 24.23
C VAL B 357 31.36 28.70 24.47
N ALA B 358 31.55 27.76 25.39
CA ALA B 358 32.89 27.25 25.66
C ALA B 358 33.47 26.57 24.44
N VAL B 359 32.61 25.98 23.61
CA VAL B 359 33.08 25.30 22.41
C VAL B 359 33.81 26.26 21.48
N LYS B 360 33.43 27.53 21.47
CA LYS B 360 34.15 28.57 20.73
C LYS B 360 35.27 29.16 21.56
N ALA B 361 34.97 29.58 22.80
CA ALA B 361 35.95 30.30 23.61
C ALA B 361 37.19 29.46 23.89
N ALA B 362 37.12 28.15 23.72
CA ALA B 362 38.26 27.29 23.98
C ALA B 362 39.11 27.04 22.74
N GLN B 363 38.68 27.52 21.57
CA GLN B 363 39.39 27.17 20.34
C GLN B 363 40.86 27.51 20.42
N GLU B 364 41.22 28.65 21.02
CA GLU B 364 42.60 29.09 21.01
C GLU B 364 43.52 28.14 21.76
N LEU B 365 43.00 27.40 22.74
CA LEU B 365 43.86 26.66 23.64
C LEU B 365 44.41 25.40 22.97
N GLN B 366 45.37 24.77 23.65
CA GLN B 366 46.16 23.68 23.09
C GLN B 366 46.18 22.51 24.07
N GLU B 367 47.01 21.52 23.76
CA GLU B 367 47.10 20.30 24.56
C GLU B 367 47.55 20.62 25.98
N GLY B 368 47.09 19.81 26.93
CA GLY B 368 47.51 19.91 28.31
C GLY B 368 46.77 20.93 29.13
N GLN B 369 45.75 21.57 28.57
CA GLN B 369 45.03 22.63 29.26
C GLN B 369 43.67 22.14 29.73
N ARG B 370 43.21 22.71 30.84
CA ARG B 370 42.03 22.23 31.55
C ARG B 370 40.98 23.34 31.57
N CYS B 371 39.78 23.04 31.09
CA CYS B 371 38.70 24.00 30.99
C CYS B 371 37.51 23.55 31.82
N VAL B 372 36.99 24.43 32.64
CA VAL B 372 35.86 24.13 33.51
C VAL B 372 34.66 24.94 33.04
N VAL B 373 33.49 24.33 33.06
CA VAL B 373 32.25 25.02 32.79
C VAL B 373 31.27 24.67 33.89
N ILE B 374 30.17 25.40 33.95
CA ILE B 374 29.17 25.23 34.99
C ILE B 374 27.88 24.78 34.35
N LEU B 375 27.46 23.55 34.65
CA LEU B 375 26.16 23.05 34.21
C LEU B 375 25.15 23.37 35.30
N PRO B 376 24.36 24.43 35.18
CA PRO B 376 23.68 24.95 36.36
C PRO B 376 22.54 24.11 36.90
N ASP B 377 21.63 23.61 36.06
CA ASP B 377 20.41 23.04 36.62
C ASP B 377 20.01 21.76 35.91
N SER B 378 19.24 20.94 36.63
CA SER B 378 18.85 19.63 36.15
C SER B 378 17.74 19.73 35.12
N VAL B 379 17.53 18.62 34.39
CA VAL B 379 16.52 18.60 33.34
C VAL B 379 15.11 18.56 33.91
N ARG B 380 14.98 18.35 35.22
CA ARG B 380 13.66 18.20 35.83
C ARG B 380 12.73 19.34 35.47
N ASN B 381 13.24 20.56 35.45
CA ASN B 381 12.38 21.72 35.28
C ASN B 381 11.98 21.98 33.83
N TYR B 382 12.33 21.10 32.89
CA TYR B 382 12.08 21.35 31.48
C TYR B 382 11.54 20.13 30.75
N MET B 383 10.75 19.27 31.41
CA MET B 383 10.27 18.07 30.75
C MET B 383 9.39 18.41 29.56
N THR B 384 8.38 19.25 29.77
CA THR B 384 7.49 19.65 28.70
C THR B 384 8.16 20.54 27.66
N LYS B 385 9.30 21.12 28.01
CA LYS B 385 10.03 22.04 27.16
C LYS B 385 11.03 21.23 26.32
N PHE B 386 12.14 21.80 25.85
CA PHE B 386 12.86 21.30 24.69
C PHE B 386 12.94 19.78 24.62
N LEU B 387 12.91 19.08 25.74
CA LEU B 387 12.86 17.61 25.64
C LEU B 387 11.73 17.16 24.74
N SER B 388 10.61 17.86 24.74
CA SER B 388 9.47 17.47 23.92
C SER B 388 9.72 17.88 22.48
N ASP B 389 9.56 16.93 21.55
CA ASP B 389 9.67 17.27 20.13
C ASP B 389 8.61 18.28 19.74
N ARG B 390 7.41 18.16 20.31
CA ARG B 390 6.33 19.09 19.96
C ARG B 390 6.74 20.53 20.26
N TRP B 391 7.32 20.76 21.43
CA TRP B 391 7.68 22.13 21.79
C TRP B 391 8.78 22.67 20.89
N MET B 392 9.78 21.86 20.58
CA MET B 392 10.84 22.33 19.69
C MET B 392 10.30 22.64 18.31
N LEU B 393 9.40 21.81 17.79
CA LEU B 393 8.81 22.10 16.48
C LEU B 393 7.99 23.38 16.53
N GLN B 394 7.16 23.53 17.58
CA GLN B 394 6.31 24.71 17.67
C GLN B 394 7.15 25.99 17.78
N LYS B 395 8.22 25.98 18.56
CA LYS B 395 9.10 27.13 18.63
C LYS B 395 10.00 27.25 17.42
N GLY B 396 10.05 26.25 16.55
CA GLY B 396 10.81 26.35 15.33
C GLY B 396 12.29 26.16 15.49
N PHE B 397 12.77 25.79 16.68
CA PHE B 397 14.19 25.54 16.86
C PHE B 397 14.64 24.32 16.07
N LEU B 398 13.77 23.33 15.89
CA LEU B 398 14.10 22.10 15.18
C LEU B 398 13.32 22.06 13.88
N LYS B 399 14.03 22.15 12.76
CA LYS B 399 13.38 22.08 11.46
C LYS B 399 13.02 20.64 11.13
N GLU B 400 11.93 20.49 10.38
CA GLU B 400 11.44 19.15 10.05
C GLU B 400 12.46 18.40 9.21
N GLU B 401 13.10 19.09 8.26
CA GLU B 401 14.07 18.45 7.40
C GLU B 401 15.22 17.87 8.21
N ASP B 402 15.72 18.62 9.19
CA ASP B 402 16.75 18.08 10.07
C ASP B 402 16.24 16.89 10.85
N LEU B 403 14.98 16.93 11.28
CA LEU B 403 14.43 15.84 12.07
C LEU B 403 14.36 14.55 11.27
N THR B 404 13.93 14.62 10.01
CA THR B 404 13.59 13.42 9.26
C THR B 404 14.68 12.95 8.31
N GLU B 405 15.48 13.86 7.74
CA GLU B 405 16.40 13.47 6.68
C GLU B 405 17.51 12.56 7.19
N LYS B 406 17.74 12.50 8.50
CA LYS B 406 18.75 11.61 9.06
C LYS B 406 18.19 10.28 9.54
N LYS B 407 16.89 10.06 9.42
CA LYS B 407 16.30 8.80 9.85
C LYS B 407 16.54 7.72 8.80
N PRO B 408 16.39 6.45 9.18
CA PRO B 408 16.63 5.37 8.23
C PRO B 408 15.79 5.53 6.97
N TRP B 409 16.20 4.82 5.91
CA TRP B 409 15.57 5.01 4.61
C TRP B 409 14.07 4.68 4.63
N TRP B 410 13.63 3.85 5.56
CA TRP B 410 12.21 3.49 5.59
C TRP B 410 11.35 4.51 6.30
N TRP B 411 11.94 5.61 6.78
CA TRP B 411 11.17 6.57 7.56
C TRP B 411 10.10 7.26 6.74
N HIS B 412 10.30 7.38 5.43
CA HIS B 412 9.42 8.18 4.58
C HIS B 412 8.38 7.35 3.84
N LEU B 413 8.33 6.03 4.05
CA LEU B 413 7.34 5.21 3.35
C LEU B 413 5.95 5.48 3.92
N ARG B 414 4.99 4.69 3.44
CA ARG B 414 3.59 4.83 3.84
C ARG B 414 3.06 3.53 4.41
N VAL B 415 2.26 3.62 5.47
CA VAL B 415 1.76 2.44 6.15
C VAL B 415 0.95 1.54 5.22
N GLN B 416 0.42 2.08 4.13
CA GLN B 416 -0.34 1.25 3.20
C GLN B 416 0.51 0.15 2.61
N GLU B 417 1.84 0.27 2.64
CA GLU B 417 2.73 -0.70 2.04
C GLU B 417 3.16 -1.81 2.99
N LEU B 418 2.52 -1.92 4.16
CA LEU B 418 2.81 -3.05 5.04
C LEU B 418 1.99 -4.27 4.62
N GLY B 419 2.23 -5.38 5.31
CA GLY B 419 1.49 -6.60 5.06
C GLY B 419 0.23 -6.69 5.92
N LEU B 420 -0.37 -5.55 6.21
CA LEU B 420 -1.50 -5.50 7.13
C LEU B 420 -2.70 -6.27 6.59
N SER B 421 -3.45 -6.88 7.51
CA SER B 421 -4.66 -7.60 7.14
C SER B 421 -5.47 -7.87 8.40
N ALA B 422 -6.79 -7.84 8.25
CA ALA B 422 -7.71 -8.12 9.36
C ALA B 422 -8.83 -9.01 8.86
N PRO B 423 -8.53 -10.26 8.56
CA PRO B 423 -9.56 -11.13 7.96
C PRO B 423 -10.80 -11.32 8.81
N LEU B 424 -10.68 -11.32 10.14
CA LEU B 424 -11.82 -11.63 10.97
C LEU B 424 -11.85 -10.73 12.20
N THR B 425 -12.97 -10.76 12.90
CA THR B 425 -13.18 -9.98 14.10
C THR B 425 -14.07 -10.78 15.03
N VAL B 426 -14.43 -10.18 16.17
CA VAL B 426 -15.32 -10.82 17.13
C VAL B 426 -16.09 -9.76 17.90
N LEU B 427 -17.30 -10.11 18.31
CA LEU B 427 -18.05 -9.24 19.20
C LEU B 427 -17.47 -9.29 20.60
N PRO B 428 -17.79 -8.29 21.44
CA PRO B 428 -17.30 -8.33 22.83
C PRO B 428 -18.08 -9.26 23.73
N THR B 429 -19.20 -9.83 23.28
CA THR B 429 -20.00 -10.73 24.08
C THR B 429 -19.69 -12.19 23.78
N ILE B 430 -18.68 -12.46 22.95
CA ILE B 430 -18.31 -13.83 22.65
C ILE B 430 -17.67 -14.46 23.88
N THR B 431 -17.72 -15.79 23.94
CA THR B 431 -17.14 -16.52 25.06
C THR B 431 -15.75 -17.02 24.72
N CYS B 432 -14.88 -17.04 25.73
CA CYS B 432 -13.50 -17.45 25.51
C CYS B 432 -13.43 -18.87 24.96
N GLY B 433 -14.30 -19.75 25.43
CA GLY B 433 -14.33 -21.11 24.88
C GLY B 433 -14.56 -21.11 23.39
N HIS B 434 -15.51 -20.30 22.92
CA HIS B 434 -15.72 -20.16 21.49
C HIS B 434 -14.53 -19.44 20.85
N THR B 435 -13.92 -18.51 21.57
CA THR B 435 -12.83 -17.73 21.01
C THR B 435 -11.65 -18.63 20.64
N ILE B 436 -11.30 -19.56 21.53
CA ILE B 436 -10.15 -20.42 21.26
C ILE B 436 -10.37 -21.21 19.97
N GLU B 437 -11.53 -21.85 19.86
CA GLU B 437 -11.81 -22.68 18.71
C GLU B 437 -11.88 -21.84 17.44
N ILE B 438 -12.56 -20.69 17.49
CA ILE B 438 -12.71 -19.89 16.28
C ILE B 438 -11.36 -19.36 15.83
N LEU B 439 -10.48 -19.03 16.76
CA LEU B 439 -9.18 -18.49 16.39
C LEU B 439 -8.26 -19.59 15.84
N ARG B 440 -8.25 -20.76 16.49
CA ARG B 440 -7.31 -21.78 16.08
C ARG B 440 -7.82 -22.60 14.89
N GLU B 441 -9.10 -22.49 14.55
CA GLU B 441 -9.59 -23.13 13.34
C GLU B 441 -9.02 -22.45 12.10
N LYS B 442 -8.90 -21.13 12.14
CA LYS B 442 -8.27 -20.38 11.06
C LYS B 442 -6.80 -20.08 11.34
N GLY B 443 -6.27 -20.55 12.47
CA GLY B 443 -4.86 -20.38 12.74
C GLY B 443 -4.43 -18.94 12.94
N PHE B 444 -5.35 -18.06 13.35
CA PHE B 444 -5.05 -16.66 13.59
C PHE B 444 -5.08 -16.39 15.08
N ASP B 445 -4.04 -15.72 15.58
CA ASP B 445 -3.85 -15.56 17.02
C ASP B 445 -4.36 -14.23 17.56
N GLN B 446 -4.96 -13.40 16.73
CA GLN B 446 -5.48 -12.11 17.21
C GLN B 446 -6.67 -11.71 16.34
N ALA B 447 -7.50 -10.83 16.90
CA ALA B 447 -8.69 -10.42 16.21
C ALA B 447 -9.25 -9.16 16.87
N PRO B 448 -9.43 -8.06 16.13
CA PRO B 448 -9.99 -6.86 16.75
C PRO B 448 -11.37 -7.16 17.30
N VAL B 449 -11.70 -6.54 18.43
CA VAL B 449 -12.99 -6.70 19.07
C VAL B 449 -13.84 -5.48 18.74
N VAL B 450 -14.91 -5.69 17.97
CA VAL B 450 -15.78 -4.63 17.50
C VAL B 450 -17.20 -5.01 17.85
N ASP B 451 -17.96 -4.08 18.42
CA ASP B 451 -19.33 -4.38 18.82
C ASP B 451 -20.26 -4.32 17.62
N GLU B 452 -21.56 -4.44 17.87
CA GLU B 452 -22.55 -4.44 16.80
C GLU B 452 -22.55 -3.13 16.03
N ALA B 453 -22.22 -2.01 16.68
CA ALA B 453 -22.29 -0.70 16.07
C ALA B 453 -21.00 -0.31 15.34
N GLY B 454 -20.03 -1.21 15.25
CA GLY B 454 -18.78 -0.90 14.61
C GLY B 454 -17.79 -0.19 15.49
N VAL B 455 -18.13 0.09 16.74
CA VAL B 455 -17.19 0.76 17.64
C VAL B 455 -16.04 -0.18 17.95
N ILE B 456 -14.82 0.32 17.80
CA ILE B 456 -13.65 -0.51 18.06
C ILE B 456 -13.37 -0.50 19.56
N LEU B 457 -13.29 -1.70 20.14
CA LEU B 457 -13.08 -1.85 21.58
C LEU B 457 -11.68 -2.33 21.93
N GLY B 458 -10.85 -2.64 20.95
CA GLY B 458 -9.51 -3.12 21.21
C GLY B 458 -9.29 -4.52 20.71
N MET B 459 -8.22 -5.13 21.20
CA MET B 459 -7.75 -6.40 20.69
C MET B 459 -8.11 -7.55 21.62
N VAL B 460 -7.77 -8.75 21.17
CA VAL B 460 -7.80 -9.96 22.00
C VAL B 460 -6.91 -10.98 21.33
N THR B 461 -6.09 -11.66 22.12
CA THR B 461 -5.04 -12.52 21.60
C THR B 461 -5.24 -13.94 22.09
N LEU B 462 -4.98 -14.91 21.20
CA LEU B 462 -5.16 -16.30 21.55
C LEU B 462 -4.25 -16.69 22.72
N GLY B 463 -2.99 -16.26 22.68
CA GLY B 463 -2.07 -16.61 23.75
C GLY B 463 -2.57 -16.16 25.11
N ASN B 464 -3.12 -14.94 25.16
CA ASN B 464 -3.64 -14.44 26.43
C ASN B 464 -4.84 -15.25 26.89
N MET B 465 -5.70 -15.68 25.97
CA MET B 465 -6.81 -16.55 26.35
C MET B 465 -6.28 -17.85 26.93
N LEU B 466 -5.28 -18.45 26.29
CA LEU B 466 -4.71 -19.68 26.81
C LEU B 466 -4.18 -19.47 28.22
N SER B 467 -3.40 -18.41 28.42
CA SER B 467 -2.78 -18.18 29.71
C SER B 467 -3.83 -17.93 30.78
N SER B 468 -4.85 -17.12 30.47
CA SER B 468 -5.89 -16.84 31.45
C SER B 468 -6.68 -18.10 31.79
N LEU B 469 -6.95 -18.95 30.81
CA LEU B 469 -7.71 -20.17 31.10
C LEU B 469 -6.89 -21.13 31.95
N LEU B 470 -5.62 -21.33 31.59
CA LEU B 470 -4.78 -22.23 32.39
C LEU B 470 -4.60 -21.71 33.80
N ALA B 471 -4.32 -20.43 33.95
CA ALA B 471 -4.04 -19.86 35.26
C ALA B 471 -5.28 -19.79 36.14
N GLY B 472 -6.46 -20.04 35.59
CA GLY B 472 -7.66 -19.98 36.40
C GLY B 472 -8.19 -18.59 36.65
N LYS B 473 -7.61 -17.57 36.03
CA LYS B 473 -8.15 -16.22 36.19
C LYS B 473 -9.51 -16.08 35.51
N VAL B 474 -9.76 -16.86 34.46
CA VAL B 474 -11.01 -16.81 33.73
C VAL B 474 -11.49 -18.22 33.44
N GLN B 475 -12.80 -18.37 33.25
CA GLN B 475 -13.40 -19.64 32.92
C GLN B 475 -13.99 -19.60 31.51
N PRO B 476 -14.21 -20.75 30.89
CA PRO B 476 -14.57 -20.75 29.46
C PRO B 476 -15.80 -19.91 29.13
N SER B 477 -16.79 -19.86 30.01
CA SER B 477 -18.05 -19.18 29.72
C SER B 477 -18.00 -17.69 30.03
N ASP B 478 -16.89 -17.18 30.53
CA ASP B 478 -16.79 -15.75 30.79
C ASP B 478 -16.80 -14.97 29.49
N GLN B 479 -17.47 -13.82 29.50
CA GLN B 479 -17.41 -12.93 28.36
C GLN B 479 -16.02 -12.33 28.23
N VAL B 480 -15.62 -12.05 26.99
CA VAL B 480 -14.25 -11.60 26.73
C VAL B 480 -13.98 -10.22 27.30
N GLY B 481 -14.99 -9.59 27.90
CA GLY B 481 -14.78 -8.28 28.50
C GLY B 481 -13.74 -8.27 29.61
N LYS B 482 -13.32 -9.44 30.07
CA LYS B 482 -12.35 -9.54 31.16
C LYS B 482 -10.91 -9.53 30.68
N VAL B 483 -10.66 -9.60 29.37
CA VAL B 483 -9.30 -9.84 28.88
C VAL B 483 -8.90 -8.96 27.72
N ILE B 484 -9.81 -8.19 27.10
CA ILE B 484 -9.43 -7.36 25.97
C ILE B 484 -8.36 -6.36 26.38
N TYR B 485 -7.52 -5.98 25.43
CA TYR B 485 -6.57 -4.88 25.63
C TYR B 485 -7.28 -3.60 25.20
N LYS B 486 -7.91 -2.92 26.14
CA LYS B 486 -8.84 -1.85 25.81
C LYS B 486 -8.15 -0.53 25.52
N GLN B 487 -6.87 -0.54 25.17
CA GLN B 487 -6.17 0.66 24.72
C GLN B 487 -5.49 0.37 23.40
N PHE B 488 -5.49 1.36 22.51
CA PHE B 488 -4.86 1.23 21.20
C PHE B 488 -4.86 2.61 20.55
N LYS B 489 -4.07 2.75 19.51
CA LYS B 489 -3.97 4.01 18.77
C LYS B 489 -4.48 3.80 17.36
N GLN B 490 -5.46 4.61 16.96
CA GLN B 490 -6.13 4.48 15.67
C GLN B 490 -5.33 5.28 14.64
N ILE B 491 -4.83 4.58 13.62
CA ILE B 491 -3.98 5.17 12.60
C ILE B 491 -4.66 5.02 11.25
N ARG B 492 -4.24 5.85 10.29
CA ARG B 492 -4.86 5.92 8.97
C ARG B 492 -3.90 5.42 7.90
N LEU B 493 -4.47 5.11 6.73
CA LEU B 493 -3.66 4.55 5.65
C LEU B 493 -2.59 5.51 5.17
N THR B 494 -2.90 6.80 5.11
CA THR B 494 -1.97 7.76 4.53
C THR B 494 -0.77 8.03 5.43
N ASP B 495 -0.85 7.68 6.71
CA ASP B 495 0.17 8.03 7.66
C ASP B 495 1.49 7.34 7.33
N THR B 496 2.58 8.09 7.40
CA THR B 496 3.89 7.56 7.09
C THR B 496 4.37 6.65 8.22
N LEU B 497 5.42 5.89 7.93
CA LEU B 497 5.97 4.99 8.94
C LEU B 497 6.59 5.76 10.10
N GLY B 498 7.05 6.99 9.86
CA GLY B 498 7.56 7.79 10.97
C GLY B 498 6.50 8.09 11.99
N ARG B 499 5.32 8.50 11.52
CA ARG B 499 4.20 8.75 12.42
C ARG B 499 3.82 7.48 13.17
N LEU B 500 3.85 6.35 12.48
CA LEU B 500 3.53 5.08 13.14
C LEU B 500 4.56 4.75 14.22
N SER B 501 5.84 4.95 13.93
CA SER B 501 6.86 4.66 14.92
C SER B 501 6.70 5.54 16.14
N HIS B 502 6.45 6.83 15.92
CA HIS B 502 6.16 7.70 17.06
C HIS B 502 4.90 7.29 17.79
N ILE B 503 3.94 6.68 17.10
CA ILE B 503 2.74 6.22 17.75
C ILE B 503 3.04 5.03 18.66
N LEU B 504 3.86 4.11 18.19
CA LEU B 504 4.16 2.91 18.97
C LEU B 504 4.91 3.20 20.26
N GLU B 505 5.59 4.34 20.36
CA GLU B 505 6.32 4.64 21.58
C GLU B 505 5.40 4.88 22.76
N MET B 506 4.10 5.04 22.54
CA MET B 506 3.15 5.27 23.61
C MET B 506 2.11 4.18 23.77
N ASP B 507 1.69 3.53 22.69
CA ASP B 507 0.70 2.46 22.75
C ASP B 507 1.27 1.24 22.04
N HIS B 508 0.69 0.08 22.34
CA HIS B 508 1.23 -1.16 21.78
C HIS B 508 0.69 -1.43 20.38
N PHE B 509 -0.63 -1.56 20.25
CA PHE B 509 -1.26 -1.92 18.99
C PHE B 509 -1.63 -0.66 18.22
N ALA B 510 -1.22 -0.61 16.96
CA ALA B 510 -1.62 0.45 16.05
C ALA B 510 -2.66 -0.12 15.08
N LEU B 511 -3.91 0.29 15.23
CA LEU B 511 -5.01 -0.21 14.41
C LEU B 511 -5.18 0.69 13.20
N VAL B 512 -4.98 0.12 12.02
CA VAL B 512 -5.23 0.83 10.78
C VAL B 512 -6.73 0.82 10.52
N VAL B 513 -7.29 1.99 10.25
CA VAL B 513 -8.73 2.13 10.02
C VAL B 513 -8.97 3.05 8.83
N HIS B 514 -10.22 3.08 8.40
CA HIS B 514 -10.70 4.01 7.38
C HIS B 514 -12.15 4.34 7.68
N GLU B 515 -12.47 5.63 7.70
CA GLU B 515 -13.81 6.09 8.04
C GLU B 515 -14.55 6.55 6.80
N GLN B 516 -15.82 6.18 6.73
CA GLN B 516 -16.67 6.54 5.60
C GLN B 516 -17.95 7.18 6.12
N ILE B 517 -18.39 8.22 5.42
CA ILE B 517 -19.63 8.90 5.73
C ILE B 517 -20.67 8.46 4.72
N GLN B 518 -21.88 8.16 5.19
CA GLN B 518 -22.94 7.65 4.34
C GLN B 518 -24.08 8.67 4.34
N TYR B 519 -24.01 9.61 3.41
CA TYR B 519 -24.96 10.72 3.39
C TYR B 519 -26.32 10.24 2.90
N HIS B 520 -27.38 10.72 3.54
CA HIS B 520 -28.75 10.40 3.17
C HIS B 520 -29.44 11.54 2.46
N SER B 521 -29.43 12.74 3.06
CA SER B 521 -29.99 13.93 2.43
C SER B 521 -29.12 15.15 2.69
N THR B 522 -27.85 14.93 3.04
CA THR B 522 -26.91 15.99 3.39
C THR B 522 -27.22 16.56 4.77
N GLY B 523 -28.37 16.21 5.33
CA GLY B 523 -28.63 16.46 6.73
C GLY B 523 -28.48 15.19 7.54
N LYS B 524 -29.14 14.14 7.08
CA LYS B 524 -29.08 12.85 7.74
C LYS B 524 -27.87 12.07 7.23
N SER B 525 -27.00 11.67 8.14
CA SER B 525 -25.79 10.96 7.76
C SER B 525 -25.29 10.15 8.95
N SER B 526 -24.47 9.15 8.66
CA SER B 526 -23.80 8.35 9.66
C SER B 526 -22.36 8.15 9.22
N GLN B 527 -21.51 7.79 10.17
CA GLN B 527 -20.09 7.63 9.90
C GLN B 527 -19.61 6.32 10.53
N ARG B 528 -18.96 5.49 9.72
CA ARG B 528 -18.56 4.16 10.14
C ARG B 528 -17.09 3.94 9.81
N GLN B 529 -16.49 2.99 10.51
CA GLN B 529 -15.08 2.69 10.37
C GLN B 529 -14.89 1.18 10.33
N MET B 530 -13.70 0.77 9.92
CA MET B 530 -13.39 -0.64 9.79
C MET B 530 -11.90 -0.82 10.01
N VAL B 531 -11.52 -1.97 10.57
CA VAL B 531 -10.13 -2.24 10.94
C VAL B 531 -9.52 -3.13 9.87
N PHE B 532 -8.64 -2.57 9.05
CA PHE B 532 -8.02 -3.34 7.98
C PHE B 532 -6.94 -4.29 8.48
N GLY B 533 -6.16 -3.89 9.47
CA GLY B 533 -5.08 -4.72 9.95
C GLY B 533 -4.33 -4.09 11.10
N VAL B 534 -3.87 -4.91 12.02
CA VAL B 534 -3.19 -4.45 13.23
C VAL B 534 -1.70 -4.58 13.02
N VAL B 535 -0.97 -3.50 13.30
CA VAL B 535 0.48 -3.47 13.16
C VAL B 535 1.09 -3.11 14.50
N THR B 536 2.08 -3.88 14.91
CA THR B 536 2.78 -3.66 16.17
C THR B 536 4.26 -3.48 15.88
N ALA B 537 5.02 -3.11 16.90
CA ALA B 537 6.45 -2.93 16.71
C ALA B 537 7.09 -4.17 16.11
N ILE B 538 6.63 -5.35 16.51
CA ILE B 538 7.19 -6.59 15.97
C ILE B 538 7.04 -6.63 14.46
N ASP B 539 5.82 -6.39 13.98
CA ASP B 539 5.57 -6.51 12.55
C ASP B 539 6.27 -5.41 11.77
N LEU B 540 6.33 -4.21 12.33
CA LEU B 540 7.04 -3.14 11.65
C LEU B 540 8.52 -3.46 11.52
N LEU B 541 9.14 -3.96 12.60
CA LEU B 541 10.55 -4.33 12.53
C LEU B 541 10.76 -5.47 11.54
N ASN B 542 9.86 -6.45 11.51
CA ASN B 542 9.99 -7.54 10.57
C ASN B 542 9.90 -7.04 9.14
N PHE B 543 8.97 -6.13 8.86
CA PHE B 543 8.87 -5.57 7.52
C PHE B 543 10.14 -4.81 7.16
N VAL B 544 10.69 -4.05 8.11
CA VAL B 544 11.91 -3.32 7.83
C VAL B 544 13.04 -4.28 7.50
N ALA B 545 13.15 -5.38 8.25
CA ALA B 545 14.18 -6.36 7.96
C ALA B 545 13.97 -6.99 6.59
N ALA B 546 12.72 -7.30 6.24
CA ALA B 546 12.45 -7.90 4.95
C ALA B 546 12.83 -6.96 3.80
N GLN B 547 12.50 -5.67 3.94
CA GLN B 547 12.88 -4.72 2.91
C GLN B 547 14.40 -4.56 2.84
N GLU B 548 15.07 -4.53 3.98
CA GLU B 548 16.53 -4.38 3.97
C GLU B 548 17.19 -5.55 3.25
N ARG B 549 16.75 -6.77 3.55
CA ARG B 549 17.37 -7.96 2.99
C ARG B 549 16.94 -8.19 1.55
N LEU C 43 -20.09 -55.35 -45.22
CA LEU C 43 -20.67 -54.43 -44.21
C LEU C 43 -20.20 -53.00 -44.43
N TRP C 44 -18.90 -52.79 -44.30
CA TRP C 44 -18.30 -51.46 -44.35
C TRP C 44 -17.03 -51.51 -45.18
N ILE C 45 -16.77 -50.42 -45.90
CA ILE C 45 -15.61 -50.30 -46.78
C ILE C 45 -14.59 -49.41 -46.09
N ARG C 46 -13.37 -49.90 -45.96
CA ARG C 46 -12.36 -49.15 -45.24
C ARG C 46 -11.90 -47.94 -46.06
N PRO C 47 -11.67 -46.79 -45.43
CA PRO C 47 -11.10 -45.65 -46.16
C PRO C 47 -9.58 -45.68 -46.23
N ASP C 48 -8.93 -46.74 -45.73
CA ASP C 48 -7.48 -46.82 -45.73
C ASP C 48 -6.97 -47.92 -46.67
N ALA C 49 -7.79 -48.32 -47.62
CA ALA C 49 -7.41 -49.37 -48.57
C ALA C 49 -6.36 -48.85 -49.53
N PRO C 50 -5.66 -49.73 -50.24
CA PRO C 50 -4.71 -49.25 -51.24
C PRO C 50 -5.39 -48.36 -52.26
N SER C 51 -4.71 -47.29 -52.66
CA SER C 51 -5.21 -46.42 -53.70
C SER C 51 -5.24 -47.18 -55.03
N ARG C 52 -6.31 -47.01 -55.79
CA ARG C 52 -6.48 -47.73 -57.04
C ARG C 52 -6.22 -46.89 -58.27
N CYS C 53 -5.97 -45.60 -58.13
CA CYS C 53 -5.70 -44.77 -59.30
C CYS C 53 -4.37 -45.17 -59.92
N THR C 54 -4.27 -44.94 -61.23
CA THR C 54 -3.07 -45.27 -61.99
C THR C 54 -2.26 -44.04 -62.36
N TRP C 55 -2.49 -42.92 -61.68
CA TRP C 55 -1.78 -41.70 -62.01
C TRP C 55 -0.29 -41.87 -61.79
N GLN C 56 0.50 -41.21 -62.65
CA GLN C 56 1.93 -41.11 -62.44
C GLN C 56 2.44 -39.92 -63.25
N LEU C 57 3.56 -39.36 -62.77
CA LEU C 57 4.14 -38.21 -63.43
C LEU C 57 4.67 -38.60 -64.80
N GLY C 58 4.56 -37.67 -65.75
CA GLY C 58 4.97 -37.90 -67.11
C GLY C 58 3.87 -38.35 -68.06
N ARG C 59 2.68 -38.66 -67.54
CA ARG C 59 1.59 -39.07 -68.41
C ARG C 59 0.96 -37.85 -69.09
N PRO C 60 0.21 -38.06 -70.17
CA PRO C 60 -0.62 -36.99 -70.71
C PRO C 60 -1.95 -36.92 -69.98
N ALA C 61 -2.35 -35.70 -69.62
CA ALA C 61 -3.56 -35.53 -68.83
C ALA C 61 -4.80 -36.06 -69.54
N SER C 62 -4.76 -36.19 -70.86
CA SER C 62 -5.94 -36.62 -71.61
C SER C 62 -6.44 -37.98 -71.16
N GLU C 63 -5.56 -38.84 -70.64
CA GLU C 63 -5.98 -40.16 -70.18
C GLU C 63 -6.86 -40.09 -68.95
N SER C 64 -6.97 -38.95 -68.31
CA SER C 64 -7.67 -38.87 -67.03
C SER C 64 -9.11 -39.36 -67.18
N PRO C 65 -9.59 -40.23 -66.31
CA PRO C 65 -11.03 -40.53 -66.28
C PRO C 65 -11.84 -39.51 -65.50
N HIS C 66 -11.19 -38.52 -64.90
CA HIS C 66 -11.89 -37.58 -64.03
C HIS C 66 -12.27 -36.32 -64.80
N HIS C 67 -13.51 -35.90 -64.62
CA HIS C 67 -13.98 -34.65 -65.22
C HIS C 67 -13.21 -33.47 -64.64
N HIS C 68 -12.78 -32.54 -65.50
CA HIS C 68 -11.98 -31.41 -65.09
C HIS C 68 -12.68 -30.10 -65.39
N THR C 69 -12.57 -29.16 -64.46
CA THR C 69 -13.15 -27.83 -64.59
C THR C 69 -12.04 -26.81 -64.78
N ALA C 70 -12.17 -25.99 -65.81
CA ALA C 70 -11.19 -24.94 -66.05
C ALA C 70 -11.49 -23.73 -65.16
N PRO C 71 -10.51 -23.20 -64.45
CA PRO C 71 -10.76 -21.97 -63.68
C PRO C 71 -11.16 -20.81 -64.59
N ALA C 72 -12.01 -19.94 -64.06
CA ALA C 72 -12.56 -18.84 -64.83
C ALA C 72 -12.83 -17.68 -63.86
N LYS C 73 -13.67 -16.73 -64.29
CA LYS C 73 -14.06 -15.59 -63.48
C LYS C 73 -15.57 -15.49 -63.43
N SER C 74 -16.11 -15.22 -62.25
CA SER C 74 -17.55 -15.13 -62.08
C SER C 74 -18.04 -13.75 -62.48
N PRO C 75 -19.32 -13.63 -62.87
CA PRO C 75 -19.85 -12.32 -63.25
C PRO C 75 -19.76 -11.33 -62.10
N LYS C 76 -20.09 -10.07 -62.41
CA LYS C 76 -19.93 -9.00 -61.43
C LYS C 76 -20.85 -9.18 -60.24
N ILE C 77 -21.98 -9.87 -60.41
CA ILE C 77 -22.90 -10.16 -59.33
C ILE C 77 -23.00 -11.67 -59.18
N LEU C 78 -22.57 -12.18 -58.04
CA LEU C 78 -22.54 -13.62 -57.83
C LEU C 78 -23.97 -14.15 -57.75
N PRO C 79 -24.33 -15.13 -58.57
CA PRO C 79 -25.68 -15.68 -58.48
C PRO C 79 -25.98 -16.31 -57.14
N ASP C 80 -24.96 -16.65 -56.36
CA ASP C 80 -25.16 -17.20 -55.04
C ASP C 80 -23.87 -17.07 -54.25
N ILE C 81 -23.98 -17.29 -52.93
CA ILE C 81 -22.80 -17.18 -52.08
C ILE C 81 -21.75 -18.19 -52.47
N LEU C 82 -22.17 -19.42 -52.80
CA LEU C 82 -21.21 -20.51 -53.01
C LEU C 82 -20.26 -20.23 -54.16
N LYS C 83 -20.60 -19.32 -55.07
CA LYS C 83 -19.65 -18.90 -56.08
C LYS C 83 -18.47 -18.15 -55.46
N LYS C 84 -18.64 -17.60 -54.27
CA LYS C 84 -17.57 -16.91 -53.58
C LYS C 84 -16.63 -17.91 -52.94
N ILE C 85 -16.04 -18.78 -53.76
CA ILE C 85 -15.06 -19.75 -53.29
C ILE C 85 -13.90 -19.73 -54.26
N GLY C 86 -12.69 -19.69 -53.74
CA GLY C 86 -11.51 -19.57 -54.57
C GLY C 86 -11.13 -18.13 -54.78
N ASP C 87 -10.12 -17.94 -55.63
CA ASP C 87 -9.55 -16.62 -55.86
C ASP C 87 -9.05 -16.01 -54.55
N THR C 88 -8.59 -16.87 -53.65
CA THR C 88 -8.12 -16.42 -52.35
C THR C 88 -6.78 -15.70 -52.50
N PRO C 89 -6.46 -14.79 -51.59
CA PRO C 89 -5.31 -13.92 -51.79
C PRO C 89 -4.03 -14.50 -51.21
N MET C 90 -2.91 -14.15 -51.83
CA MET C 90 -1.59 -14.58 -51.40
C MET C 90 -0.85 -13.40 -50.77
N VAL C 91 -0.57 -13.49 -49.48
CA VAL C 91 0.00 -12.38 -48.73
C VAL C 91 1.44 -12.72 -48.38
N ARG C 92 2.22 -11.68 -48.06
CA ARG C 92 3.61 -11.87 -47.72
C ARG C 92 3.81 -11.90 -46.21
N ILE C 93 4.65 -12.81 -45.76
CA ILE C 93 5.07 -12.88 -44.36
C ILE C 93 6.32 -12.01 -44.24
N ASN C 94 6.17 -10.83 -43.66
CA ASN C 94 7.24 -9.85 -43.68
C ASN C 94 8.12 -9.87 -42.43
N LYS C 95 7.55 -10.07 -41.25
CA LYS C 95 8.31 -10.04 -40.01
C LYS C 95 8.79 -11.42 -39.58
N ILE C 96 7.94 -12.44 -39.71
CA ILE C 96 8.31 -13.78 -39.27
C ILE C 96 9.46 -14.32 -40.12
N GLY C 97 9.40 -14.10 -41.44
CA GLY C 97 10.46 -14.60 -42.30
C GLY C 97 11.81 -14.04 -41.96
N LYS C 98 11.87 -12.73 -41.71
CA LYS C 98 13.13 -12.10 -41.33
C LYS C 98 13.49 -12.42 -39.88
N LYS C 99 12.48 -12.59 -39.02
CA LYS C 99 12.73 -12.84 -37.61
C LYS C 99 13.54 -14.11 -37.41
N PHE C 100 13.34 -15.11 -38.26
CA PHE C 100 14.04 -16.39 -38.16
C PHE C 100 15.10 -16.56 -39.24
N GLY C 101 15.48 -15.49 -39.92
CA GLY C 101 16.57 -15.56 -40.88
C GLY C 101 16.26 -16.30 -42.14
N LEU C 102 14.99 -16.47 -42.49
CA LEU C 102 14.65 -17.11 -43.76
C LEU C 102 15.03 -16.18 -44.90
N LYS C 103 15.99 -16.62 -45.71
CA LYS C 103 16.48 -15.80 -46.80
C LYS C 103 15.49 -15.75 -47.97
N CYS C 104 14.59 -16.73 -48.07
CA CYS C 104 13.60 -16.74 -49.12
C CYS C 104 12.39 -15.90 -48.71
N GLU C 105 11.68 -15.39 -49.72
CA GLU C 105 10.48 -14.61 -49.47
C GLU C 105 9.32 -15.55 -49.22
N LEU C 106 8.78 -15.51 -48.00
CA LEU C 106 7.75 -16.45 -47.55
C LEU C 106 6.38 -15.85 -47.87
N LEU C 107 5.55 -16.61 -48.59
CA LEU C 107 4.22 -16.17 -48.97
C LEU C 107 3.20 -17.13 -48.39
N ALA C 108 2.20 -16.58 -47.72
CA ALA C 108 1.16 -17.38 -47.10
C ALA C 108 -0.11 -17.30 -47.94
N LYS C 109 -0.50 -18.43 -48.52
CA LYS C 109 -1.75 -18.52 -49.27
C LYS C 109 -2.89 -18.46 -48.27
N CYS C 110 -3.45 -17.27 -48.05
CA CYS C 110 -4.52 -17.08 -47.07
C CYS C 110 -5.77 -17.78 -47.56
N GLU C 111 -6.02 -18.98 -47.06
CA GLU C 111 -7.19 -19.73 -47.46
C GLU C 111 -8.38 -19.52 -46.55
N PHE C 112 -8.29 -18.62 -45.57
CA PHE C 112 -9.42 -18.41 -44.67
C PHE C 112 -10.40 -17.37 -45.20
N PHE C 113 -10.31 -16.98 -46.47
CA PHE C 113 -11.21 -15.98 -47.02
C PHE C 113 -12.37 -16.59 -47.80
N ASN C 114 -12.51 -17.91 -47.79
CA ASN C 114 -13.66 -18.53 -48.42
C ASN C 114 -14.94 -18.15 -47.69
N ALA C 115 -16.07 -18.64 -48.20
CA ALA C 115 -17.35 -18.32 -47.59
C ALA C 115 -17.41 -18.81 -46.14
N GLY C 116 -17.02 -20.06 -45.92
CA GLY C 116 -17.08 -20.67 -44.61
C GLY C 116 -15.84 -20.44 -43.76
N GLY C 117 -14.90 -19.63 -44.21
CA GLY C 117 -13.72 -19.35 -43.42
C GLY C 117 -12.78 -20.52 -43.26
N SER C 118 -12.60 -21.34 -44.29
CA SER C 118 -11.73 -22.49 -44.19
C SER C 118 -11.26 -22.90 -45.58
N VAL C 119 -10.15 -23.64 -45.62
CA VAL C 119 -9.68 -24.15 -46.89
C VAL C 119 -10.60 -25.24 -47.40
N LYS C 120 -11.38 -25.87 -46.53
CA LYS C 120 -12.18 -27.01 -46.93
C LYS C 120 -13.39 -26.63 -47.76
N ASP C 121 -13.73 -25.36 -47.85
CA ASP C 121 -14.93 -24.98 -48.59
C ASP C 121 -14.81 -25.33 -50.06
N ARG C 122 -13.58 -25.54 -50.56
CA ARG C 122 -13.41 -25.91 -51.96
C ARG C 122 -13.93 -27.32 -52.22
N ILE C 123 -13.49 -28.29 -51.41
CA ILE C 123 -13.81 -29.67 -51.72
C ILE C 123 -15.28 -29.95 -51.51
N SER C 124 -15.92 -29.25 -50.57
CA SER C 124 -17.36 -29.41 -50.42
C SER C 124 -18.07 -29.05 -51.71
N LEU C 125 -17.76 -27.88 -52.27
CA LEU C 125 -18.39 -27.46 -53.51
C LEU C 125 -18.11 -28.47 -54.61
N ARG C 126 -16.85 -28.90 -54.73
CA ARG C 126 -16.51 -29.80 -55.82
C ARG C 126 -17.19 -31.16 -55.68
N MET C 127 -17.30 -31.67 -54.45
CA MET C 127 -17.96 -32.94 -54.23
C MET C 127 -19.45 -32.85 -54.54
N ILE C 128 -20.09 -31.75 -54.15
CA ILE C 128 -21.51 -31.59 -54.49
C ILE C 128 -21.68 -31.50 -56.00
N GLU C 129 -20.80 -30.75 -56.67
CA GLU C 129 -20.87 -30.64 -58.13
C GLU C 129 -20.75 -32.00 -58.78
N ASP C 130 -19.76 -32.80 -58.35
CA ASP C 130 -19.59 -34.12 -58.94
C ASP C 130 -20.78 -35.02 -58.65
N ALA C 131 -21.33 -34.93 -57.44
CA ALA C 131 -22.50 -35.75 -57.14
C ALA C 131 -23.68 -35.40 -58.04
N GLU C 132 -23.92 -34.11 -58.27
CA GLU C 132 -24.99 -33.73 -59.19
C GLU C 132 -24.68 -34.17 -60.62
N ARG C 133 -23.42 -34.02 -61.04
CA ARG C 133 -23.04 -34.37 -62.40
C ARG C 133 -23.20 -35.86 -62.67
N ASP C 134 -22.83 -36.70 -61.71
CA ASP C 134 -23.03 -38.13 -61.86
C ASP C 134 -24.50 -38.53 -61.80
N GLY C 135 -25.37 -37.62 -61.38
CA GLY C 135 -26.75 -37.97 -61.13
C GLY C 135 -26.96 -38.68 -59.82
N THR C 136 -25.88 -38.91 -59.06
CA THR C 136 -26.01 -39.61 -57.78
C THR C 136 -26.87 -38.80 -56.81
N LEU C 137 -26.69 -37.49 -56.78
CA LEU C 137 -27.42 -36.62 -55.88
C LEU C 137 -28.53 -35.91 -56.65
N LYS C 138 -29.75 -36.03 -56.16
CA LYS C 138 -30.93 -35.43 -56.77
C LYS C 138 -31.49 -34.37 -55.83
N PRO C 139 -32.31 -33.46 -56.33
CA PRO C 139 -32.85 -32.39 -55.48
C PRO C 139 -33.55 -32.96 -54.26
N GLY C 140 -33.35 -32.29 -53.12
CA GLY C 140 -33.98 -32.70 -51.89
C GLY C 140 -33.36 -33.90 -51.22
N ASP C 141 -32.24 -34.40 -51.71
CA ASP C 141 -31.62 -35.57 -51.10
C ASP C 141 -31.03 -35.21 -49.74
N THR C 142 -30.66 -36.24 -48.99
CA THR C 142 -30.03 -36.10 -47.69
C THR C 142 -28.58 -36.55 -47.78
N ILE C 143 -27.69 -35.81 -47.12
CA ILE C 143 -26.27 -36.11 -47.12
C ILE C 143 -25.83 -36.39 -45.69
N ILE C 144 -25.00 -37.41 -45.52
CA ILE C 144 -24.45 -37.79 -44.23
C ILE C 144 -22.94 -37.64 -44.32
N GLU C 145 -22.33 -37.13 -43.26
CA GLU C 145 -20.88 -37.05 -43.24
C GLU C 145 -20.35 -36.98 -41.82
N PRO C 146 -19.47 -37.90 -41.43
CA PRO C 146 -18.68 -37.70 -40.21
C PRO C 146 -17.37 -37.01 -40.58
N THR C 147 -16.91 -36.11 -39.72
CA THR C 147 -15.76 -35.29 -40.11
C THR C 147 -15.13 -34.64 -38.88
N SER C 148 -14.01 -33.97 -39.13
CA SER C 148 -13.26 -33.26 -38.11
C SER C 148 -13.77 -31.85 -37.87
N GLY C 149 -14.81 -31.41 -38.57
CA GLY C 149 -15.49 -30.18 -38.30
C GLY C 149 -15.45 -29.18 -39.44
N ASN C 150 -14.30 -29.01 -40.09
CA ASN C 150 -14.22 -28.04 -41.17
C ASN C 150 -15.08 -28.48 -42.35
N THR C 151 -14.90 -29.73 -42.79
CA THR C 151 -15.73 -30.23 -43.87
C THR C 151 -17.20 -30.24 -43.49
N GLY C 152 -17.50 -30.44 -42.22
CA GLY C 152 -18.87 -30.38 -41.78
C GLY C 152 -19.46 -29.02 -42.08
N ILE C 153 -18.74 -27.96 -41.72
CA ILE C 153 -19.25 -26.62 -41.98
C ILE C 153 -19.34 -26.36 -43.47
N GLY C 154 -18.33 -26.78 -44.23
CA GLY C 154 -18.37 -26.54 -45.67
C GLY C 154 -19.56 -27.21 -46.33
N LEU C 155 -19.77 -28.50 -46.01
CA LEU C 155 -20.89 -29.21 -46.61
C LEU C 155 -22.22 -28.68 -46.11
N ALA C 156 -22.30 -28.31 -44.83
CA ALA C 156 -23.54 -27.72 -44.33
C ALA C 156 -23.88 -26.45 -45.09
N LEU C 157 -22.87 -25.60 -45.30
CA LEU C 157 -23.09 -24.37 -46.05
C LEU C 157 -23.59 -24.68 -47.44
N ALA C 158 -22.90 -25.58 -48.15
CA ALA C 158 -23.32 -25.90 -49.52
C ALA C 158 -24.73 -26.46 -49.55
N ALA C 159 -25.04 -27.39 -48.64
CA ALA C 159 -26.34 -28.04 -48.65
C ALA C 159 -27.45 -27.04 -48.37
N ALA C 160 -27.32 -26.29 -47.27
CA ALA C 160 -28.36 -25.33 -46.94
C ALA C 160 -28.51 -24.28 -48.03
N VAL C 161 -27.41 -23.95 -48.73
CA VAL C 161 -27.51 -23.02 -49.85
C VAL C 161 -28.37 -23.62 -50.95
N ARG C 162 -28.09 -24.88 -51.32
CA ARG C 162 -28.75 -25.52 -52.44
C ARG C 162 -29.96 -26.36 -52.03
N GLY C 163 -30.21 -26.52 -50.74
CA GLY C 163 -31.43 -27.15 -50.28
C GLY C 163 -31.32 -28.61 -49.89
N TYR C 164 -30.13 -29.18 -49.88
CA TYR C 164 -29.99 -30.57 -49.47
C TYR C 164 -30.01 -30.69 -47.94
N ARG C 165 -30.69 -31.71 -47.45
CA ARG C 165 -30.69 -31.97 -46.02
C ARG C 165 -29.34 -32.53 -45.61
N CYS C 166 -28.73 -31.93 -44.59
CA CYS C 166 -27.39 -32.31 -44.15
C CYS C 166 -27.44 -32.76 -42.69
N ILE C 167 -26.79 -33.88 -42.40
CA ILE C 167 -26.67 -34.42 -41.06
C ILE C 167 -25.21 -34.75 -40.82
N ILE C 168 -24.65 -34.22 -39.74
CA ILE C 168 -23.23 -34.39 -39.42
C ILE C 168 -23.13 -35.11 -38.08
N VAL C 169 -22.43 -36.25 -38.07
CA VAL C 169 -22.24 -37.05 -36.88
C VAL C 169 -20.89 -36.68 -36.28
N MET C 170 -20.87 -36.43 -34.98
CA MET C 170 -19.70 -35.86 -34.33
C MET C 170 -19.51 -36.50 -32.96
N PRO C 171 -18.28 -36.56 -32.46
CA PRO C 171 -18.06 -36.93 -31.06
C PRO C 171 -18.42 -35.81 -30.11
N GLU C 172 -18.06 -35.96 -28.83
CA GLU C 172 -18.34 -34.91 -27.86
C GLU C 172 -17.26 -33.82 -27.87
N LYS C 173 -16.02 -34.19 -28.16
CA LYS C 173 -14.88 -33.30 -27.96
C LYS C 173 -14.78 -32.21 -29.02
N MET C 174 -15.57 -32.25 -30.09
CA MET C 174 -15.45 -31.25 -31.14
C MET C 174 -15.80 -29.88 -30.60
N SER C 175 -15.15 -28.86 -31.17
CA SER C 175 -15.23 -27.51 -30.60
C SER C 175 -16.66 -26.99 -30.60
N SER C 176 -17.00 -26.24 -29.56
CA SER C 176 -18.37 -25.75 -29.41
C SER C 176 -18.70 -24.69 -30.46
N GLU C 177 -17.70 -23.93 -30.92
CA GLU C 177 -17.98 -22.94 -31.95
C GLU C 177 -18.48 -23.62 -33.21
N LYS C 178 -17.85 -24.74 -33.59
CA LYS C 178 -18.32 -25.48 -34.76
C LYS C 178 -19.73 -26.01 -34.55
N VAL C 179 -20.03 -26.52 -33.36
CA VAL C 179 -21.38 -27.02 -33.10
C VAL C 179 -22.39 -25.89 -33.25
N ASP C 180 -22.08 -24.72 -32.69
CA ASP C 180 -23.01 -23.61 -32.76
C ASP C 180 -23.21 -23.15 -34.19
N VAL C 181 -22.12 -23.00 -34.96
CA VAL C 181 -22.24 -22.55 -36.33
C VAL C 181 -23.05 -23.55 -37.15
N LEU C 182 -22.78 -24.85 -36.95
CA LEU C 182 -23.53 -25.86 -37.67
C LEU C 182 -25.01 -25.80 -37.31
N ARG C 183 -25.32 -25.64 -36.01
CA ARG C 183 -26.71 -25.58 -35.59
C ARG C 183 -27.41 -24.40 -36.24
N ALA C 184 -26.77 -23.24 -36.23
CA ALA C 184 -27.37 -22.06 -36.88
C ALA C 184 -27.48 -22.25 -38.38
N LEU C 185 -26.56 -23.02 -38.98
CA LEU C 185 -26.63 -23.25 -40.41
C LEU C 185 -27.78 -24.17 -40.81
N GLY C 186 -28.46 -24.79 -39.85
CA GLY C 186 -29.56 -25.66 -40.17
C GLY C 186 -29.17 -27.08 -40.48
N ALA C 187 -27.92 -27.47 -40.22
CA ALA C 187 -27.49 -28.84 -40.44
C ALA C 187 -27.65 -29.65 -39.15
N GLU C 188 -28.36 -30.75 -39.24
CA GLU C 188 -28.59 -31.61 -38.09
C GLU C 188 -27.28 -32.21 -37.62
N ILE C 189 -27.16 -32.39 -36.31
CA ILE C 189 -25.93 -32.87 -35.69
C ILE C 189 -26.28 -33.95 -34.67
N VAL C 190 -25.51 -35.04 -34.67
CA VAL C 190 -25.73 -36.17 -33.77
C VAL C 190 -24.44 -36.46 -33.04
N ARG C 191 -24.55 -36.71 -31.73
CA ARG C 191 -23.40 -36.97 -30.88
C ARG C 191 -23.29 -38.46 -30.60
N THR C 192 -22.07 -38.94 -30.41
CA THR C 192 -21.77 -40.36 -30.29
C THR C 192 -20.62 -40.58 -29.31
N PRO C 193 -20.25 -41.84 -29.01
CA PRO C 193 -19.08 -42.08 -28.17
C PRO C 193 -17.80 -41.55 -28.82
N THR C 194 -16.85 -41.14 -27.97
CA THR C 194 -15.65 -40.45 -28.44
C THR C 194 -14.44 -41.36 -28.55
N ASN C 195 -14.28 -42.31 -27.62
CA ASN C 195 -13.03 -43.04 -27.49
C ASN C 195 -12.93 -44.25 -28.39
N ALA C 196 -13.95 -44.53 -29.21
CA ALA C 196 -13.90 -45.69 -30.09
C ALA C 196 -12.97 -45.44 -31.27
N ARG C 197 -12.21 -46.46 -31.64
CA ARG C 197 -11.33 -46.35 -32.80
C ARG C 197 -12.15 -46.33 -34.08
N PHE C 198 -11.59 -45.70 -35.12
CA PHE C 198 -12.38 -45.42 -36.32
C PHE C 198 -13.01 -46.68 -36.90
N ASP C 199 -12.23 -47.75 -37.04
CA ASP C 199 -12.72 -48.96 -37.66
C ASP C 199 -13.78 -49.67 -36.82
N SER C 200 -13.72 -49.50 -35.50
CA SER C 200 -14.72 -50.11 -34.64
C SER C 200 -16.10 -49.59 -35.05
N PRO C 201 -17.08 -50.46 -35.30
CA PRO C 201 -18.37 -49.97 -35.82
C PRO C 201 -19.02 -48.92 -34.94
N GLU C 202 -18.78 -48.95 -33.63
CA GLU C 202 -19.41 -48.01 -32.71
C GLU C 202 -18.96 -46.57 -32.94
N SER C 203 -17.86 -46.35 -33.64
CA SER C 203 -17.27 -45.03 -33.77
C SER C 203 -18.11 -44.15 -34.71
N HIS C 204 -17.68 -42.90 -34.84
CA HIS C 204 -18.46 -41.93 -35.60
C HIS C 204 -18.58 -42.35 -37.07
N VAL C 205 -17.49 -42.80 -37.69
CA VAL C 205 -17.59 -43.24 -39.07
C VAL C 205 -18.53 -44.43 -39.19
N GLY C 206 -18.44 -45.37 -38.26
CA GLY C 206 -19.37 -46.50 -38.29
C GLY C 206 -20.80 -46.07 -38.06
N VAL C 207 -21.01 -45.10 -37.17
CA VAL C 207 -22.36 -44.60 -36.93
C VAL C 207 -22.92 -43.98 -38.21
N ALA C 208 -22.09 -43.17 -38.89
CA ALA C 208 -22.53 -42.56 -40.13
C ALA C 208 -22.83 -43.62 -41.17
N TRP C 209 -22.01 -44.67 -41.23
CA TRP C 209 -22.26 -45.74 -42.18
C TRP C 209 -23.60 -46.42 -41.90
N ARG C 210 -23.87 -46.73 -40.63
CA ARG C 210 -25.12 -47.41 -40.31
C ARG C 210 -26.31 -46.51 -40.59
N LEU C 211 -26.15 -45.19 -40.36
CA LEU C 211 -27.20 -44.26 -40.74
C LEU C 211 -27.40 -44.25 -42.25
N LYS C 212 -26.31 -44.27 -43.00
CA LYS C 212 -26.41 -44.34 -44.45
C LYS C 212 -27.14 -45.59 -44.91
N ASN C 213 -26.95 -46.70 -44.21
CA ASN C 213 -27.74 -47.90 -44.46
C ASN C 213 -29.18 -47.76 -44.00
N GLU C 214 -29.43 -46.88 -43.01
CA GLU C 214 -30.76 -46.78 -42.43
C GLU C 214 -31.68 -45.88 -43.25
N ILE C 215 -31.32 -44.62 -43.40
CA ILE C 215 -32.20 -43.61 -43.99
C ILE C 215 -32.12 -43.73 -45.51
N PRO C 216 -33.24 -43.80 -46.22
CA PRO C 216 -33.19 -44.00 -47.67
C PRO C 216 -32.84 -42.71 -48.40
N ASN C 217 -32.41 -42.89 -49.65
CA ASN C 217 -32.15 -41.77 -50.56
C ASN C 217 -31.10 -40.82 -50.01
N SER C 218 -30.10 -41.38 -49.31
CA SER C 218 -29.04 -40.59 -48.70
C SER C 218 -27.69 -41.14 -49.13
N HIS C 219 -26.68 -40.28 -49.12
CA HIS C 219 -25.35 -40.64 -49.54
C HIS C 219 -24.33 -40.19 -48.50
N ILE C 220 -23.19 -40.87 -48.49
CA ILE C 220 -22.01 -40.39 -47.78
C ILE C 220 -20.97 -40.03 -48.83
N LEU C 221 -20.49 -38.79 -48.78
CA LEU C 221 -19.56 -38.31 -49.77
C LEU C 221 -18.14 -38.84 -49.56
N ASP C 222 -17.82 -39.27 -48.34
CA ASP C 222 -16.61 -40.06 -48.08
C ASP C 222 -15.36 -39.37 -48.62
N GLN C 223 -15.04 -38.23 -47.99
CA GLN C 223 -13.87 -37.47 -48.41
C GLN C 223 -12.58 -38.27 -48.32
N TYR C 224 -12.47 -39.18 -47.34
CA TYR C 224 -11.23 -39.94 -47.20
C TYR C 224 -10.95 -40.78 -48.43
N ARG C 225 -11.98 -41.10 -49.22
CA ARG C 225 -11.84 -41.99 -50.37
C ARG C 225 -12.34 -41.37 -51.66
N ASN C 226 -13.28 -40.43 -51.62
CA ASN C 226 -13.82 -39.86 -52.84
C ASN C 226 -12.72 -39.12 -53.60
N ALA C 227 -12.60 -39.44 -54.89
CA ALA C 227 -11.57 -38.79 -55.70
C ALA C 227 -11.87 -37.31 -55.90
N SER C 228 -13.09 -36.87 -55.65
CA SER C 228 -13.39 -35.45 -55.79
C SER C 228 -12.53 -34.61 -54.86
N ASN C 229 -12.13 -35.16 -53.71
CA ASN C 229 -11.43 -34.37 -52.72
C ASN C 229 -10.14 -33.80 -53.29
N PRO C 230 -9.13 -34.62 -53.59
CA PRO C 230 -7.90 -34.04 -54.14
C PRO C 230 -8.12 -33.41 -55.50
N LEU C 231 -9.14 -33.85 -56.23
CA LEU C 231 -9.41 -33.25 -57.54
C LEU C 231 -9.73 -31.77 -57.42
N ALA C 232 -10.51 -31.39 -56.41
CA ALA C 232 -10.86 -29.99 -56.27
C ALA C 232 -9.60 -29.14 -56.19
N HIS C 233 -8.67 -29.51 -55.31
CA HIS C 233 -7.43 -28.76 -55.21
C HIS C 233 -6.63 -28.84 -56.50
N TYR C 234 -6.48 -30.04 -57.06
CA TYR C 234 -5.66 -30.19 -58.26
C TYR C 234 -6.17 -29.32 -59.39
N ASP C 235 -7.48 -29.11 -59.47
CA ASP C 235 -8.04 -28.28 -60.53
C ASP C 235 -7.89 -26.80 -60.20
N THR C 236 -8.44 -26.37 -59.07
CA THR C 236 -8.49 -24.94 -58.77
C THR C 236 -7.25 -24.47 -58.01
N THR C 237 -6.99 -25.03 -56.84
CA THR C 237 -5.99 -24.45 -55.96
C THR C 237 -4.62 -24.43 -56.63
N ALA C 238 -4.20 -25.55 -57.21
CA ALA C 238 -2.87 -25.62 -57.80
C ALA C 238 -2.72 -24.58 -58.91
N ASP C 239 -3.74 -24.46 -59.77
CA ASP C 239 -3.68 -23.45 -60.81
C ASP C 239 -3.57 -22.06 -60.21
N GLU C 240 -4.35 -21.78 -59.16
CA GLU C 240 -4.28 -20.45 -58.55
C GLU C 240 -2.87 -20.15 -58.06
N ILE C 241 -2.29 -21.04 -57.27
CA ILE C 241 -0.97 -20.77 -56.70
C ILE C 241 0.07 -20.63 -57.80
N LEU C 242 0.09 -21.58 -58.74
CA LEU C 242 1.14 -21.53 -59.75
C LEU C 242 0.99 -20.32 -60.64
N GLN C 243 -0.25 -19.87 -60.87
CA GLN C 243 -0.46 -18.69 -61.70
C GLN C 243 -0.09 -17.42 -60.94
N GLN C 244 -0.33 -17.38 -59.63
CA GLN C 244 -0.02 -16.19 -58.86
C GLN C 244 1.48 -16.10 -58.55
N CYS C 245 2.23 -17.17 -58.83
CA CYS C 245 3.68 -17.15 -58.69
C CYS C 245 4.37 -17.44 -60.03
N ASP C 246 3.63 -17.29 -61.13
CA ASP C 246 4.17 -17.56 -62.47
C ASP C 246 4.64 -19.01 -62.59
N GLY C 247 4.14 -19.88 -61.72
CA GLY C 247 4.54 -21.27 -61.74
C GLY C 247 6.00 -21.51 -61.45
N LYS C 248 6.61 -20.68 -60.61
CA LYS C 248 8.04 -20.80 -60.30
C LYS C 248 8.26 -20.71 -58.80
N LEU C 249 7.51 -21.47 -58.03
CA LEU C 249 7.65 -21.45 -56.57
C LEU C 249 8.66 -22.49 -56.11
N ASP C 250 9.57 -22.07 -55.26
CA ASP C 250 10.67 -22.95 -54.85
C ASP C 250 10.17 -24.16 -54.08
N MET C 251 9.34 -23.94 -53.06
CA MET C 251 8.89 -25.04 -52.21
C MET C 251 7.47 -24.76 -51.76
N LEU C 252 6.73 -25.82 -51.44
CA LEU C 252 5.40 -25.72 -50.90
C LEU C 252 5.33 -26.47 -49.59
N VAL C 253 4.80 -25.83 -48.55
CA VAL C 253 4.56 -26.46 -47.26
C VAL C 253 3.06 -26.52 -47.07
N ALA C 254 2.57 -27.60 -46.49
CA ALA C 254 1.14 -27.71 -46.28
C ALA C 254 0.85 -28.90 -45.37
N SER C 255 0.03 -28.67 -44.35
CA SER C 255 -0.32 -29.75 -43.45
C SER C 255 -1.16 -30.79 -44.18
N VAL C 256 -1.35 -31.93 -43.54
CA VAL C 256 -2.15 -33.02 -44.09
C VAL C 256 -3.09 -33.55 -43.01
N GLY C 257 -4.37 -33.65 -43.36
CA GLY C 257 -5.32 -34.37 -42.52
C GLY C 257 -6.18 -35.31 -43.34
N THR C 258 -6.20 -35.11 -44.65
CA THR C 258 -6.82 -36.04 -45.59
C THR C 258 -6.01 -36.24 -46.85
N GLY C 259 -4.89 -35.55 -47.02
CA GLY C 259 -4.11 -35.65 -48.22
C GLY C 259 -4.63 -34.82 -49.35
N GLY C 260 -5.82 -34.25 -49.23
CA GLY C 260 -6.38 -33.46 -50.29
C GLY C 260 -5.42 -32.39 -50.75
N THR C 261 -5.13 -31.43 -49.88
CA THR C 261 -4.32 -30.29 -50.29
C THR C 261 -2.96 -30.75 -50.80
N ILE C 262 -2.25 -31.56 -50.03
CA ILE C 262 -0.86 -31.83 -50.37
C ILE C 262 -0.77 -32.65 -51.65
N THR C 263 -1.55 -33.73 -51.76
CA THR C 263 -1.49 -34.54 -52.98
C THR C 263 -2.00 -33.76 -54.19
N GLY C 264 -3.16 -33.12 -54.05
CA GLY C 264 -3.71 -32.41 -55.19
C GLY C 264 -2.77 -31.34 -55.71
N ILE C 265 -2.18 -30.57 -54.81
CA ILE C 265 -1.28 -29.51 -55.26
C ILE C 265 0.02 -30.11 -55.79
N ALA C 266 0.53 -31.14 -55.12
CA ALA C 266 1.82 -31.69 -55.52
C ALA C 266 1.78 -32.28 -56.91
N ARG C 267 0.70 -33.00 -57.24
CA ARG C 267 0.62 -33.61 -58.55
C ARG C 267 0.65 -32.55 -59.65
N LYS C 268 -0.18 -31.52 -59.51
CA LYS C 268 -0.20 -30.47 -60.52
C LYS C 268 1.13 -29.73 -60.58
N LEU C 269 1.74 -29.49 -59.42
CA LEU C 269 3.02 -28.78 -59.41
C LEU C 269 4.10 -29.60 -60.11
N LYS C 270 4.14 -30.90 -59.86
CA LYS C 270 5.12 -31.75 -60.54
C LYS C 270 4.85 -31.79 -62.04
N GLU C 271 3.59 -31.86 -62.45
CA GLU C 271 3.28 -31.92 -63.86
C GLU C 271 3.53 -30.58 -64.55
N LYS C 272 3.56 -29.49 -63.77
CA LYS C 272 3.80 -28.16 -64.30
C LYS C 272 5.13 -27.57 -63.86
N CYS C 273 5.69 -28.02 -62.74
CA CYS C 273 6.90 -27.43 -62.18
C CYS C 273 7.66 -28.50 -61.42
N PRO C 274 8.38 -29.36 -62.15
CA PRO C 274 9.06 -30.49 -61.48
C PRO C 274 10.12 -30.07 -60.48
N GLY C 275 10.68 -28.87 -60.60
CA GLY C 275 11.78 -28.49 -59.74
C GLY C 275 11.40 -28.20 -58.31
N CYS C 276 10.12 -27.91 -58.05
CA CYS C 276 9.70 -27.49 -56.72
C CYS C 276 9.68 -28.66 -55.75
N ARG C 277 9.95 -28.36 -54.49
CA ARG C 277 9.93 -29.34 -53.41
C ARG C 277 8.66 -29.16 -52.60
N ILE C 278 8.06 -30.28 -52.19
CA ILE C 278 6.83 -30.28 -51.42
C ILE C 278 7.15 -30.79 -50.02
N ILE C 279 6.75 -30.04 -49.01
CA ILE C 279 7.01 -30.39 -47.62
C ILE C 279 5.67 -30.62 -46.95
N GLY C 280 5.47 -31.81 -46.42
CA GLY C 280 4.28 -32.11 -45.65
C GLY C 280 4.52 -31.72 -44.20
N VAL C 281 3.44 -31.63 -43.44
CA VAL C 281 3.50 -31.43 -42.00
C VAL C 281 2.52 -32.38 -41.36
N ASP C 282 2.91 -32.95 -40.23
CA ASP C 282 2.11 -33.93 -39.56
C ASP C 282 2.19 -33.69 -38.06
N PRO C 283 1.08 -33.69 -37.34
CA PRO C 283 1.16 -33.53 -35.89
C PRO C 283 1.83 -34.72 -35.23
N GLU C 284 2.41 -34.48 -34.06
CA GLU C 284 2.91 -35.59 -33.25
C GLU C 284 1.73 -36.39 -32.70
N GLY C 285 1.80 -37.71 -32.85
CA GLY C 285 0.74 -38.59 -32.45
C GLY C 285 -0.01 -39.23 -33.61
N SER C 286 -0.03 -38.58 -34.77
CA SER C 286 -0.58 -39.20 -35.96
C SER C 286 0.49 -40.05 -36.65
N ILE C 287 0.05 -40.86 -37.61
CA ILE C 287 0.94 -41.84 -38.22
C ILE C 287 0.88 -41.80 -39.74
N LEU C 288 0.47 -40.66 -40.30
CA LEU C 288 0.55 -40.50 -41.75
C LEU C 288 2.00 -40.44 -42.19
N ALA C 289 2.84 -39.70 -41.46
CA ALA C 289 4.19 -39.41 -41.91
C ALA C 289 4.99 -40.68 -42.12
N GLU C 290 5.80 -40.67 -43.17
CA GLU C 290 6.69 -41.77 -43.48
C GLU C 290 8.12 -41.27 -43.59
N PRO C 291 9.11 -42.11 -43.31
CA PRO C 291 9.00 -43.51 -42.88
C PRO C 291 8.52 -43.60 -41.43
N GLU C 292 8.30 -44.82 -40.92
CA GLU C 292 7.69 -44.96 -39.60
C GLU C 292 8.52 -44.32 -38.51
N GLU C 293 9.85 -44.43 -38.60
CA GLU C 293 10.71 -44.08 -37.47
C GLU C 293 10.54 -42.63 -37.03
N LEU C 294 10.01 -41.76 -37.88
CA LEU C 294 9.72 -40.40 -37.46
C LEU C 294 8.58 -40.34 -36.46
N ASN C 295 7.74 -41.37 -36.41
CA ASN C 295 6.55 -41.37 -35.56
C ASN C 295 6.79 -42.01 -34.20
N GLN C 296 7.99 -41.88 -33.64
CA GLN C 296 8.25 -42.45 -32.33
C GLN C 296 7.81 -41.50 -31.23
N THR C 297 6.58 -41.70 -30.74
CA THR C 297 6.04 -40.90 -29.64
C THR C 297 5.11 -41.79 -28.82
N GLU C 298 4.78 -41.29 -27.63
CA GLU C 298 3.98 -42.10 -26.70
C GLU C 298 2.50 -41.81 -26.81
N GLN C 299 2.10 -40.54 -26.71
CA GLN C 299 0.70 -40.18 -26.70
C GLN C 299 0.04 -40.45 -28.05
N THR C 300 -1.30 -40.48 -28.04
CA THR C 300 -2.08 -40.74 -29.23
C THR C 300 -3.13 -39.66 -29.49
N THR C 301 -3.04 -38.53 -28.80
CA THR C 301 -3.97 -37.43 -29.01
C THR C 301 -3.21 -36.11 -28.95
N TYR C 302 -3.73 -35.10 -29.63
CA TYR C 302 -3.14 -33.78 -29.60
C TYR C 302 -4.24 -32.75 -29.73
N GLU C 303 -3.94 -31.54 -29.24
CA GLU C 303 -4.95 -30.50 -29.14
C GLU C 303 -5.37 -29.96 -30.51
N VAL C 304 -4.41 -29.73 -31.41
CA VAL C 304 -4.73 -29.11 -32.69
C VAL C 304 -5.67 -30.04 -33.47
N GLU C 305 -6.57 -29.43 -34.23
CA GLU C 305 -7.63 -30.15 -34.91
C GLU C 305 -7.30 -30.35 -36.39
N GLY C 306 -8.13 -31.14 -37.04
CA GLY C 306 -8.00 -31.34 -38.48
C GLY C 306 -6.84 -32.20 -38.93
N ILE C 307 -5.62 -31.75 -38.67
CA ILE C 307 -4.45 -32.39 -39.26
C ILE C 307 -4.16 -33.72 -38.58
N GLY C 308 -3.57 -34.64 -39.32
CA GLY C 308 -3.16 -35.92 -38.79
C GLY C 308 -4.29 -36.91 -38.63
N TYR C 309 -4.00 -38.19 -38.84
CA TYR C 309 -4.94 -39.26 -38.60
C TYR C 309 -4.18 -40.53 -38.23
N ASP C 310 -4.88 -41.47 -37.62
CA ASP C 310 -4.27 -42.72 -37.17
C ASP C 310 -4.28 -43.79 -38.25
N PHE C 311 -4.53 -43.42 -39.50
CA PHE C 311 -4.58 -44.36 -40.60
C PHE C 311 -4.18 -43.64 -41.86
N ILE C 312 -3.79 -44.41 -42.87
CA ILE C 312 -3.42 -43.84 -44.17
C ILE C 312 -4.67 -43.83 -45.04
N PRO C 313 -5.19 -42.67 -45.43
CA PRO C 313 -6.36 -42.65 -46.31
C PRO C 313 -5.97 -42.88 -47.77
N THR C 314 -6.92 -43.44 -48.52
CA THR C 314 -6.66 -43.78 -49.92
C THR C 314 -6.44 -42.55 -50.79
N VAL C 315 -7.05 -41.42 -50.45
CA VAL C 315 -6.81 -40.21 -51.22
C VAL C 315 -5.38 -39.75 -51.04
N LEU C 316 -4.83 -39.89 -49.84
CA LEU C 316 -3.51 -39.34 -49.54
C LEU C 316 -2.46 -40.19 -50.25
N ASP C 317 -2.03 -39.71 -51.43
CA ASP C 317 -0.97 -40.37 -52.19
C ASP C 317 0.38 -39.96 -51.60
N ARG C 318 0.85 -40.77 -50.65
CA ARG C 318 2.08 -40.43 -49.95
C ARG C 318 3.32 -40.50 -50.84
N THR C 319 3.22 -41.07 -52.04
CA THR C 319 4.40 -41.22 -52.88
C THR C 319 4.86 -39.92 -53.51
N VAL C 320 4.04 -38.87 -53.47
CA VAL C 320 4.34 -37.66 -54.23
C VAL C 320 4.97 -36.55 -53.39
N VAL C 321 5.26 -36.80 -52.13
CA VAL C 321 5.78 -35.79 -51.22
C VAL C 321 7.26 -36.02 -51.02
N ASP C 322 8.04 -34.94 -51.03
CA ASP C 322 9.49 -35.08 -50.89
C ASP C 322 9.90 -35.43 -49.48
N LYS C 323 9.29 -34.79 -48.47
CA LYS C 323 9.74 -34.99 -47.11
C LYS C 323 8.58 -34.73 -46.15
N TRP C 324 8.76 -35.18 -44.92
CA TRP C 324 7.78 -34.96 -43.86
C TRP C 324 8.47 -34.37 -42.64
N PHE C 325 7.68 -33.74 -41.79
CA PHE C 325 8.17 -33.19 -40.54
C PHE C 325 7.11 -33.37 -39.48
N LYS C 326 7.53 -33.73 -38.28
CA LYS C 326 6.59 -33.84 -37.17
C LYS C 326 6.53 -32.52 -36.41
N SER C 327 5.38 -32.29 -35.78
CA SER C 327 5.17 -31.06 -35.02
C SER C 327 4.13 -31.32 -33.94
N ASN C 328 4.26 -30.61 -32.83
CA ASN C 328 3.42 -30.81 -31.66
C ASN C 328 2.43 -29.66 -31.51
N ASP C 329 1.69 -29.65 -30.40
CA ASP C 329 0.73 -28.58 -30.17
C ASP C 329 1.42 -27.29 -29.72
N GLU C 330 2.43 -27.41 -28.87
CA GLU C 330 3.00 -26.21 -28.25
C GLU C 330 3.53 -25.25 -29.30
N GLU C 331 4.34 -25.75 -30.22
CA GLU C 331 4.87 -24.88 -31.27
C GLU C 331 3.76 -24.34 -32.15
N ALA C 332 2.76 -25.15 -32.45
CA ALA C 332 1.66 -24.68 -33.29
C ALA C 332 0.95 -23.49 -32.64
N PHE C 333 0.59 -23.60 -31.37
CA PHE C 333 -0.15 -22.52 -30.73
C PHE C 333 0.73 -21.37 -30.30
N THR C 334 2.05 -21.54 -30.23
CA THR C 334 2.91 -20.38 -30.09
C THR C 334 2.99 -19.61 -31.42
N PHE C 335 3.18 -20.32 -32.52
CA PHE C 335 3.30 -19.66 -33.80
C PHE C 335 1.98 -19.05 -34.24
N ALA C 336 0.85 -19.63 -33.83
CA ALA C 336 -0.43 -19.03 -34.19
C ALA C 336 -0.56 -17.63 -33.61
N ARG C 337 -0.32 -17.49 -32.30
CA ARG C 337 -0.38 -16.17 -31.69
C ARG C 337 0.69 -15.25 -32.28
N MET C 338 1.88 -15.77 -32.52
CA MET C 338 2.92 -14.92 -33.11
C MET C 338 2.47 -14.41 -34.48
N LEU C 339 1.85 -15.27 -35.28
CA LEU C 339 1.37 -14.86 -36.60
C LEU C 339 0.29 -13.79 -36.47
N ILE C 340 -0.70 -14.02 -35.61
CA ILE C 340 -1.77 -13.04 -35.46
C ILE C 340 -1.19 -11.69 -35.04
N ALA C 341 -0.32 -11.69 -34.04
CA ALA C 341 0.17 -10.44 -33.49
C ALA C 341 1.18 -9.73 -34.39
N GLN C 342 1.90 -10.45 -35.24
CA GLN C 342 2.97 -9.83 -36.01
C GLN C 342 2.70 -9.75 -37.50
N GLU C 343 1.59 -10.29 -38.00
CA GLU C 343 1.26 -10.19 -39.41
C GLU C 343 -0.19 -9.83 -39.69
N GLY C 344 -1.10 -10.06 -38.74
CA GLY C 344 -2.49 -9.70 -38.92
C GLY C 344 -3.35 -10.76 -39.58
N LEU C 345 -2.78 -11.89 -40.00
CA LEU C 345 -3.58 -12.97 -40.56
C LEU C 345 -4.31 -13.66 -39.41
N LEU C 346 -5.64 -13.60 -39.41
CA LEU C 346 -6.44 -14.20 -38.35
C LEU C 346 -6.62 -15.70 -38.61
N CYS C 347 -5.52 -16.43 -38.53
CA CYS C 347 -5.50 -17.84 -38.90
C CYS C 347 -5.73 -18.74 -37.70
N GLY C 348 -5.84 -20.04 -37.96
CA GLY C 348 -6.08 -21.03 -36.95
C GLY C 348 -4.82 -21.82 -36.58
N GLY C 349 -5.02 -22.85 -35.76
CA GLY C 349 -3.88 -23.57 -35.23
C GLY C 349 -3.06 -24.28 -36.27
N SER C 350 -3.72 -24.99 -37.18
CA SER C 350 -2.97 -25.73 -38.20
C SER C 350 -2.10 -24.80 -39.03
N ALA C 351 -2.56 -23.57 -39.24
CA ALA C 351 -1.71 -22.58 -39.90
C ALA C 351 -0.45 -22.34 -39.09
N GLY C 352 -0.60 -22.24 -37.77
CA GLY C 352 0.58 -22.11 -36.92
C GLY C 352 1.53 -23.28 -37.11
N SER C 353 1.00 -24.49 -37.14
CA SER C 353 1.87 -25.65 -37.35
C SER C 353 2.61 -25.54 -38.67
N THR C 354 1.90 -25.16 -39.72
CA THR C 354 2.51 -25.11 -41.05
C THR C 354 3.63 -24.08 -41.11
N VAL C 355 3.40 -22.89 -40.56
CA VAL C 355 4.45 -21.88 -40.55
C VAL C 355 5.60 -22.32 -39.67
N ALA C 356 5.31 -22.95 -38.53
CA ALA C 356 6.35 -23.41 -37.63
C ALA C 356 7.20 -24.50 -38.25
N VAL C 357 6.67 -25.23 -39.23
CA VAL C 357 7.51 -26.19 -39.95
C VAL C 357 8.27 -25.52 -41.08
N ALA C 358 7.62 -24.60 -41.81
CA ALA C 358 8.30 -23.93 -42.90
C ALA C 358 9.49 -23.13 -42.39
N VAL C 359 9.39 -22.61 -41.17
CA VAL C 359 10.48 -21.83 -40.60
C VAL C 359 11.77 -22.64 -40.51
N LYS C 360 11.66 -23.95 -40.29
CA LYS C 360 12.81 -24.84 -40.34
C LYS C 360 13.11 -25.30 -41.76
N ALA C 361 12.10 -25.75 -42.48
CA ALA C 361 12.31 -26.34 -43.79
C ALA C 361 12.87 -25.34 -44.79
N ALA C 362 12.76 -24.04 -44.52
CA ALA C 362 13.25 -23.04 -45.44
C ALA C 362 14.71 -22.67 -45.19
N GLN C 363 15.33 -23.19 -44.13
CA GLN C 363 16.69 -22.77 -43.80
C GLN C 363 17.65 -23.00 -44.95
N GLU C 364 17.54 -24.15 -45.64
CA GLU C 364 18.50 -24.48 -46.67
C GLU C 364 18.48 -23.50 -47.84
N LEU C 365 17.41 -22.72 -47.99
CA LEU C 365 17.26 -21.88 -49.17
C LEU C 365 18.15 -20.65 -49.08
N GLN C 366 18.11 -19.84 -50.14
CA GLN C 366 18.95 -18.65 -50.26
C GLN C 366 18.12 -17.51 -50.84
N GLU C 367 18.81 -16.41 -51.13
CA GLU C 367 18.17 -15.22 -51.66
C GLU C 367 17.46 -15.51 -52.98
N GLY C 368 16.43 -14.73 -53.26
CA GLY C 368 15.74 -14.79 -54.54
C GLY C 368 14.74 -15.90 -54.68
N GLN C 369 14.49 -16.68 -53.64
CA GLN C 369 13.62 -17.83 -53.73
C GLN C 369 12.27 -17.56 -53.08
N ARG C 370 11.24 -18.23 -53.59
CA ARG C 370 9.86 -17.98 -53.23
C ARG C 370 9.26 -19.25 -52.64
N CYS C 371 8.76 -19.16 -51.41
CA CYS C 371 8.19 -20.29 -50.70
C CYS C 371 6.74 -20.01 -50.33
N VAL C 372 5.88 -20.99 -50.56
CA VAL C 372 4.45 -20.86 -50.33
C VAL C 372 4.06 -21.82 -49.21
N VAL C 373 3.15 -21.37 -48.35
CA VAL C 373 2.56 -22.23 -47.34
C VAL C 373 1.05 -22.09 -47.45
N ILE C 374 0.34 -22.96 -46.73
CA ILE C 374 -1.11 -22.97 -46.76
C ILE C 374 -1.60 -22.66 -45.36
N LEU C 375 -2.40 -21.60 -45.22
CA LEU C 375 -3.02 -21.28 -43.96
C LEU C 375 -4.45 -21.79 -43.99
N PRO C 376 -4.74 -22.95 -43.43
CA PRO C 376 -6.01 -23.61 -43.74
C PRO C 376 -7.25 -22.86 -43.30
N ASP C 377 -7.39 -22.49 -42.02
CA ASP C 377 -8.71 -22.11 -41.55
C ASP C 377 -8.65 -20.86 -40.68
N SER C 378 -9.79 -20.18 -40.59
CA SER C 378 -9.89 -18.90 -39.90
C SER C 378 -9.90 -19.09 -38.40
N VAL C 379 -9.68 -17.99 -37.68
CA VAL C 379 -9.63 -18.04 -36.22
C VAL C 379 -11.00 -18.26 -35.61
N ARG C 380 -12.06 -18.11 -36.40
CA ARG C 380 -13.43 -18.19 -35.89
C ARG C 380 -13.67 -19.44 -35.07
N ASN C 381 -13.14 -20.57 -35.52
CA ASN C 381 -13.44 -21.84 -34.87
C ASN C 381 -12.74 -22.01 -33.53
N TYR C 382 -11.83 -21.12 -33.16
CA TYR C 382 -11.02 -21.30 -31.96
C TYR C 382 -11.05 -20.11 -31.01
N MET C 383 -12.18 -19.43 -30.88
CA MET C 383 -12.21 -18.26 -30.01
C MET C 383 -11.93 -18.65 -28.56
N THR C 384 -12.67 -19.62 -28.04
CA THR C 384 -12.49 -20.03 -26.66
C THR C 384 -11.17 -20.74 -26.42
N LYS C 385 -10.54 -21.24 -27.49
CA LYS C 385 -9.27 -21.94 -27.42
C LYS C 385 -8.12 -20.94 -27.51
N PHE C 386 -6.96 -21.39 -27.98
CA PHE C 386 -5.68 -20.74 -27.69
C PHE C 386 -5.76 -19.22 -27.64
N LEU C 387 -6.69 -18.59 -28.36
CA LEU C 387 -6.86 -17.16 -28.16
C LEU C 387 -7.07 -16.82 -26.69
N SER C 388 -7.77 -17.67 -25.95
CA SER C 388 -8.03 -17.41 -24.53
C SER C 388 -6.81 -17.80 -23.72
N ASP C 389 -6.16 -16.81 -23.10
CA ASP C 389 -4.99 -17.10 -22.29
C ASP C 389 -5.32 -18.09 -21.18
N ARG C 390 -6.55 -18.06 -20.69
CA ARG C 390 -6.97 -19.03 -19.67
C ARG C 390 -6.77 -20.46 -20.20
N TRP C 391 -7.23 -20.71 -21.42
CA TRP C 391 -7.09 -22.05 -21.98
C TRP C 391 -5.63 -22.42 -22.20
N MET C 392 -4.81 -21.47 -22.65
CA MET C 392 -3.39 -21.76 -22.83
C MET C 392 -2.72 -22.12 -21.51
N LEU C 393 -3.02 -21.38 -20.44
CA LEU C 393 -2.46 -21.74 -19.15
C LEU C 393 -2.97 -23.09 -18.66
N GLN C 394 -4.26 -23.34 -18.82
CA GLN C 394 -4.82 -24.61 -18.36
C GLN C 394 -4.16 -25.79 -19.08
N LYS C 395 -3.97 -25.67 -20.40
CA LYS C 395 -3.26 -26.70 -21.14
C LYS C 395 -1.75 -26.64 -20.93
N GLY C 396 -1.23 -25.55 -20.37
CA GLY C 396 0.18 -25.49 -20.05
C GLY C 396 1.08 -25.09 -21.20
N PHE C 397 0.52 -24.86 -22.39
CA PHE C 397 1.36 -24.39 -23.49
C PHE C 397 2.02 -23.07 -23.15
N LEU C 398 1.26 -22.15 -22.56
CA LEU C 398 1.85 -20.91 -22.07
C LEU C 398 2.13 -21.02 -20.58
N LYS C 399 3.28 -20.47 -20.17
CA LYS C 399 3.73 -20.57 -18.79
C LYS C 399 3.84 -19.20 -18.18
N GLU C 400 3.54 -19.12 -16.88
CA GLU C 400 3.42 -17.82 -16.21
C GLU C 400 4.68 -17.00 -16.37
N GLU C 401 5.84 -17.64 -16.28
CA GLU C 401 7.09 -16.90 -16.37
C GLU C 401 7.19 -16.14 -17.69
N ASP C 402 6.88 -16.83 -18.80
CA ASP C 402 6.90 -16.15 -20.09
C ASP C 402 5.83 -15.08 -20.17
N LEU C 403 4.67 -15.33 -19.58
CA LEU C 403 3.57 -14.38 -19.64
C LEU C 403 3.93 -13.07 -18.97
N THR C 404 4.56 -13.15 -17.80
CA THR C 404 4.74 -11.98 -16.95
C THR C 404 6.11 -11.33 -17.05
N GLU C 405 7.18 -12.11 -17.24
CA GLU C 405 8.52 -11.55 -17.14
C GLU C 405 8.81 -10.53 -18.24
N LYS C 406 8.00 -10.49 -19.30
CA LYS C 406 8.18 -9.51 -20.36
C LYS C 406 7.27 -8.29 -20.23
N LYS C 407 6.43 -8.23 -19.19
CA LYS C 407 5.56 -7.09 -19.00
C LYS C 407 6.31 -5.94 -18.36
N PRO C 408 5.76 -4.72 -18.43
CA PRO C 408 6.47 -3.57 -17.86
C PRO C 408 6.77 -3.77 -16.39
N TRP C 409 7.70 -2.95 -15.88
CA TRP C 409 8.21 -3.14 -14.53
C TRP C 409 7.10 -3.03 -13.48
N TRP C 410 6.03 -2.29 -13.76
CA TRP C 410 4.98 -2.12 -12.77
C TRP C 410 4.02 -3.29 -12.70
N TRP C 411 4.22 -4.32 -13.54
CA TRP C 411 3.26 -5.41 -13.62
C TRP C 411 3.20 -6.22 -12.33
N HIS C 412 4.27 -6.21 -11.53
CA HIS C 412 4.36 -7.08 -10.37
C HIS C 412 4.05 -6.38 -9.05
N LEU C 413 3.61 -5.14 -9.07
CA LEU C 413 3.33 -4.44 -7.83
C LEU C 413 2.02 -4.94 -7.22
N ARG C 414 1.62 -4.30 -6.13
CA ARG C 414 0.39 -4.63 -5.42
C ARG C 414 -0.57 -3.44 -5.46
N VAL C 415 -1.87 -3.74 -5.55
CA VAL C 415 -2.87 -2.70 -5.67
C VAL C 415 -2.85 -1.73 -4.50
N GLN C 416 -2.33 -2.17 -3.36
CA GLN C 416 -2.22 -1.28 -2.21
C GLN C 416 -1.34 -0.07 -2.51
N GLU C 417 -0.47 -0.15 -3.52
CA GLU C 417 0.44 0.94 -3.84
C GLU C 417 -0.27 2.14 -4.46
N LEU C 418 -1.54 2.01 -4.82
CA LEU C 418 -2.24 3.10 -5.49
C LEU C 418 -2.57 4.22 -4.50
N GLY C 419 -3.02 5.35 -5.04
CA GLY C 419 -3.51 6.44 -4.24
C GLY C 419 -4.99 6.31 -3.94
N LEU C 420 -5.42 5.09 -3.63
CA LEU C 420 -6.83 4.81 -3.43
C LEU C 420 -7.38 5.60 -2.24
N SER C 421 -8.65 5.97 -2.34
CA SER C 421 -9.33 6.67 -1.26
C SER C 421 -10.82 6.70 -1.55
N ALA C 422 -11.61 6.81 -0.49
CA ALA C 422 -13.06 6.90 -0.62
C ALA C 422 -13.63 7.61 0.60
N PRO C 423 -13.49 8.93 0.70
CA PRO C 423 -13.94 9.62 1.90
C PRO C 423 -15.41 9.42 2.20
N LEU C 424 -16.26 9.31 1.19
CA LEU C 424 -17.70 9.32 1.43
C LEU C 424 -18.38 8.31 0.52
N THR C 425 -19.66 8.09 0.81
CA THR C 425 -20.52 7.25 0.01
C THR C 425 -21.91 7.87 0.01
N VAL C 426 -22.87 7.17 -0.58
CA VAL C 426 -24.25 7.64 -0.62
C VAL C 426 -25.20 6.45 -0.64
N LEU C 427 -26.34 6.60 0.01
CA LEU C 427 -27.41 5.62 -0.11
C LEU C 427 -28.06 5.72 -1.48
N PRO C 428 -28.74 4.66 -1.92
CA PRO C 428 -29.43 4.72 -3.22
C PRO C 428 -30.65 5.63 -3.22
N THR C 429 -31.24 5.91 -2.06
CA THR C 429 -32.44 6.74 -2.01
C THR C 429 -32.13 8.22 -2.04
N ILE C 430 -30.86 8.61 -2.08
CA ILE C 430 -30.50 10.02 -2.13
C ILE C 430 -31.10 10.65 -3.38
N THR C 431 -31.37 11.95 -3.30
CA THR C 431 -31.89 12.69 -4.44
C THR C 431 -30.75 13.31 -5.24
N CYS C 432 -31.02 13.54 -6.53
CA CYS C 432 -29.97 14.03 -7.42
C CYS C 432 -29.46 15.40 -6.97
N GLY C 433 -30.36 16.30 -6.59
CA GLY C 433 -29.92 17.61 -6.14
C GLY C 433 -29.06 17.52 -4.90
N HIS C 434 -29.49 16.72 -3.93
CA HIS C 434 -28.65 16.47 -2.77
C HIS C 434 -27.31 15.89 -3.21
N THR C 435 -27.33 15.03 -4.23
CA THR C 435 -26.08 14.44 -4.70
C THR C 435 -25.12 15.51 -5.21
N ILE C 436 -25.59 16.36 -6.11
CA ILE C 436 -24.69 17.36 -6.67
C ILE C 436 -24.18 18.29 -5.59
N GLU C 437 -25.09 18.75 -4.72
CA GLU C 437 -24.67 19.70 -3.69
C GLU C 437 -23.64 19.07 -2.75
N ILE C 438 -23.88 17.84 -2.31
CA ILE C 438 -22.95 17.23 -1.36
C ILE C 438 -21.62 16.93 -2.03
N LEU C 439 -21.65 16.53 -3.29
CA LEU C 439 -20.41 16.20 -3.99
C LEU C 439 -19.56 17.44 -4.23
N ARG C 440 -20.18 18.54 -4.64
CA ARG C 440 -19.42 19.75 -4.89
C ARG C 440 -19.10 20.51 -3.61
N GLU C 441 -19.73 20.15 -2.49
CA GLU C 441 -19.31 20.72 -1.21
C GLU C 441 -17.92 20.25 -0.81
N LYS C 442 -17.47 19.11 -1.34
CA LYS C 442 -16.13 18.63 -1.09
C LYS C 442 -15.24 18.64 -2.33
N GLY C 443 -15.83 18.77 -3.51
CA GLY C 443 -15.04 18.75 -4.73
C GLY C 443 -14.80 17.37 -5.30
N PHE C 444 -15.25 16.32 -4.63
CA PHE C 444 -15.12 14.98 -5.16
C PHE C 444 -16.27 14.70 -6.13
N ASP C 445 -15.94 14.03 -7.24
CA ASP C 445 -16.87 13.85 -8.33
C ASP C 445 -17.41 12.43 -8.45
N GLN C 446 -17.16 11.57 -7.47
CA GLN C 446 -17.67 10.21 -7.51
C GLN C 446 -17.83 9.69 -6.10
N ALA C 447 -18.68 8.68 -5.95
CA ALA C 447 -18.94 8.12 -4.64
C ALA C 447 -19.64 6.78 -4.79
N PRO C 448 -19.11 5.71 -4.20
CA PRO C 448 -19.80 4.42 -4.30
C PRO C 448 -21.20 4.52 -3.71
N VAL C 449 -22.14 3.80 -4.33
CA VAL C 449 -23.52 3.78 -3.86
C VAL C 449 -23.74 2.48 -3.10
N VAL C 450 -23.89 2.59 -1.79
CA VAL C 450 -24.04 1.43 -0.91
C VAL C 450 -25.29 1.62 -0.08
N ASP C 451 -26.14 0.61 -0.04
CA ASP C 451 -27.36 0.70 0.76
C ASP C 451 -27.01 0.59 2.25
N GLU C 452 -28.02 0.78 3.09
CA GLU C 452 -27.81 0.70 4.53
C GLU C 452 -27.38 -0.68 4.99
N ALA C 453 -27.56 -1.71 4.16
CA ALA C 453 -27.14 -3.06 4.49
C ALA C 453 -25.70 -3.35 4.08
N GLY C 454 -24.99 -2.35 3.55
CA GLY C 454 -23.61 -2.53 3.15
C GLY C 454 -23.41 -3.16 1.79
N VAL C 455 -24.49 -3.52 1.09
CA VAL C 455 -24.35 -4.12 -0.22
C VAL C 455 -23.92 -3.05 -1.22
N ILE C 456 -22.84 -3.32 -1.95
CA ILE C 456 -22.35 -2.36 -2.93
C ILE C 456 -23.24 -2.47 -4.17
N LEU C 457 -23.84 -1.35 -4.58
CA LEU C 457 -24.74 -1.32 -5.72
C LEU C 457 -24.09 -0.86 -7.00
N GLY C 458 -23.07 -0.03 -6.92
CA GLY C 458 -22.43 0.45 -8.11
C GLY C 458 -21.71 1.77 -7.85
N MET C 459 -21.97 2.73 -8.72
CA MET C 459 -21.26 4.01 -8.69
C MET C 459 -22.20 5.13 -9.13
N VAL C 460 -21.79 6.36 -8.83
CA VAL C 460 -22.46 7.55 -9.31
C VAL C 460 -21.41 8.65 -9.46
N THR C 461 -21.56 9.45 -10.51
CA THR C 461 -20.55 10.45 -10.85
C THR C 461 -21.20 11.81 -10.99
N LEU C 462 -20.51 12.85 -10.54
CA LEU C 462 -21.07 14.20 -10.60
C LEU C 462 -21.34 14.62 -12.04
N GLY C 463 -20.40 14.35 -12.94
CA GLY C 463 -20.59 14.76 -14.32
C GLY C 463 -21.84 14.16 -14.93
N ASN C 464 -22.12 12.90 -14.61
CA ASN C 464 -23.29 12.25 -15.15
C ASN C 464 -24.57 12.88 -14.61
N MET C 465 -24.59 13.26 -13.34
CA MET C 465 -25.74 13.99 -12.80
C MET C 465 -25.94 15.31 -13.54
N LEU C 466 -24.84 16.04 -13.74
CA LEU C 466 -24.96 17.31 -14.46
C LEU C 466 -25.55 17.09 -15.85
N SER C 467 -25.01 16.11 -16.57
CA SER C 467 -25.48 15.88 -17.94
C SER C 467 -26.93 15.44 -17.96
N SER C 468 -27.31 14.54 -17.05
CA SER C 468 -28.70 14.09 -17.01
C SER C 468 -29.65 15.23 -16.68
N LEU C 469 -29.27 16.10 -15.75
CA LEU C 469 -30.16 17.22 -15.41
C LEU C 469 -30.28 18.19 -16.57
N LEU C 470 -29.15 18.55 -17.19
CA LEU C 470 -29.21 19.48 -18.32
C LEU C 470 -30.02 18.90 -19.47
N ALA C 471 -29.78 17.63 -19.81
CA ALA C 471 -30.45 17.02 -20.95
C ALA C 471 -31.93 16.74 -20.69
N GLY C 472 -32.39 16.89 -19.45
CA GLY C 472 -33.79 16.64 -19.15
C GLY C 472 -34.13 15.17 -19.04
N LYS C 473 -33.13 14.29 -19.01
CA LYS C 473 -33.43 12.88 -18.81
C LYS C 473 -33.91 12.59 -17.40
N VAL C 474 -33.44 13.37 -16.41
CA VAL C 474 -33.79 13.15 -15.02
C VAL C 474 -34.13 14.49 -14.37
N GLN C 475 -34.85 14.42 -13.26
CA GLN C 475 -35.27 15.61 -12.53
C GLN C 475 -34.64 15.60 -11.13
N PRO C 476 -34.53 16.76 -10.49
CA PRO C 476 -33.75 16.85 -9.25
C PRO C 476 -34.21 15.89 -8.17
N SER C 477 -35.50 15.63 -8.06
CA SER C 477 -36.04 14.79 -6.99
C SER C 477 -36.07 13.32 -7.34
N ASP C 478 -35.57 12.93 -8.51
CA ASP C 478 -35.52 11.53 -8.87
C ASP C 478 -34.49 10.79 -8.02
N GLN C 479 -34.81 9.55 -7.67
CA GLN C 479 -33.83 8.72 -6.99
C GLN C 479 -32.72 8.30 -7.94
N VAL C 480 -31.57 7.95 -7.36
CA VAL C 480 -30.38 7.67 -8.16
C VAL C 480 -30.47 6.38 -8.94
N GLY C 481 -31.60 5.67 -8.85
CA GLY C 481 -31.75 4.43 -9.59
C GLY C 481 -31.69 4.60 -11.09
N LYS C 482 -31.78 5.84 -11.58
CA LYS C 482 -31.80 6.09 -13.01
C LYS C 482 -30.42 6.33 -13.60
N VAL C 483 -29.40 6.53 -12.78
CA VAL C 483 -28.10 6.99 -13.28
C VAL C 483 -26.95 6.16 -12.74
N ILE C 484 -27.20 5.41 -11.68
CA ILE C 484 -26.16 4.57 -11.09
C ILE C 484 -25.57 3.64 -12.12
N TYR C 485 -24.24 3.55 -12.16
CA TYR C 485 -23.57 2.55 -12.99
C TYR C 485 -23.61 1.23 -12.22
N LYS C 486 -24.46 0.31 -12.65
CA LYS C 486 -24.74 -0.85 -11.83
C LYS C 486 -23.88 -2.06 -12.22
N GLN C 487 -22.66 -1.82 -12.67
CA GLN C 487 -21.72 -2.89 -12.91
C GLN C 487 -20.32 -2.43 -12.48
N PHE C 488 -19.52 -3.38 -12.01
CA PHE C 488 -18.17 -3.10 -11.55
C PHE C 488 -17.53 -4.42 -11.16
N LYS C 489 -16.22 -4.40 -11.00
CA LYS C 489 -15.46 -5.58 -10.61
C LYS C 489 -14.94 -5.41 -9.20
N GLN C 490 -15.31 -6.32 -8.31
CA GLN C 490 -14.88 -6.26 -6.92
C GLN C 490 -13.52 -6.90 -6.79
N ILE C 491 -12.52 -6.12 -6.37
CA ILE C 491 -11.14 -6.58 -6.30
C ILE C 491 -10.66 -6.44 -4.86
N ARG C 492 -9.58 -7.14 -4.55
CA ARG C 492 -9.05 -7.20 -3.19
C ARG C 492 -7.69 -6.52 -3.10
N LEU C 493 -7.35 -6.06 -1.90
CA LEU C 493 -6.11 -5.34 -1.67
C LEU C 493 -4.87 -6.16 -2.02
N THR C 494 -4.96 -7.50 -1.94
CA THR C 494 -3.78 -8.32 -2.15
C THR C 494 -3.47 -8.51 -3.64
N ASP C 495 -4.39 -8.14 -4.52
CA ASP C 495 -4.25 -8.45 -5.93
C ASP C 495 -3.19 -7.55 -6.58
N THR C 496 -2.39 -8.15 -7.45
CA THR C 496 -1.34 -7.42 -8.12
C THR C 496 -1.92 -6.50 -9.20
N LEU C 497 -1.08 -5.62 -9.73
CA LEU C 497 -1.55 -4.70 -10.76
C LEU C 497 -1.83 -5.43 -12.07
N GLY C 498 -1.18 -6.57 -12.31
CA GLY C 498 -1.50 -7.32 -13.51
C GLY C 498 -2.93 -7.82 -13.50
N ARG C 499 -3.36 -8.37 -12.36
CA ARG C 499 -4.74 -8.80 -12.23
C ARG C 499 -5.69 -7.63 -12.41
N LEU C 500 -5.32 -6.47 -11.89
CA LEU C 500 -6.18 -5.29 -12.06
C LEU C 500 -6.26 -4.88 -13.52
N SER C 501 -5.14 -4.90 -14.24
CA SER C 501 -5.17 -4.52 -15.64
C SER C 501 -6.03 -5.48 -16.45
N HIS C 502 -5.92 -6.77 -16.18
CA HIS C 502 -6.82 -7.72 -16.83
C HIS C 502 -8.27 -7.47 -16.44
N ILE C 503 -8.50 -7.05 -15.20
CA ILE C 503 -9.87 -6.77 -14.78
C ILE C 503 -10.44 -5.60 -15.57
N LEU C 504 -9.65 -4.55 -15.77
CA LEU C 504 -10.15 -3.36 -16.45
C LEU C 504 -10.52 -3.62 -17.90
N GLU C 505 -9.99 -4.67 -18.53
CA GLU C 505 -10.33 -4.93 -19.92
C GLU C 505 -11.77 -5.37 -20.09
N MET C 506 -12.48 -5.69 -19.02
CA MET C 506 -13.86 -6.13 -19.11
C MET C 506 -14.85 -5.20 -18.43
N ASP C 507 -14.45 -4.46 -17.40
CA ASP C 507 -15.33 -3.55 -16.71
C ASP C 507 -14.59 -2.24 -16.49
N HIS C 508 -15.36 -1.17 -16.24
CA HIS C 508 -14.73 0.15 -16.14
C HIS C 508 -14.15 0.39 -14.75
N PHE C 509 -15.00 0.36 -13.72
CA PHE C 509 -14.59 0.69 -12.37
C PHE C 509 -14.12 -0.56 -11.64
N ALA C 510 -12.95 -0.47 -11.02
CA ALA C 510 -12.45 -1.53 -10.15
C ALA C 510 -12.54 -1.04 -8.71
N LEU C 511 -13.41 -1.67 -7.92
CA LEU C 511 -13.63 -1.29 -6.53
C LEU C 511 -12.83 -2.24 -5.65
N VAL C 512 -11.75 -1.72 -5.06
CA VAL C 512 -11.00 -2.48 -4.06
C VAL C 512 -11.81 -2.49 -2.78
N VAL C 513 -12.03 -3.69 -2.23
CA VAL C 513 -12.83 -3.84 -1.03
C VAL C 513 -12.15 -4.81 -0.07
N HIS C 514 -12.65 -4.82 1.16
CA HIS C 514 -12.20 -5.74 2.18
C HIS C 514 -13.42 -6.33 2.87
N GLU C 515 -13.33 -7.61 3.23
CA GLU C 515 -14.43 -8.31 3.87
C GLU C 515 -14.00 -8.79 5.25
N GLN C 516 -14.93 -8.76 6.19
CA GLN C 516 -14.67 -9.19 7.55
C GLN C 516 -15.85 -9.98 8.08
N ILE C 517 -15.56 -10.97 8.91
CA ILE C 517 -16.59 -11.80 9.53
C ILE C 517 -16.66 -11.42 11.00
N GLN C 518 -17.88 -11.20 11.50
CA GLN C 518 -18.09 -10.80 12.88
C GLN C 518 -18.67 -11.99 13.63
N TYR C 519 -17.78 -12.86 14.13
CA TYR C 519 -18.22 -14.08 14.77
C TYR C 519 -18.88 -13.79 16.12
N HIS C 520 -19.94 -14.54 16.42
CA HIS C 520 -20.65 -14.43 17.68
C HIS C 520 -20.46 -15.66 18.56
N SER C 521 -20.78 -16.85 18.03
CA SER C 521 -20.60 -18.10 18.76
C SER C 521 -20.02 -19.16 17.84
N THR C 522 -19.39 -18.72 16.75
CA THR C 522 -18.79 -19.59 15.75
C THR C 522 -19.86 -20.26 14.88
N GLY C 523 -21.12 -20.16 15.29
CA GLY C 523 -22.22 -20.53 14.42
C GLY C 523 -22.87 -19.29 13.84
N LYS C 524 -23.21 -18.36 14.71
CA LYS C 524 -23.81 -17.10 14.29
C LYS C 524 -22.73 -16.14 13.82
N SER C 525 -22.85 -15.68 12.58
CA SER C 525 -21.84 -14.79 12.02
C SER C 525 -22.46 -13.99 10.89
N SER C 526 -21.87 -12.84 10.63
CA SER C 526 -22.24 -12.00 9.50
C SER C 526 -20.97 -11.55 8.80
N GLN C 527 -21.08 -11.25 7.52
CA GLN C 527 -19.94 -10.86 6.71
C GLN C 527 -20.24 -9.54 6.02
N ARG C 528 -19.39 -8.55 6.26
CA ARG C 528 -19.59 -7.21 5.74
C ARG C 528 -18.31 -6.71 5.08
N GLN C 529 -18.49 -5.74 4.18
CA GLN C 529 -17.38 -5.24 3.39
C GLN C 529 -17.47 -3.73 3.27
N MET C 530 -16.41 -3.14 2.73
CA MET C 530 -16.34 -1.69 2.59
C MET C 530 -15.46 -1.37 1.38
N VAL C 531 -15.64 -0.17 0.85
CA VAL C 531 -14.95 0.25 -0.37
C VAL C 531 -13.87 1.25 0.00
N PHE C 532 -12.61 0.87 -0.18
CA PHE C 532 -11.52 1.78 0.13
C PHE C 532 -11.45 2.94 -0.85
N GLY C 533 -11.50 2.62 -2.15
CA GLY C 533 -11.35 3.64 -3.17
C GLY C 533 -11.40 3.05 -4.56
N VAL C 534 -12.08 3.73 -5.45
CA VAL C 534 -12.27 3.25 -6.82
C VAL C 534 -11.02 3.56 -7.63
N VAL C 535 -10.64 2.61 -8.49
CA VAL C 535 -9.53 2.79 -9.40
C VAL C 535 -9.99 2.41 -10.80
N THR C 536 -9.68 3.26 -11.77
CA THR C 536 -10.05 3.05 -13.16
C THR C 536 -8.80 3.08 -14.00
N ALA C 537 -8.95 2.75 -15.28
CA ALA C 537 -7.80 2.78 -16.18
C ALA C 537 -7.11 4.13 -16.14
N ILE C 538 -7.87 5.22 -16.06
CA ILE C 538 -7.25 6.55 -16.00
C ILE C 538 -6.31 6.64 -14.80
N ASP C 539 -6.80 6.27 -13.62
CA ASP C 539 -5.99 6.44 -12.42
C ASP C 539 -4.77 5.52 -12.45
N LEU C 540 -4.94 4.30 -12.93
CA LEU C 540 -3.81 3.38 -13.03
C LEU C 540 -2.75 3.92 -13.97
N LEU C 541 -3.15 4.42 -15.13
CA LEU C 541 -2.18 4.98 -16.06
C LEU C 541 -1.49 6.20 -15.46
N ASN C 542 -2.25 7.04 -14.76
CA ASN C 542 -1.65 8.21 -14.12
C ASN C 542 -0.62 7.79 -13.08
N PHE C 543 -0.93 6.78 -12.27
CA PHE C 543 0.02 6.30 -11.28
C PHE C 543 1.27 5.75 -11.96
N VAL C 544 1.09 5.01 -13.06
CA VAL C 544 2.24 4.46 -13.78
C VAL C 544 3.11 5.58 -14.30
N ALA C 545 2.50 6.63 -14.85
CA ALA C 545 3.28 7.76 -15.32
C ALA C 545 4.02 8.44 -14.18
N ALA C 546 3.36 8.60 -13.04
CA ALA C 546 4.01 9.22 -11.89
C ALA C 546 5.20 8.41 -11.41
N GLN C 547 5.06 7.10 -11.34
CA GLN C 547 6.20 6.26 -10.95
C GLN C 547 7.32 6.31 -11.96
N GLU C 548 6.99 6.29 -13.26
CA GLU C 548 8.01 6.31 -14.29
C GLU C 548 8.85 7.59 -14.21
N ARG C 549 8.18 8.73 -14.05
CA ARG C 549 8.86 10.02 -14.05
C ARG C 549 9.60 10.24 -12.73
N LEU D 43 -11.43 23.40 -23.87
CA LEU D 43 -10.43 22.31 -24.01
C LEU D 43 -10.98 21.19 -24.87
N TRP D 44 -11.96 20.47 -24.33
CA TRP D 44 -12.56 19.35 -25.05
C TRP D 44 -13.39 19.87 -26.22
N ILE D 45 -13.19 19.26 -27.39
CA ILE D 45 -13.93 19.62 -28.59
C ILE D 45 -15.03 18.59 -28.79
N ARG D 46 -16.28 19.06 -28.77
CA ARG D 46 -17.41 18.16 -28.83
C ARG D 46 -17.44 17.43 -30.17
N PRO D 47 -17.97 16.21 -30.21
CA PRO D 47 -18.10 15.49 -31.48
C PRO D 47 -19.39 15.76 -32.23
N ASP D 48 -20.19 16.76 -31.81
CA ASP D 48 -21.47 17.01 -32.44
C ASP D 48 -21.62 18.45 -32.92
N ALA D 49 -20.51 19.16 -33.11
CA ALA D 49 -20.60 20.53 -33.57
C ALA D 49 -21.15 20.58 -35.00
N PRO D 50 -21.69 21.71 -35.43
CA PRO D 50 -22.34 21.76 -36.75
C PRO D 50 -21.38 21.37 -37.87
N SER D 51 -21.93 20.75 -38.90
CA SER D 51 -21.15 20.31 -40.03
C SER D 51 -20.57 21.52 -40.78
N ARG D 52 -19.27 21.47 -41.09
CA ARG D 52 -18.61 22.57 -41.79
C ARG D 52 -18.38 22.30 -43.26
N CYS D 53 -18.88 21.19 -43.81
CA CYS D 53 -18.71 20.92 -45.23
C CYS D 53 -19.66 21.75 -46.06
N THR D 54 -19.25 22.04 -47.30
CA THR D 54 -19.99 22.91 -48.20
C THR D 54 -20.54 22.17 -49.41
N TRP D 55 -20.58 20.83 -49.34
CA TRP D 55 -21.08 20.05 -50.46
C TRP D 55 -22.51 20.46 -50.80
N GLN D 56 -22.72 20.80 -52.07
CA GLN D 56 -24.04 21.15 -52.56
C GLN D 56 -24.34 20.29 -53.77
N LEU D 57 -25.48 19.63 -53.74
CA LEU D 57 -25.78 18.59 -54.72
C LEU D 57 -25.49 19.07 -56.13
N GLY D 58 -24.69 18.30 -56.86
CA GLY D 58 -24.39 18.60 -58.24
C GLY D 58 -23.11 19.38 -58.48
N ARG D 59 -22.51 19.95 -57.43
CA ARG D 59 -21.29 20.73 -57.64
C ARG D 59 -20.18 19.83 -58.17
N PRO D 60 -19.29 20.36 -58.99
CA PRO D 60 -18.19 19.54 -59.51
C PRO D 60 -17.25 19.10 -58.40
N ALA D 61 -16.67 17.91 -58.56
CA ALA D 61 -15.75 17.39 -57.56
C ALA D 61 -14.43 18.16 -57.55
N SER D 62 -14.15 18.95 -58.58
CA SER D 62 -12.90 19.70 -58.61
C SER D 62 -12.78 20.64 -57.43
N GLU D 63 -13.90 21.12 -56.89
CA GLU D 63 -13.86 22.02 -55.75
C GLU D 63 -13.40 21.33 -54.48
N SER D 64 -13.30 20.01 -54.49
CA SER D 64 -13.12 19.26 -53.26
C SER D 64 -11.81 19.66 -52.56
N PRO D 65 -11.88 20.22 -51.36
CA PRO D 65 -10.63 20.39 -50.59
C PRO D 65 -10.05 19.07 -50.12
N HIS D 66 -10.81 17.98 -50.19
CA HIS D 66 -10.35 16.68 -49.71
C HIS D 66 -9.59 15.96 -50.81
N HIS D 67 -8.63 15.13 -50.39
CA HIS D 67 -7.77 14.40 -51.32
C HIS D 67 -8.46 13.10 -51.71
N HIS D 68 -9.26 13.18 -52.77
CA HIS D 68 -9.89 11.99 -53.31
C HIS D 68 -8.86 11.11 -54.01
N THR D 69 -9.05 9.80 -53.90
CA THR D 69 -8.22 8.83 -54.60
C THR D 69 -9.11 7.75 -55.17
N ALA D 70 -8.81 7.30 -56.38
CA ALA D 70 -9.61 6.29 -57.03
C ALA D 70 -9.16 4.89 -56.63
N PRO D 71 -10.01 3.88 -56.84
CA PRO D 71 -9.57 2.50 -56.58
C PRO D 71 -8.43 2.11 -57.50
N ALA D 72 -7.93 0.89 -57.30
CA ALA D 72 -6.86 0.34 -58.11
C ALA D 72 -6.94 -1.18 -58.11
N LYS D 73 -6.34 -1.78 -59.13
CA LYS D 73 -6.23 -3.24 -59.21
C LYS D 73 -5.08 -3.71 -58.34
N SER D 74 -5.37 -4.63 -57.43
CA SER D 74 -4.32 -5.13 -56.54
C SER D 74 -3.38 -6.04 -57.31
N PRO D 75 -2.10 -6.09 -56.90
CA PRO D 75 -1.15 -6.96 -57.60
C PRO D 75 -1.53 -8.42 -57.44
N LYS D 76 -0.82 -9.28 -58.16
CA LYS D 76 -1.13 -10.70 -58.11
C LYS D 76 -0.90 -11.25 -56.70
N ILE D 77 0.21 -10.88 -56.07
CA ILE D 77 0.51 -11.28 -54.70
C ILE D 77 0.52 -10.04 -53.84
N LEU D 78 -0.32 -10.02 -52.82
CA LEU D 78 -0.48 -8.81 -52.03
C LEU D 78 0.83 -8.48 -51.33
N PRO D 79 1.16 -7.19 -51.20
CA PRO D 79 2.35 -6.85 -50.42
C PRO D 79 2.15 -7.03 -48.93
N ASP D 80 0.92 -6.93 -48.47
CA ASP D 80 0.61 -7.11 -47.05
C ASP D 80 -0.88 -7.36 -46.91
N ILE D 81 -1.29 -7.75 -45.70
CA ILE D 81 -2.68 -8.09 -45.48
C ILE D 81 -3.58 -6.88 -45.69
N LEU D 82 -3.03 -5.68 -45.59
CA LEU D 82 -3.85 -4.48 -45.67
C LEU D 82 -4.59 -4.37 -46.99
N LYS D 83 -3.93 -4.67 -48.10
CA LYS D 83 -4.51 -4.40 -49.41
C LYS D 83 -5.73 -5.25 -49.69
N LYS D 84 -6.01 -6.28 -48.89
CA LYS D 84 -7.22 -7.07 -49.05
C LYS D 84 -8.44 -6.40 -48.43
N ILE D 85 -8.38 -5.10 -48.16
CA ILE D 85 -9.52 -4.34 -47.65
C ILE D 85 -10.20 -3.70 -48.84
N GLY D 86 -11.46 -4.07 -49.06
CA GLY D 86 -12.21 -3.62 -50.23
C GLY D 86 -12.48 -4.76 -51.19
N ASP D 87 -13.07 -4.39 -52.32
CA ASP D 87 -13.37 -5.32 -53.39
C ASP D 87 -14.13 -6.52 -52.83
N THR D 88 -15.36 -6.24 -52.38
CA THR D 88 -16.22 -7.24 -51.78
C THR D 88 -17.36 -7.61 -52.71
N PRO D 89 -17.87 -8.83 -52.61
CA PRO D 89 -18.84 -9.32 -53.59
C PRO D 89 -20.25 -8.84 -53.31
N MET D 90 -21.09 -8.94 -54.34
CA MET D 90 -22.52 -8.72 -54.22
C MET D 90 -23.25 -10.01 -54.52
N VAL D 91 -24.00 -10.51 -53.55
CA VAL D 91 -24.65 -11.82 -53.64
C VAL D 91 -26.16 -11.62 -53.57
N ARG D 92 -26.87 -12.27 -54.47
CA ARG D 92 -28.31 -12.05 -54.59
C ARG D 92 -29.04 -12.81 -53.50
N ILE D 93 -29.72 -12.08 -52.61
CA ILE D 93 -30.58 -12.69 -51.60
C ILE D 93 -31.75 -13.31 -52.33
N ASN D 94 -31.81 -14.65 -52.34
CA ASN D 94 -32.79 -15.37 -53.12
C ASN D 94 -33.98 -15.87 -52.30
N LYS D 95 -33.72 -16.67 -51.27
CA LYS D 95 -34.81 -17.34 -50.56
C LYS D 95 -35.56 -16.39 -49.63
N ILE D 96 -34.87 -15.45 -48.99
CA ILE D 96 -35.57 -14.51 -48.11
C ILE D 96 -36.50 -13.63 -48.91
N GLY D 97 -36.06 -13.15 -50.08
CA GLY D 97 -36.89 -12.25 -50.86
C GLY D 97 -38.24 -12.85 -51.19
N LYS D 98 -38.25 -14.09 -51.65
CA LYS D 98 -39.52 -14.76 -51.92
C LYS D 98 -40.28 -15.02 -50.63
N LYS D 99 -39.57 -15.28 -49.54
CA LYS D 99 -40.25 -15.59 -48.29
C LYS D 99 -41.13 -14.44 -47.82
N PHE D 100 -40.87 -13.23 -48.32
CA PHE D 100 -41.68 -12.07 -48.00
C PHE D 100 -42.21 -11.35 -49.24
N GLY D 101 -42.22 -12.04 -50.38
CA GLY D 101 -42.94 -11.55 -51.54
C GLY D 101 -42.28 -10.41 -52.29
N LEU D 102 -40.98 -10.20 -52.10
CA LEU D 102 -40.29 -9.18 -52.88
C LEU D 102 -40.19 -9.60 -54.33
N LYS D 103 -40.11 -8.59 -55.21
CA LYS D 103 -40.03 -8.83 -56.64
C LYS D 103 -38.78 -8.25 -57.30
N CYS D 104 -38.04 -7.39 -56.61
CA CYS D 104 -36.88 -6.77 -57.21
C CYS D 104 -35.64 -7.64 -57.02
N GLU D 105 -34.65 -7.39 -57.87
CA GLU D 105 -33.34 -8.03 -57.74
C GLU D 105 -32.68 -7.53 -56.47
N LEU D 106 -32.72 -8.34 -55.41
CA LEU D 106 -32.21 -7.93 -54.10
C LEU D 106 -30.75 -8.36 -53.99
N LEU D 107 -29.89 -7.40 -53.66
CA LEU D 107 -28.46 -7.61 -53.57
C LEU D 107 -27.99 -7.26 -52.17
N ALA D 108 -27.07 -8.06 -51.63
CA ALA D 108 -26.47 -7.78 -50.34
C ALA D 108 -24.97 -7.53 -50.54
N LYS D 109 -24.55 -6.28 -50.46
CA LYS D 109 -23.15 -5.91 -50.63
C LYS D 109 -22.40 -6.37 -49.37
N CYS D 110 -22.17 -7.67 -49.28
CA CYS D 110 -21.54 -8.26 -48.11
C CYS D 110 -20.18 -7.61 -47.92
N GLU D 111 -20.04 -6.82 -46.86
CA GLU D 111 -18.78 -6.17 -46.54
C GLU D 111 -17.91 -6.96 -45.57
N PHE D 112 -18.42 -8.06 -45.01
CA PHE D 112 -17.71 -8.75 -43.94
C PHE D 112 -16.60 -9.65 -44.44
N PHE D 113 -16.19 -9.54 -45.71
CA PHE D 113 -15.10 -10.36 -46.23
C PHE D 113 -13.75 -9.64 -46.19
N ASN D 114 -13.69 -8.46 -45.59
CA ASN D 114 -12.45 -7.72 -45.50
C ASN D 114 -11.48 -8.42 -44.55
N ALA D 115 -10.29 -7.84 -44.43
CA ALA D 115 -9.26 -8.46 -43.60
C ALA D 115 -9.69 -8.55 -42.15
N GLY D 116 -10.31 -7.50 -41.61
CA GLY D 116 -10.74 -7.49 -40.24
C GLY D 116 -12.11 -8.06 -39.99
N GLY D 117 -12.80 -8.54 -41.03
CA GLY D 117 -14.12 -9.11 -40.83
C GLY D 117 -15.20 -8.10 -40.56
N SER D 118 -15.02 -6.84 -40.97
CA SER D 118 -16.02 -5.82 -40.75
C SER D 118 -15.88 -4.75 -41.82
N VAL D 119 -16.88 -3.87 -41.88
CA VAL D 119 -16.87 -2.79 -42.86
C VAL D 119 -16.01 -1.64 -42.37
N1 LLP D 120 -22.84 -1.99 -38.47
C2 LLP D 120 -21.87 -2.21 -37.57
C2' LLP D 120 -21.77 -3.58 -36.89
C3 LLP D 120 -20.97 -1.22 -37.26
O3 LLP D 120 -19.96 -1.46 -36.32
C4 LLP D 120 -21.05 -0.02 -37.87
C4' LLP D 120 -20.06 1.08 -37.50
C5 LLP D 120 -22.03 0.21 -38.76
C6 LLP D 120 -22.93 -0.78 -39.07
C5' LLP D 120 -22.14 1.57 -39.44
OP4 LLP D 120 -20.97 1.87 -40.15
P LLP D 120 -20.48 3.43 -40.23
OP1 LLP D 120 -21.51 4.34 -39.62
OP2 LLP D 120 -19.18 3.59 -39.49
OP3 LLP D 120 -20.28 3.81 -41.68
N LLP D 120 -15.67 -1.64 -41.09
CA LLP D 120 -14.89 -0.57 -40.52
CB LLP D 120 -15.32 -0.34 -39.06
CG LLP D 120 -16.07 0.98 -38.91
CD LLP D 120 -17.33 0.99 -39.78
CE LLP D 120 -18.47 0.30 -39.07
NZ LLP D 120 -18.94 1.20 -38.04
C LLP D 120 -13.39 -0.87 -40.59
O LLP D 120 -12.60 0.09 -40.72
H2'1 LLP D 120 -22.75 -3.85 -36.50
H2'2 LLP D 120 -21.06 -3.53 -36.07
H2'3 LLP D 120 -21.45 -4.32 -37.61
HO3 LLP D 120 -20.34 -1.52 -35.46
H4'1 LLP D 120 -20.34 1.80 -36.73
H6 LLP D 120 -23.72 -0.61 -39.80
H5'1 LLP D 120 -22.31 2.33 -38.69
H5'2 LLP D 120 -22.98 1.55 -40.15
H LLP D 120 -15.90 -2.34 -40.41
HA LLP D 120 -15.06 0.34 -41.07
HB2 LLP D 120 -15.96 -1.15 -38.75
HB3 LLP D 120 -14.44 -0.33 -38.43
HG2 LLP D 120 -15.42 1.79 -39.20
HG3 LLP D 120 -16.38 1.09 -37.88
HD2 LLP D 120 -17.15 0.50 -40.74
HD3 LLP D 120 -17.60 2.02 -39.97
HE2 LLP D 120 -18.13 -0.63 -38.62
HE3 LLP D 120 -19.26 0.09 -39.78
N ASP D 121 -12.97 -1.31 -41.77
CA ASP D 121 -11.57 -1.52 -42.08
C ASP D 121 -11.21 -0.59 -43.22
N ARG D 122 -12.15 -0.41 -44.15
CA ARG D 122 -11.98 0.62 -45.15
C ARG D 122 -11.66 1.96 -44.50
N ILE D 123 -12.48 2.36 -43.53
CA ILE D 123 -12.28 3.67 -42.92
C ILE D 123 -11.05 3.66 -42.03
N SER D 124 -10.73 2.52 -41.40
CA SER D 124 -9.49 2.45 -40.63
C SER D 124 -8.29 2.66 -41.53
N LEU D 125 -8.25 1.95 -42.65
CA LEU D 125 -7.14 2.10 -43.58
C LEU D 125 -7.07 3.54 -44.08
N ARG D 126 -8.21 4.11 -44.46
CA ARG D 126 -8.20 5.47 -44.99
C ARG D 126 -7.72 6.47 -43.94
N MET D 127 -8.17 6.31 -42.70
CA MET D 127 -7.77 7.24 -41.64
C MET D 127 -6.26 7.15 -41.39
N ILE D 128 -5.74 5.94 -41.26
CA ILE D 128 -4.30 5.79 -41.03
C ILE D 128 -3.52 6.36 -42.20
N GLU D 129 -3.96 6.04 -43.43
CA GLU D 129 -3.24 6.51 -44.61
C GLU D 129 -3.22 8.02 -44.68
N ASP D 130 -4.35 8.68 -44.43
CA ASP D 130 -4.38 10.13 -44.51
C ASP D 130 -3.59 10.77 -43.39
N ALA D 131 -3.71 10.25 -42.16
CA ALA D 131 -2.92 10.81 -41.07
C ALA D 131 -1.44 10.68 -41.33
N GLU D 132 -1.00 9.56 -41.93
CA GLU D 132 0.42 9.42 -42.26
C GLU D 132 0.81 10.37 -43.38
N ARG D 133 0.02 10.41 -44.46
CA ARG D 133 0.38 11.21 -45.63
C ARG D 133 0.39 12.69 -45.30
N ASP D 134 -0.36 13.12 -44.29
CA ASP D 134 -0.32 14.51 -43.86
C ASP D 134 0.80 14.80 -42.87
N GLY D 135 1.57 13.79 -42.50
CA GLY D 135 2.68 13.97 -41.58
C GLY D 135 2.26 14.10 -40.13
N THR D 136 0.96 14.14 -39.85
CA THR D 136 0.51 14.25 -38.47
C THR D 136 0.94 13.05 -37.66
N LEU D 137 0.92 11.86 -38.26
CA LEU D 137 1.32 10.63 -37.61
C LEU D 137 2.73 10.26 -38.05
N LYS D 138 3.51 9.73 -37.10
CA LYS D 138 4.85 9.25 -37.38
C LYS D 138 5.05 7.90 -36.71
N PRO D 139 5.96 7.07 -37.22
CA PRO D 139 6.14 5.74 -36.63
C PRO D 139 6.46 5.83 -35.15
N GLY D 140 5.91 4.90 -34.38
CA GLY D 140 6.04 4.89 -32.94
C GLY D 140 4.96 5.63 -32.19
N ASP D 141 4.07 6.33 -32.89
CA ASP D 141 3.01 7.06 -32.21
C ASP D 141 2.02 6.08 -31.58
N THR D 142 1.25 6.60 -30.62
CA THR D 142 0.18 5.87 -29.98
C THR D 142 -1.15 6.38 -30.51
N ILE D 143 -2.03 5.46 -30.90
CA ILE D 143 -3.32 5.81 -31.48
C ILE D 143 -4.39 5.42 -30.47
N ILE D 144 -5.19 6.40 -30.07
CA ILE D 144 -6.34 6.18 -29.20
C ILE D 144 -7.58 6.40 -30.05
N GLU D 145 -8.50 5.44 -30.03
CA GLU D 145 -9.65 5.51 -30.90
C GLU D 145 -10.91 5.01 -30.22
N PRO D 146 -11.81 5.89 -29.79
CA PRO D 146 -13.08 5.43 -29.23
C PRO D 146 -13.92 4.78 -30.32
N THR D 147 -14.50 3.63 -30.01
CA THR D 147 -15.15 2.85 -31.05
C THR D 147 -16.21 1.95 -30.44
N SER D 148 -17.12 1.49 -31.31
CA SER D 148 -18.04 0.43 -30.92
C SER D 148 -17.38 -0.93 -31.02
N GLY D 149 -16.19 -1.02 -31.58
CA GLY D 149 -15.43 -2.25 -31.65
C GLY D 149 -14.95 -2.62 -33.03
N ASN D 150 -15.78 -2.49 -34.06
CA ASN D 150 -15.33 -2.85 -35.39
C ASN D 150 -14.22 -1.92 -35.85
N THR D 151 -14.42 -0.61 -35.71
CA THR D 151 -13.29 0.29 -35.91
C THR D 151 -12.15 -0.07 -34.99
N GLY D 152 -12.47 -0.59 -33.80
CA GLY D 152 -11.41 -1.00 -32.89
C GLY D 152 -10.54 -2.10 -33.47
N ILE D 153 -11.16 -3.16 -33.98
CA ILE D 153 -10.38 -4.25 -34.54
C ILE D 153 -9.63 -3.78 -35.77
N GLY D 154 -10.27 -2.96 -36.60
CA GLY D 154 -9.59 -2.44 -37.77
C GLY D 154 -8.33 -1.67 -37.40
N LEU D 155 -8.46 -0.75 -36.45
CA LEU D 155 -7.30 0.04 -36.04
C LEU D 155 -6.23 -0.82 -35.42
N ALA D 156 -6.63 -1.78 -34.58
CA ALA D 156 -5.63 -2.66 -33.98
C ALA D 156 -4.88 -3.43 -35.04
N LEU D 157 -5.60 -3.94 -36.04
CA LEU D 157 -4.97 -4.66 -37.13
C LEU D 157 -3.97 -3.79 -37.87
N ALA D 158 -4.39 -2.59 -38.27
CA ALA D 158 -3.50 -1.71 -39.02
C ALA D 158 -2.27 -1.36 -38.19
N ALA D 159 -2.48 -1.04 -36.91
CA ALA D 159 -1.36 -0.67 -36.06
C ALA D 159 -0.38 -1.82 -35.92
N ALA D 160 -0.88 -3.02 -35.59
CA ALA D 160 0.01 -4.16 -35.41
C ALA D 160 0.73 -4.53 -36.69
N VAL D 161 0.11 -4.30 -37.86
CA VAL D 161 0.82 -4.54 -39.11
C VAL D 161 1.91 -3.51 -39.30
N ARG D 162 1.64 -2.25 -38.95
CA ARG D 162 2.61 -1.18 -39.21
C ARG D 162 3.51 -0.88 -38.02
N GLY D 163 3.08 -1.19 -36.80
CA GLY D 163 3.90 -0.99 -35.62
C GLY D 163 3.40 0.06 -34.65
N TYR D 164 2.32 0.76 -34.97
CA TYR D 164 1.76 1.73 -34.04
C TYR D 164 1.25 1.03 -32.78
N ARG D 165 1.32 1.74 -31.66
CA ARG D 165 0.64 1.30 -30.46
C ARG D 165 -0.83 1.66 -30.55
N CYS D 166 -1.69 0.86 -29.92
CA CYS D 166 -3.13 1.07 -30.00
C CYS D 166 -3.74 0.98 -28.61
N ILE D 167 -4.60 1.94 -28.28
CA ILE D 167 -5.33 1.96 -27.02
C ILE D 167 -6.81 2.15 -27.41
N ILE D 168 -7.54 1.05 -27.50
CA ILE D 168 -8.93 1.11 -27.91
C ILE D 168 -9.81 1.38 -26.70
N VAL D 169 -10.81 2.24 -26.88
CA VAL D 169 -11.82 2.51 -25.87
C VAL D 169 -13.15 2.06 -26.43
N MET D 170 -13.80 1.11 -25.78
CA MET D 170 -15.06 0.60 -26.28
C MET D 170 -16.04 0.42 -25.13
N PRO D 171 -17.30 0.75 -25.34
CA PRO D 171 -18.28 0.61 -24.25
C PRO D 171 -18.34 -0.77 -23.64
N GLU D 172 -19.02 -0.86 -22.50
CA GLU D 172 -19.08 -2.11 -21.75
C GLU D 172 -19.81 -3.20 -22.53
N LYS D 173 -20.94 -2.85 -23.14
CA LYS D 173 -21.88 -3.87 -23.61
C LYS D 173 -21.32 -4.70 -24.76
N MET D 174 -20.26 -4.27 -25.42
CA MET D 174 -19.79 -4.97 -26.61
C MET D 174 -19.31 -6.36 -26.27
N SER D 175 -19.47 -7.28 -27.22
CA SER D 175 -19.23 -8.69 -26.95
C SER D 175 -17.76 -8.95 -26.63
N SER D 176 -17.52 -9.99 -25.86
CA SER D 176 -16.15 -10.31 -25.44
C SER D 176 -15.32 -10.88 -26.56
N GLU D 177 -15.93 -11.36 -27.65
CA GLU D 177 -15.13 -11.87 -28.75
C GLU D 177 -14.24 -10.79 -29.32
N LYS D 178 -14.76 -9.57 -29.45
CA LYS D 178 -13.93 -8.46 -29.88
C LYS D 178 -12.79 -8.24 -28.89
N VAL D 179 -13.06 -8.42 -27.59
CA VAL D 179 -12.00 -8.27 -26.60
C VAL D 179 -10.91 -9.29 -26.83
N ASP D 180 -11.29 -10.55 -27.05
CA ASP D 180 -10.28 -11.59 -27.28
C ASP D 180 -9.48 -11.28 -28.53
N VAL D 181 -10.14 -10.85 -29.60
CA VAL D 181 -9.44 -10.58 -30.84
C VAL D 181 -8.47 -9.41 -30.65
N LEU D 182 -8.91 -8.36 -29.97
CA LEU D 182 -8.03 -7.22 -29.74
C LEU D 182 -6.82 -7.62 -28.91
N ARG D 183 -7.04 -8.40 -27.86
CA ARG D 183 -5.91 -8.84 -27.05
C ARG D 183 -4.95 -9.67 -27.88
N ALA D 184 -5.47 -10.55 -28.73
CA ALA D 184 -4.59 -11.32 -29.60
C ALA D 184 -3.74 -10.40 -30.46
N LEU D 185 -4.24 -9.21 -30.78
CA LEU D 185 -3.50 -8.27 -31.60
C LEU D 185 -2.60 -7.35 -30.78
N GLY D 186 -2.56 -7.51 -29.46
CA GLY D 186 -1.67 -6.72 -28.64
C GLY D 186 -2.18 -5.33 -28.31
N ALA D 187 -3.34 -4.95 -28.82
CA ALA D 187 -3.88 -3.63 -28.52
C ALA D 187 -4.36 -3.56 -27.09
N GLU D 188 -4.22 -2.39 -26.47
CA GLU D 188 -4.74 -2.17 -25.14
C GLU D 188 -6.21 -1.82 -25.20
N ILE D 189 -6.94 -2.17 -24.14
CA ILE D 189 -8.38 -2.00 -24.11
C ILE D 189 -8.76 -1.21 -22.86
N VAL D 190 -9.75 -0.34 -23.00
CA VAL D 190 -10.35 0.38 -21.89
C VAL D 190 -11.86 0.42 -22.12
N ARG D 191 -12.63 0.18 -21.08
CA ARG D 191 -14.07 0.13 -21.20
C ARG D 191 -14.71 1.32 -20.50
N THR D 192 -15.99 1.54 -20.79
CA THR D 192 -16.74 2.62 -20.18
C THR D 192 -18.16 2.13 -19.95
N PRO D 193 -18.87 2.68 -18.97
CA PRO D 193 -20.23 2.20 -18.69
C PRO D 193 -21.13 2.39 -19.90
N THR D 194 -22.07 1.46 -20.06
CA THR D 194 -22.88 1.46 -21.27
C THR D 194 -23.71 2.72 -21.39
N ASN D 195 -24.32 3.16 -20.29
CA ASN D 195 -25.28 4.26 -20.31
C ASN D 195 -24.67 5.58 -19.85
N ALA D 196 -23.40 5.81 -20.13
CA ALA D 196 -22.78 7.10 -19.80
C ALA D 196 -23.04 8.09 -20.93
N ARG D 197 -23.75 9.16 -20.62
CA ARG D 197 -24.06 10.14 -21.65
C ARG D 197 -22.79 10.69 -22.27
N PHE D 198 -22.83 10.93 -23.58
CA PHE D 198 -21.61 11.19 -24.33
C PHE D 198 -20.84 12.37 -23.78
N ASP D 199 -21.52 13.46 -23.42
CA ASP D 199 -20.85 14.66 -22.96
C ASP D 199 -20.41 14.58 -21.51
N SER D 200 -20.57 13.44 -20.86
CA SER D 200 -20.03 13.28 -19.52
C SER D 200 -18.54 12.95 -19.59
N PRO D 201 -17.81 13.16 -18.49
CA PRO D 201 -16.36 12.90 -18.52
C PRO D 201 -16.01 11.44 -18.77
N GLU D 202 -16.94 10.51 -18.57
CA GLU D 202 -16.65 9.09 -18.61
C GLU D 202 -17.34 8.35 -19.75
N SER D 203 -17.80 9.06 -20.77
CA SER D 203 -18.21 8.41 -22.00
C SER D 203 -16.98 8.01 -22.81
N HIS D 204 -17.17 7.10 -23.78
CA HIS D 204 -16.02 6.61 -24.51
C HIS D 204 -15.30 7.73 -25.24
N VAL D 205 -16.05 8.66 -25.85
CA VAL D 205 -15.37 9.82 -26.43
C VAL D 205 -14.65 10.60 -25.34
N GLY D 206 -15.30 10.80 -24.19
CA GLY D 206 -14.67 11.57 -23.14
C GLY D 206 -13.40 10.92 -22.60
N VAL D 207 -13.47 9.62 -22.34
CA VAL D 207 -12.30 8.92 -21.82
C VAL D 207 -11.18 8.93 -22.85
N ALA D 208 -11.51 8.73 -24.12
CA ALA D 208 -10.49 8.82 -25.15
C ALA D 208 -9.83 10.18 -25.16
N TRP D 209 -10.64 11.24 -25.06
CA TRP D 209 -10.08 12.59 -25.08
C TRP D 209 -9.15 12.81 -23.89
N ARG D 210 -9.56 12.40 -22.70
CA ARG D 210 -8.73 12.64 -21.52
C ARG D 210 -7.44 11.83 -21.59
N LEU D 211 -7.52 10.58 -22.04
CA LEU D 211 -6.30 9.80 -22.22
C LEU D 211 -5.38 10.48 -23.21
N LYS D 212 -5.93 10.99 -24.32
CA LYS D 212 -5.10 11.70 -25.28
C LYS D 212 -4.41 12.89 -24.62
N ASN D 213 -5.14 13.62 -23.77
CA ASN D 213 -4.52 14.70 -23.01
C ASN D 213 -3.39 14.19 -22.12
N GLU D 214 -3.52 12.99 -21.58
CA GLU D 214 -2.51 12.48 -20.66
C GLU D 214 -1.32 11.86 -21.41
N ILE D 215 -1.58 10.80 -22.17
CA ILE D 215 -0.50 10.01 -22.76
C ILE D 215 0.27 10.84 -23.77
N PRO D 216 1.59 10.95 -23.66
CA PRO D 216 2.34 11.82 -24.56
C PRO D 216 2.36 11.29 -25.98
N ASN D 217 2.46 12.22 -26.94
CA ASN D 217 2.54 11.87 -28.35
C ASN D 217 1.38 10.97 -28.76
N SER D 218 0.20 11.30 -28.24
CA SER D 218 -1.01 10.54 -28.52
C SER D 218 -1.81 11.24 -29.61
N HIS D 219 -2.48 10.45 -30.43
CA HIS D 219 -3.34 10.95 -31.49
C HIS D 219 -4.71 10.30 -31.41
N ILE D 220 -5.75 11.09 -31.61
CA ILE D 220 -7.11 10.59 -31.73
C ILE D 220 -7.54 10.76 -33.17
N LEU D 221 -8.02 9.68 -33.78
CA LEU D 221 -8.55 9.74 -35.13
C LEU D 221 -10.05 9.95 -35.19
N ASP D 222 -10.74 9.93 -34.04
CA ASP D 222 -12.10 10.44 -33.89
C ASP D 222 -12.97 10.14 -35.10
N GLN D 223 -13.23 8.85 -35.36
CA GLN D 223 -14.05 8.48 -36.50
C GLN D 223 -15.34 9.29 -36.59
N TYR D 224 -15.84 9.80 -35.46
CA TYR D 224 -17.11 10.50 -35.47
C TYR D 224 -17.04 11.80 -36.26
N ARG D 225 -15.91 12.49 -36.19
CA ARG D 225 -15.77 13.81 -36.78
C ARG D 225 -14.78 13.88 -37.93
N ASN D 226 -13.90 12.91 -38.08
CA ASN D 226 -12.90 12.98 -39.14
C ASN D 226 -13.59 12.85 -40.49
N ALA D 227 -13.32 13.80 -41.38
CA ALA D 227 -13.86 13.71 -42.74
C ALA D 227 -13.20 12.57 -43.50
N SER D 228 -12.13 11.98 -42.97
CA SER D 228 -11.55 10.82 -43.60
C SER D 228 -12.51 9.65 -43.64
N ASN D 229 -13.53 9.66 -42.78
CA ASN D 229 -14.45 8.53 -42.68
C ASN D 229 -15.37 8.46 -43.89
N PRO D 230 -16.26 9.43 -44.09
CA PRO D 230 -17.18 9.34 -45.23
C PRO D 230 -16.47 9.28 -46.57
N LEU D 231 -15.28 9.88 -46.65
CA LEU D 231 -14.55 9.89 -47.91
C LEU D 231 -14.18 8.49 -48.34
N ALA D 232 -13.82 7.62 -47.38
CA ALA D 232 -13.43 6.27 -47.77
C ALA D 232 -14.52 5.61 -48.57
N HIS D 233 -15.76 5.65 -48.06
CA HIS D 233 -16.87 5.05 -48.80
C HIS D 233 -17.14 5.80 -50.09
N TYR D 234 -17.17 7.14 -50.03
CA TYR D 234 -17.47 7.92 -51.22
C TYR D 234 -16.50 7.63 -52.34
N ASP D 235 -15.26 7.26 -52.00
CA ASP D 235 -14.27 6.94 -53.02
C ASP D 235 -14.35 5.50 -53.47
N THR D 236 -14.46 4.55 -52.54
CA THR D 236 -14.33 3.15 -52.89
C THR D 236 -15.67 2.42 -52.80
N THR D 237 -16.34 2.48 -51.65
CA THR D 237 -17.55 1.70 -51.47
C THR D 237 -18.59 2.08 -52.50
N ALA D 238 -18.89 3.37 -52.61
CA ALA D 238 -19.94 3.81 -53.53
C ALA D 238 -19.57 3.46 -54.96
N ASP D 239 -18.30 3.61 -55.32
CA ASP D 239 -17.89 3.30 -56.68
C ASP D 239 -18.16 1.85 -57.02
N GLU D 240 -17.81 0.94 -56.12
CA GLU D 240 -18.10 -0.47 -56.36
C GLU D 240 -19.60 -0.73 -56.35
N ILE D 241 -20.34 -0.05 -55.47
CA ILE D 241 -21.79 -0.19 -55.46
C ILE D 241 -22.37 0.13 -56.83
N LEU D 242 -21.86 1.20 -57.44
CA LEU D 242 -22.35 1.59 -58.77
C LEU D 242 -21.87 0.61 -59.84
N GLN D 243 -20.62 0.15 -59.72
CA GLN D 243 -20.05 -0.68 -60.77
C GLN D 243 -20.69 -2.06 -60.81
N GLN D 244 -20.82 -2.73 -59.67
CA GLN D 244 -21.37 -4.08 -59.65
C GLN D 244 -22.81 -4.09 -60.10
N CYS D 245 -23.61 -3.13 -59.65
CA CYS D 245 -24.95 -2.97 -60.21
C CYS D 245 -24.89 -2.47 -61.64
N ASP D 246 -23.74 -1.95 -62.06
CA ASP D 246 -23.53 -1.47 -63.43
C ASP D 246 -24.29 -0.17 -63.67
N GLY D 247 -24.40 0.65 -62.63
CA GLY D 247 -24.78 2.03 -62.77
C GLY D 247 -26.24 2.36 -62.50
N LYS D 248 -27.13 1.37 -62.43
CA LYS D 248 -28.54 1.67 -62.25
C LYS D 248 -29.14 0.79 -61.16
N LEU D 249 -29.80 1.43 -60.21
CA LEU D 249 -30.48 0.75 -59.12
C LEU D 249 -31.60 1.64 -58.63
N ASP D 250 -32.52 1.04 -57.88
CA ASP D 250 -33.72 1.74 -57.44
C ASP D 250 -33.66 2.22 -56.00
N MET D 251 -33.12 1.42 -55.08
CA MET D 251 -33.15 1.77 -53.67
C MET D 251 -31.93 1.16 -52.98
N LEU D 252 -31.57 1.74 -51.83
CA LEU D 252 -30.45 1.26 -51.05
C LEU D 252 -30.83 1.30 -49.58
N VAL D 253 -30.57 0.21 -48.87
CA VAL D 253 -30.85 0.09 -47.44
C VAL D 253 -29.52 0.08 -46.72
N ALA D 254 -29.40 0.90 -45.68
CA ALA D 254 -28.14 1.04 -44.98
C ALA D 254 -28.38 1.12 -43.49
N SER D 255 -27.43 0.60 -42.73
CA SER D 255 -27.44 0.66 -41.27
C SER D 255 -26.56 1.82 -40.84
N VAL D 256 -27.12 2.73 -40.05
CA VAL D 256 -26.48 3.99 -39.73
C VAL D 256 -25.86 3.89 -38.35
N GLY D 257 -24.54 3.98 -38.29
CA GLY D 257 -23.84 4.06 -37.03
C GLY D 257 -23.23 5.44 -36.87
N THR D 258 -21.93 5.56 -37.15
CA THR D 258 -21.32 6.87 -37.25
C THR D 258 -21.91 7.66 -38.41
N GLY D 259 -22.60 7.00 -39.32
CA GLY D 259 -23.18 7.64 -40.47
C GLY D 259 -22.27 7.67 -41.68
N GLY D 260 -21.01 7.30 -41.52
CA GLY D 260 -20.10 7.36 -42.65
C GLY D 260 -20.59 6.52 -43.82
N THR D 261 -20.98 5.29 -43.54
CA THR D 261 -21.45 4.41 -44.61
C THR D 261 -22.53 5.09 -45.45
N ILE D 262 -23.63 5.49 -44.81
CA ILE D 262 -24.77 5.95 -45.58
C ILE D 262 -24.47 7.30 -46.24
N THR D 263 -23.85 8.23 -45.52
CA THR D 263 -23.60 9.54 -46.13
C THR D 263 -22.64 9.41 -47.31
N GLY D 264 -21.55 8.67 -47.11
CA GLY D 264 -20.58 8.51 -48.16
C GLY D 264 -21.13 7.77 -49.36
N ILE D 265 -22.03 6.82 -49.14
CA ILE D 265 -22.68 6.15 -50.24
C ILE D 265 -23.63 7.10 -50.97
N ALA D 266 -24.45 7.81 -50.20
CA ALA D 266 -25.52 8.59 -50.80
C ALA D 266 -24.98 9.75 -51.62
N ARG D 267 -23.92 10.39 -51.15
CA ARG D 267 -23.42 11.55 -51.88
C ARG D 267 -22.98 11.16 -53.29
N LYS D 268 -22.11 10.16 -53.40
CA LYS D 268 -21.71 9.69 -54.73
C LYS D 268 -22.90 9.15 -55.50
N LEU D 269 -23.79 8.43 -54.82
CA LEU D 269 -24.91 7.83 -55.53
C LEU D 269 -25.78 8.88 -56.19
N LYS D 270 -26.09 9.95 -55.46
CA LYS D 270 -26.91 11.03 -56.02
C LYS D 270 -26.15 11.81 -57.08
N GLU D 271 -24.83 11.98 -56.92
CA GLU D 271 -24.07 12.63 -57.98
C GLU D 271 -24.12 11.83 -59.26
N LYS D 272 -24.09 10.50 -59.16
CA LYS D 272 -24.02 9.62 -60.32
C LYS D 272 -25.31 8.89 -60.62
N CYS D 273 -26.26 8.85 -59.68
CA CYS D 273 -27.53 8.15 -59.89
C CYS D 273 -28.61 8.83 -59.07
N PRO D 274 -29.10 9.99 -59.54
CA PRO D 274 -30.06 10.76 -58.73
C PRO D 274 -31.37 10.04 -58.47
N GLY D 275 -31.72 9.02 -59.27
CA GLY D 275 -33.03 8.40 -59.14
C GLY D 275 -33.18 7.48 -57.95
N CYS D 276 -32.08 7.08 -57.32
CA CYS D 276 -32.17 6.10 -56.25
C CYS D 276 -32.64 6.73 -54.95
N ARG D 277 -33.22 5.90 -54.10
CA ARG D 277 -33.72 6.31 -52.78
C ARG D 277 -32.80 5.73 -51.71
N ILE D 278 -32.36 6.56 -50.78
CA ILE D 278 -31.59 6.09 -49.64
C ILE D 278 -32.56 5.76 -48.52
N ILE D 279 -32.42 4.58 -47.93
CA ILE D 279 -33.23 4.16 -46.80
C ILE D 279 -32.31 3.91 -45.62
N GLY D 280 -32.51 4.65 -44.53
CA GLY D 280 -31.67 4.55 -43.36
C GLY D 280 -32.35 3.72 -42.28
N VAL D 281 -31.55 3.11 -41.42
CA VAL D 281 -32.04 2.33 -40.30
C VAL D 281 -31.30 2.74 -39.05
N ASP D 282 -31.92 2.51 -37.90
CA ASP D 282 -31.36 2.88 -36.62
C ASP D 282 -32.11 2.14 -35.52
N PRO D 283 -31.43 1.47 -34.59
CA PRO D 283 -32.16 0.74 -33.56
C PRO D 283 -33.00 1.66 -32.70
N GLU D 284 -34.14 1.13 -32.26
CA GLU D 284 -34.99 1.87 -31.33
C GLU D 284 -34.18 2.24 -30.09
N GLY D 285 -34.35 3.48 -29.63
CA GLY D 285 -33.55 3.98 -28.55
C GLY D 285 -32.36 4.80 -28.97
N SER D 286 -32.43 5.43 -30.14
CA SER D 286 -31.38 6.33 -30.60
C SER D 286 -32.05 7.52 -31.25
N ILE D 287 -31.32 8.63 -31.33
CA ILE D 287 -31.89 9.91 -31.73
C ILE D 287 -31.44 10.33 -33.12
N LEU D 288 -30.81 9.44 -33.88
CA LEU D 288 -30.39 9.80 -35.23
C LEU D 288 -31.58 10.09 -36.12
N ALA D 289 -32.63 9.27 -36.03
CA ALA D 289 -33.73 9.37 -36.96
C ALA D 289 -34.52 10.65 -36.75
N GLU D 290 -35.09 11.15 -37.84
CA GLU D 290 -36.03 12.25 -37.84
C GLU D 290 -37.12 11.95 -38.84
N PRO D 291 -38.31 12.56 -38.69
CA PRO D 291 -38.70 13.54 -37.67
C PRO D 291 -38.75 12.95 -36.27
N GLU D 292 -38.62 13.82 -35.26
CA GLU D 292 -38.28 13.39 -33.91
C GLU D 292 -39.23 12.34 -33.35
N GLU D 293 -40.50 12.35 -33.76
CA GLU D 293 -41.49 11.52 -33.08
C GLU D 293 -41.12 10.04 -33.14
N LEU D 294 -40.30 9.63 -34.11
CA LEU D 294 -39.91 8.23 -34.19
C LEU D 294 -39.19 7.77 -32.93
N ASN D 295 -38.48 8.67 -32.26
CA ASN D 295 -37.61 8.30 -31.16
C ASN D 295 -38.32 8.23 -29.81
N GLN D 296 -39.64 8.40 -29.78
CA GLN D 296 -40.37 8.44 -28.52
C GLN D 296 -40.47 7.05 -27.89
N THR D 297 -39.33 6.58 -27.41
CA THR D 297 -39.23 5.31 -26.69
C THR D 297 -38.41 5.52 -25.44
N GLU D 298 -38.73 4.74 -24.40
CA GLU D 298 -38.19 5.01 -23.07
C GLU D 298 -36.73 4.57 -22.95
N GLN D 299 -36.39 3.39 -23.45
CA GLN D 299 -35.12 2.78 -23.12
C GLN D 299 -33.98 3.33 -23.96
N THR D 300 -32.76 3.20 -23.44
CA THR D 300 -31.55 3.57 -24.15
C THR D 300 -30.58 2.40 -24.29
N THR D 301 -30.98 1.19 -23.93
CA THR D 301 -30.15 0.00 -24.03
C THR D 301 -30.75 -0.95 -25.05
N TYR D 302 -29.93 -1.43 -25.97
CA TYR D 302 -30.36 -2.36 -27.00
C TYR D 302 -29.23 -3.32 -27.31
N GLU D 303 -29.58 -4.59 -27.53
CA GLU D 303 -28.55 -5.60 -27.70
C GLU D 303 -27.81 -5.47 -29.02
N VAL D 304 -28.48 -5.00 -30.07
CA VAL D 304 -27.84 -4.82 -31.37
C VAL D 304 -26.60 -3.96 -31.16
N GLU D 305 -25.50 -4.33 -31.81
CA GLU D 305 -24.21 -3.71 -31.53
C GLU D 305 -23.81 -2.73 -32.60
N GLY D 306 -23.41 -1.53 -32.18
CA GLY D 306 -22.63 -0.65 -33.04
C GLY D 306 -23.41 0.28 -33.94
N ILE D 307 -24.71 0.44 -33.74
CA ILE D 307 -25.49 1.38 -34.54
C ILE D 307 -26.42 2.15 -33.62
N GLY D 308 -26.59 3.44 -33.95
CA GLY D 308 -27.40 4.32 -33.13
C GLY D 308 -26.60 4.92 -31.99
N TYR D 309 -26.68 6.23 -31.84
CA TYR D 309 -25.94 6.93 -30.81
C TYR D 309 -26.86 7.94 -30.13
N ASP D 310 -26.54 8.26 -28.89
CA ASP D 310 -27.28 9.25 -28.13
C ASP D 310 -26.90 10.68 -28.50
N PHE D 311 -26.29 10.87 -29.66
CA PHE D 311 -26.05 12.20 -30.20
C PHE D 311 -26.07 12.09 -31.71
N ILE D 312 -25.89 13.23 -32.37
CA ILE D 312 -25.95 13.27 -33.83
C ILE D 312 -24.55 13.53 -34.35
N PRO D 313 -23.82 12.53 -34.83
CA PRO D 313 -22.44 12.76 -35.23
C PRO D 313 -22.36 13.78 -36.35
N THR D 314 -21.29 14.58 -36.33
CA THR D 314 -21.15 15.59 -37.37
C THR D 314 -21.05 14.96 -38.75
N VAL D 315 -20.30 13.86 -38.87
CA VAL D 315 -20.07 13.26 -40.17
C VAL D 315 -21.38 12.91 -40.85
N LEU D 316 -22.43 12.62 -40.08
CA LEU D 316 -23.71 12.20 -40.64
C LEU D 316 -24.49 13.42 -41.09
N ASP D 317 -24.80 13.48 -42.38
CA ASP D 317 -25.65 14.55 -42.92
C ASP D 317 -27.04 13.96 -43.14
N ARG D 318 -28.00 14.53 -42.47
CA ARG D 318 -29.37 14.06 -42.56
C ARG D 318 -30.13 14.65 -43.75
N THR D 319 -29.42 15.24 -44.72
CA THR D 319 -30.06 15.79 -45.91
C THR D 319 -30.10 14.79 -47.06
N VAL D 320 -29.45 13.64 -46.91
CA VAL D 320 -29.42 12.64 -47.98
C VAL D 320 -30.47 11.55 -47.76
N VAL D 321 -30.73 11.19 -46.51
CA VAL D 321 -31.65 10.09 -46.22
C VAL D 321 -33.05 10.49 -46.65
N ASP D 322 -33.62 9.74 -47.59
CA ASP D 322 -35.00 9.99 -47.98
C ASP D 322 -35.99 9.55 -46.92
N LYS D 323 -35.69 8.47 -46.18
CA LYS D 323 -36.61 8.00 -45.17
C LYS D 323 -35.84 7.24 -44.10
N TRP D 324 -36.44 7.16 -42.91
CA TRP D 324 -35.86 6.45 -41.78
C TRP D 324 -36.83 5.39 -41.28
N PHE D 325 -36.29 4.23 -40.91
CA PHE D 325 -37.06 3.16 -40.30
C PHE D 325 -36.38 2.74 -39.01
N LYS D 326 -37.11 2.78 -37.91
CA LYS D 326 -36.55 2.29 -36.67
C LYS D 326 -36.61 0.77 -36.65
N SER D 327 -35.65 0.16 -35.96
CA SER D 327 -35.53 -1.29 -35.90
C SER D 327 -35.41 -1.75 -34.45
N ASN D 328 -36.19 -2.76 -34.09
CA ASN D 328 -36.07 -3.33 -32.76
C ASN D 328 -34.85 -4.25 -32.72
N ASP D 329 -34.77 -5.07 -31.68
CA ASP D 329 -33.70 -6.03 -31.55
C ASP D 329 -34.12 -7.43 -31.97
N GLU D 330 -35.34 -7.84 -31.61
CA GLU D 330 -35.81 -9.17 -31.96
C GLU D 330 -35.78 -9.38 -33.47
N GLU D 331 -36.32 -8.44 -34.23
CA GLU D 331 -36.35 -8.60 -35.68
C GLU D 331 -34.95 -8.67 -36.24
N ALA D 332 -34.04 -7.84 -35.73
CA ALA D 332 -32.67 -7.87 -36.21
C ALA D 332 -32.06 -9.26 -36.03
N PHE D 333 -32.14 -9.79 -34.80
CA PHE D 333 -31.48 -11.07 -34.57
C PHE D 333 -32.18 -12.19 -35.34
N THR D 334 -33.51 -12.16 -35.42
CA THR D 334 -34.22 -13.20 -36.14
C THR D 334 -33.85 -13.19 -37.62
N PHE D 335 -33.73 -12.00 -38.21
CA PHE D 335 -33.37 -11.95 -39.62
C PHE D 335 -31.92 -12.34 -39.82
N ALA D 336 -31.05 -12.06 -38.83
CA ALA D 336 -29.69 -12.57 -38.92
C ALA D 336 -29.69 -14.10 -38.95
N ARG D 337 -30.48 -14.71 -38.06
CA ARG D 337 -30.62 -16.16 -38.06
C ARG D 337 -31.21 -16.69 -39.34
N MET D 338 -32.10 -15.93 -39.98
CA MET D 338 -32.65 -16.30 -41.28
C MET D 338 -31.61 -16.24 -42.39
N LEU D 339 -30.83 -15.16 -42.44
CA LEU D 339 -29.77 -15.07 -43.43
C LEU D 339 -28.78 -16.21 -43.28
N ILE D 340 -28.27 -16.42 -42.07
CA ILE D 340 -27.29 -17.48 -41.86
C ILE D 340 -27.87 -18.81 -42.33
N ALA D 341 -29.12 -19.08 -41.96
CA ALA D 341 -29.69 -20.40 -42.20
C ALA D 341 -30.06 -20.65 -43.64
N GLN D 342 -30.48 -19.62 -44.39
CA GLN D 342 -31.06 -19.84 -45.71
C GLN D 342 -30.35 -19.11 -46.84
N GLU D 343 -29.20 -18.48 -46.60
CA GLU D 343 -28.43 -17.89 -47.69
C GLU D 343 -26.93 -18.06 -47.56
N GLY D 344 -26.44 -18.65 -46.46
CA GLY D 344 -25.02 -18.90 -46.33
C GLY D 344 -24.21 -17.66 -46.04
N LEU D 345 -24.86 -16.55 -45.72
CA LEU D 345 -24.17 -15.31 -45.39
C LEU D 345 -23.98 -15.24 -43.88
N LEU D 346 -22.78 -15.58 -43.42
CA LEU D 346 -22.47 -15.52 -41.99
C LEU D 346 -22.32 -14.05 -41.58
N CYS D 347 -23.46 -13.40 -41.37
CA CYS D 347 -23.54 -11.97 -41.12
C CYS D 347 -24.09 -11.70 -39.73
N GLY D 348 -23.70 -10.57 -39.15
CA GLY D 348 -24.01 -10.24 -37.78
C GLY D 348 -25.34 -9.55 -37.61
N GLY D 349 -25.55 -9.04 -36.39
CA GLY D 349 -26.86 -8.52 -36.03
C GLY D 349 -27.28 -7.32 -36.85
N SER D 350 -26.37 -6.36 -37.02
CA SER D 350 -26.74 -5.15 -37.76
C SER D 350 -27.18 -5.50 -39.17
N ALA D 351 -26.55 -6.49 -39.80
CA ALA D 351 -27.01 -6.95 -41.10
C ALA D 351 -28.44 -7.48 -41.00
N GLY D 352 -28.73 -8.21 -39.92
CA GLY D 352 -30.10 -8.67 -39.72
C GLY D 352 -31.09 -7.52 -39.68
N SER D 353 -30.74 -6.46 -38.93
CA SER D 353 -31.61 -5.29 -38.87
C SER D 353 -31.80 -4.67 -40.24
N THR D 354 -30.71 -4.56 -41.00
CA THR D 354 -30.80 -3.96 -42.32
C THR D 354 -31.76 -4.73 -43.20
N VAL D 355 -31.61 -6.05 -43.26
CA VAL D 355 -32.50 -6.84 -44.10
C VAL D 355 -33.92 -6.76 -43.58
N ALA D 356 -34.11 -6.72 -42.26
CA ALA D 356 -35.47 -6.64 -41.74
C ALA D 356 -36.15 -5.37 -42.22
N VAL D 357 -35.45 -4.24 -42.18
CA VAL D 357 -36.05 -3.02 -42.71
C VAL D 357 -36.28 -3.15 -44.21
N ALA D 358 -35.33 -3.73 -44.92
CA ALA D 358 -35.45 -3.84 -46.37
C ALA D 358 -36.71 -4.59 -46.74
N VAL D 359 -36.97 -5.72 -46.07
CA VAL D 359 -38.14 -6.52 -46.41
C VAL D 359 -39.43 -5.72 -46.36
N LYS D 360 -39.46 -4.65 -45.58
CA LYS D 360 -40.60 -3.73 -45.61
C LYS D 360 -40.45 -2.72 -46.74
N ALA D 361 -39.32 -2.02 -46.76
CA ALA D 361 -39.16 -0.94 -47.72
C ALA D 361 -39.22 -1.43 -49.16
N ALA D 362 -38.68 -2.62 -49.43
CA ALA D 362 -38.64 -3.12 -50.79
C ALA D 362 -40.02 -3.45 -51.36
N GLN D 363 -41.06 -3.48 -50.52
CA GLN D 363 -42.40 -3.72 -51.03
C GLN D 363 -42.82 -2.70 -52.07
N GLU D 364 -42.21 -1.51 -52.04
CA GLU D 364 -42.54 -0.49 -53.02
C GLU D 364 -42.10 -0.87 -54.43
N LEU D 365 -41.28 -1.90 -54.57
CA LEU D 365 -40.66 -2.24 -55.84
C LEU D 365 -41.44 -3.32 -56.57
N GLN D 366 -41.03 -3.57 -57.81
CA GLN D 366 -41.65 -4.56 -58.67
C GLN D 366 -40.58 -5.22 -59.54
N GLU D 367 -41.02 -6.13 -60.40
CA GLU D 367 -40.09 -6.86 -61.24
C GLU D 367 -39.30 -5.89 -62.14
N GLY D 368 -38.04 -6.24 -62.37
CA GLY D 368 -37.15 -5.42 -63.16
C GLY D 368 -36.38 -4.37 -62.38
N GLN D 369 -36.71 -4.16 -61.12
CA GLN D 369 -36.03 -3.18 -60.29
C GLN D 369 -34.92 -3.85 -59.48
N ARG D 370 -34.09 -3.02 -58.86
CA ARG D 370 -32.92 -3.51 -58.15
C ARG D 370 -32.79 -2.77 -56.83
N CYS D 371 -32.39 -3.50 -55.79
CA CYS D 371 -32.22 -2.94 -54.46
C CYS D 371 -30.89 -3.42 -53.89
N VAL D 372 -30.29 -2.61 -53.03
CA VAL D 372 -29.01 -2.94 -52.41
C VAL D 372 -29.16 -2.81 -50.90
N VAL D 373 -28.59 -3.75 -50.16
CA VAL D 373 -28.56 -3.70 -48.71
C VAL D 373 -27.13 -3.98 -48.26
N ILE D 374 -26.65 -3.19 -47.32
CA ILE D 374 -25.28 -3.30 -46.83
C ILE D 374 -25.27 -4.21 -45.61
N LEU D 375 -24.47 -5.25 -45.65
CA LEU D 375 -24.23 -6.08 -44.48
C LEU D 375 -22.87 -5.72 -43.90
N PRO D 376 -22.79 -5.11 -42.72
CA PRO D 376 -21.52 -4.51 -42.29
C PRO D 376 -20.52 -5.45 -41.66
N ASP D 377 -20.94 -6.45 -40.88
CA ASP D 377 -19.99 -7.18 -40.05
C ASP D 377 -20.16 -8.68 -40.20
N SER D 378 -19.13 -9.40 -39.80
CA SER D 378 -19.15 -10.85 -39.86
C SER D 378 -19.92 -11.44 -38.69
N VAL D 379 -20.11 -12.76 -38.72
CA VAL D 379 -20.67 -13.45 -37.57
C VAL D 379 -19.61 -13.75 -36.54
N ARG D 380 -18.33 -13.63 -36.92
CA ARG D 380 -17.26 -14.06 -36.03
C ARG D 380 -17.36 -13.36 -34.68
N ASN D 381 -17.73 -12.09 -34.67
CA ASN D 381 -17.80 -11.33 -33.43
C ASN D 381 -19.03 -11.64 -32.59
N TYR D 382 -19.77 -12.71 -32.91
CA TYR D 382 -21.04 -12.97 -32.24
C TYR D 382 -21.23 -14.44 -31.87
N MET D 383 -20.16 -15.21 -31.68
CA MET D 383 -20.32 -16.62 -31.39
C MET D 383 -21.17 -16.84 -30.15
N THR D 384 -20.87 -16.10 -29.07
CA THR D 384 -21.61 -16.25 -27.82
C THR D 384 -22.98 -15.60 -27.86
N LYS D 385 -23.15 -14.55 -28.67
CA LYS D 385 -24.42 -13.84 -28.80
C LYS D 385 -25.31 -14.59 -29.78
N PHE D 386 -26.26 -13.91 -30.41
CA PHE D 386 -27.42 -14.54 -31.01
C PHE D 386 -27.12 -15.88 -31.67
N LEU D 387 -25.91 -16.10 -32.17
CA LEU D 387 -25.59 -17.40 -32.75
C LEU D 387 -25.71 -18.52 -31.73
N SER D 388 -25.68 -18.19 -30.44
CA SER D 388 -25.80 -19.20 -29.38
C SER D 388 -27.25 -19.26 -28.91
N ASP D 389 -27.92 -20.38 -29.20
CA ASP D 389 -29.32 -20.49 -28.80
C ASP D 389 -29.49 -20.29 -27.30
N ARG D 390 -28.50 -20.70 -26.51
CA ARG D 390 -28.58 -20.49 -25.07
C ARG D 390 -28.76 -19.01 -24.76
N TRP D 391 -27.89 -18.17 -25.32
CA TRP D 391 -27.98 -16.74 -25.06
C TRP D 391 -29.30 -16.17 -25.55
N MET D 392 -29.75 -16.59 -26.73
CA MET D 392 -31.00 -16.07 -27.26
C MET D 392 -32.15 -16.40 -26.34
N LEU D 393 -32.23 -17.64 -25.87
CA LEU D 393 -33.29 -18.02 -24.96
C LEU D 393 -33.19 -17.29 -23.64
N GLN D 394 -31.97 -17.13 -23.11
CA GLN D 394 -31.81 -16.47 -21.82
C GLN D 394 -32.26 -15.02 -21.88
N LYS D 395 -31.92 -14.32 -22.97
CA LYS D 395 -32.30 -12.91 -23.09
C LYS D 395 -33.74 -12.72 -23.52
N GLY D 396 -34.49 -13.81 -23.74
CA GLY D 396 -35.91 -13.70 -23.96
C GLY D 396 -36.35 -13.46 -25.37
N PHE D 397 -35.41 -13.31 -26.32
CA PHE D 397 -35.80 -13.13 -27.71
C PHE D 397 -36.53 -14.37 -28.23
N LEU D 398 -36.04 -15.56 -27.90
CA LEU D 398 -36.70 -16.80 -28.26
C LEU D 398 -37.47 -17.36 -27.08
N LYS D 399 -38.23 -18.41 -27.35
CA LYS D 399 -39.01 -19.11 -26.34
C LYS D 399 -38.86 -20.61 -26.51
N GLU D 400 -39.25 -21.34 -25.46
CA GLU D 400 -39.14 -22.80 -25.48
C GLU D 400 -40.01 -23.43 -26.55
N GLU D 401 -41.10 -22.77 -26.95
CA GLU D 401 -41.88 -23.25 -28.09
C GLU D 401 -41.12 -23.09 -29.39
N ASP D 402 -40.08 -22.26 -29.41
CA ASP D 402 -39.22 -22.09 -30.58
C ASP D 402 -38.11 -23.13 -30.64
N LEU D 403 -38.03 -24.05 -29.67
CA LEU D 403 -36.99 -25.07 -29.64
C LEU D 403 -37.59 -26.46 -29.53
N THR D 404 -38.65 -26.60 -28.72
CA THR D 404 -39.26 -27.91 -28.49
C THR D 404 -40.08 -28.39 -29.68
N GLU D 405 -40.52 -27.49 -30.56
CA GLU D 405 -41.31 -27.87 -31.71
C GLU D 405 -40.56 -28.88 -32.59
CHA HEM E . 23.79 -18.72 40.47
CHB HEM E . 25.96 -20.79 44.26
CHC HEM E . 26.06 -16.52 46.49
CHD HEM E . 22.87 -14.92 43.28
C1A HEM E . 24.55 -19.58 41.22
C2A HEM E . 25.32 -20.70 40.73
C3A HEM E . 25.92 -21.26 41.78
C4A HEM E . 25.56 -20.54 42.97
CMA HEM E . 26.84 -22.49 41.74
CAA HEM E . 25.43 -21.13 39.26
CBA HEM E . 24.09 -21.64 38.74
CGA HEM E . 24.17 -21.79 37.24
O1A HEM E . 23.29 -22.47 36.66
O2A HEM E . 25.11 -21.24 36.63
C1B HEM E . 26.27 -19.81 45.16
C2B HEM E . 27.18 -19.88 46.30
C3B HEM E . 27.20 -18.68 46.90
C4B HEM E . 26.31 -17.83 46.17
CMB HEM E . 27.97 -21.14 46.71
CAB HEM E . 27.98 -18.21 48.14
CBB HEM E . 28.64 -19.05 48.95
C1C HEM E . 25.15 -15.74 45.84
C2C HEM E . 24.71 -14.44 46.28
C3C HEM E . 23.83 -14.00 45.40
C4C HEM E . 23.69 -15.00 44.37
CMC HEM E . 25.21 -13.74 47.55
CAC HEM E . 23.06 -12.67 45.40
CBC HEM E . 23.14 -11.81 46.43
C1D HEM E . 22.75 -15.89 42.32
C2D HEM E . 21.63 -16.05 41.42
C3D HEM E . 21.87 -17.09 40.64
C4D HEM E . 23.16 -17.63 41.02
CMD HEM E . 20.39 -15.15 41.39
CAD HEM E . 20.94 -17.61 39.54
CBD HEM E . 19.91 -18.55 40.18
CGD HEM E . 18.96 -19.09 39.16
O1D HEM E . 18.37 -20.18 39.40
O2D HEM E . 18.79 -18.45 38.08
NA HEM E . 24.72 -19.50 42.58
NB HEM E . 25.76 -18.53 45.12
NC HEM E . 24.51 -16.06 44.67
ND HEM E . 23.66 -16.87 42.05
FE HEM E . 24.67 -17.73 43.58
HHB HEM E . 26.33 -21.68 44.44
HHC HEM E . 26.39 -16.21 47.35
HHD HEM E . 22.16 -14.24 43.32
HMA HEM E . 26.34 -23.27 41.40
HMAA HEM E . 27.60 -22.32 41.16
HMAB HEM E . 27.16 -22.70 42.65
HAA HEM E . 25.72 -20.37 38.73
HAAA HEM E . 26.10 -21.84 39.18
HBA HEM E . 23.91 -22.51 39.14
HBAA HEM E . 23.40 -21.01 38.98
HMB HEM E . 27.52 -21.58 47.43
HMBA HEM E . 28.04 -21.74 45.94
HMBB HEM E . 28.86 -20.88 46.99
HAB HEM E . 28.00 -17.27 48.35
HBB HEM E . 29.28 -18.70 49.58
HBBA HEM E . 28.37 -19.98 49.00
HMC HEM E . 26.06 -14.13 47.83
HMCA HEM E . 25.35 -12.79 47.37
HMCB HEM E . 24.56 -13.85 48.26
HAC HEM E . 22.67 -12.37 44.58
HBC HEM E . 23.14 -12.14 47.33
HBCA HEM E . 22.88 -10.88 46.28
HMD HEM E . 19.77 -15.46 40.69
HMDA HEM E . 19.93 -15.19 42.27
HMDB HEM E . 20.65 -14.23 41.21
HAD HEM E . 20.48 -16.87 39.11
HADA HEM E . 21.45 -18.11 38.87
HBD HEM E . 20.38 -19.28 40.61
HBDA HEM E . 19.42 -18.06 40.85
HHA HEM E . 23.42 -19.07 39.64
CHA HEM F . 29.77 44.61 50.97
CHB HEM F . 34.50 45.28 51.69
CHC HEM F . 35.22 40.80 50.07
CHD HEM F . 30.78 40.80 48.23
C1A HEM F . 30.96 45.16 51.37
C2A HEM F . 31.13 46.41 52.07
C3A HEM F . 32.44 46.61 52.26
C4A HEM F . 33.14 45.47 51.70
CMA HEM F . 33.08 47.81 52.97
CAA HEM F . 30.00 47.36 52.50
CBA HEM F . 29.98 48.60 51.62
CGA HEM F . 28.78 49.44 51.95
O1A HEM F . 28.79 50.65 51.62
O2A HEM F . 27.83 48.91 52.57
C1B HEM F . 35.11 44.11 51.34
C2B HEM F . 36.51 43.81 51.47
C3B HEM F . 36.72 42.56 51.03
C4B HEM F . 35.44 42.05 50.61
CMB HEM F . 37.56 44.80 52.04
CAB HEM F . 38.02 41.74 50.94
CBB HEM F . 39.23 42.30 51.11
C1C HEM F . 34.09 40.41 49.41
C2C HEM F . 33.90 39.17 48.69
C3C HEM F . 32.66 39.17 48.18
C4C HEM F . 32.04 40.42 48.56
CMC HEM F . 34.97 38.06 48.57
CAC HEM F . 31.96 38.11 47.33
CBC HEM F . 32.59 37.03 46.87
C1D HEM F . 30.14 41.89 48.74
C2D HEM F . 28.87 42.42 48.30
C3D HEM F . 28.59 43.48 49.05
C4D HEM F . 29.67 43.64 50.00
CMD HEM F . 28.02 41.86 47.14
CAD HEM F . 27.34 44.36 48.96
CBD HEM F . 27.67 45.57 48.09
CGD HEM F . 26.64 46.64 48.27
O1D HEM F . 26.80 47.73 47.67
O2D HEM F . 25.66 46.41 49.02
NA HEM F . 32.21 44.61 51.15
NB HEM F . 34.48 43.01 50.80
NC HEM F . 32.93 41.15 49.31
ND HEM F . 30.61 42.65 49.79
FE HEM F . 32.54 42.86 50.26
HHB HEM F . 35.04 45.96 52.14
HHC HEM F . 35.95 40.15 50.13
HHD HEM F . 30.23 40.15 47.75
HMA HEM F . 32.84 48.63 52.51
HMAA HEM F . 32.75 47.86 53.90
HMAB HEM F . 34.05 47.70 52.99
HAA HEM F . 29.14 46.90 52.43
HAAA HEM F . 30.13 47.62 53.43
HBA HEM F . 30.80 49.11 51.76
HBAA HEM F . 29.94 48.32 50.68
HMB HEM F . 37.96 45.30 51.31
HMBA HEM F . 37.12 45.41 52.66
HMBB HEM F . 38.26 44.31 52.51
HAB HEM F . 37.97 40.80 50.82
HBB HEM F . 40.02 41.73 51.16
HBBA HEM F . 39.35 43.25 50.95
HMC HEM F . 35.60 38.14 49.31
HMCA HEM F . 34.55 37.19 48.60
HMCB HEM F . 35.44 38.16 47.73
HAC HEM F . 31.02 38.23 47.10
HBC HEM F . 33.50 37.12 46.56
HBCA HEM F . 32.06 36.31 46.51
HMD HEM F . 28.47 42.05 46.29
HMDA HEM F . 27.93 40.89 47.25
HMDB HEM F . 27.13 42.27 47.16
HAD HEM F . 26.61 43.87 48.56
HADA HEM F . 27.09 44.67 49.85
HBD HEM F . 28.55 45.91 48.34
HBDA HEM F . 27.69 45.30 47.15
HHA HEM F . 28.96 45.10 51.18
N1 PLP G . 21.43 28.74 35.23
C2 PLP G . 20.22 28.63 35.86
C2A PLP G . 19.14 27.72 35.27
C3 PLP G . 19.98 29.30 36.99
O3 PLP G . 18.74 29.16 37.60
C4 PLP G . 20.94 30.11 37.53
C4A PLP G . 20.61 30.85 38.78
O4A PLP G . 20.04 30.29 39.69
C5 PLP G . 22.15 30.23 36.91
C6 PLP G . 22.37 29.53 35.74
C5A PLP G . 23.31 31.11 37.41
O4P PLP G . 23.22 31.40 38.74
P PLP G . 23.59 32.94 39.19
O1P PLP G . 25.02 33.28 38.75
O2P PLP G . 22.66 33.88 38.52
O3P PLP G . 23.48 33.06 40.66
H2A1 PLP G . 19.56 27.17 34.45
H2A2 PLP G . 18.80 27.03 36.03
H2A3 PLP G . 18.31 28.33 34.91
HO3 PLP G . 18.07 29.47 37.03
H4A PLP G . 20.90 31.91 38.89
H6 PLP G . 23.37 29.61 35.22
H5A1 PLP G . 24.27 30.59 37.22
H5A2 PLP G . 23.30 32.06 36.85
CHA HEM H . -9.37 -43.00 -59.45
CHB HEM H . -6.63 -43.03 -63.42
CHC HEM H . -5.40 -38.46 -62.51
CHD HEM H . -7.34 -38.86 -58.12
C1A HEM H . -8.79 -43.39 -60.63
C2A HEM H . -9.02 -44.64 -61.31
C3A HEM H . -8.26 -44.66 -62.41
C4A HEM H . -7.52 -43.41 -62.45
CMA HEM H . -8.18 -45.79 -63.45
CAA HEM H . -9.98 -45.76 -60.86
CBA HEM H . -9.18 -46.92 -60.31
CGA HEM H . -10.10 -47.92 -59.66
O1A HEM H . -9.68 -49.10 -59.49
O2A HEM H . -11.25 -47.55 -59.33
C1B HEM H . -6.07 -41.79 -63.54
C2B HEM H . -5.23 -41.32 -64.61
C3B HEM H . -4.89 -40.05 -64.37
C4B HEM H . -5.51 -39.68 -63.12
CMB HEM H . -4.83 -42.18 -65.83
CAB HEM H . -4.02 -39.09 -65.19
CBB HEM H . -3.28 -39.49 -66.22
C1C HEM H . -5.81 -38.17 -61.23
C2C HEM H . -5.62 -36.91 -60.54
C3C HEM H . -6.17 -37.03 -59.33
C4C HEM H . -6.71 -38.36 -59.22
CMC HEM H . -4.91 -35.67 -61.14
CAC HEM H . -6.24 -36.00 -58.18
CBC HEM H . -5.56 -34.85 -58.22
C1D HEM H . -7.97 -40.07 -58.07
C2D HEM H . -8.44 -40.72 -56.87
C3D HEM H . -9.00 -41.87 -57.24
C4D HEM H . -8.91 -41.97 -58.68
CMD HEM H . -8.29 -40.18 -55.44
CAD HEM H . -9.64 -42.91 -56.31
CBD HEM H . -8.62 -44.01 -56.06
CGD HEM H . -9.28 -45.19 -55.42
O1D HEM H . -8.56 -46.16 -55.08
O2D HEM H . -10.53 -45.17 -55.23
NA HEM H . -7.86 -42.66 -61.34
NB HEM H . -6.22 -40.76 -62.62
NC HEM H . -6.49 -39.03 -60.40
ND HEM H . -8.28 -40.84 -59.16
FE HEM H . -7.19 -40.84 -60.85
HHB HEM H . -6.51 -43.64 -64.18
HHC HEM H . -5.04 -37.72 -63.05
HHD HEM H . -7.34 -38.31 -57.31
HMA HEM H . -7.89 -46.62 -63.00
HMAA HEM H . -9.06 -45.93 -63.85
HMAB HEM H . -7.54 -45.55 -64.14
HAA HEM H . -10.56 -45.41 -60.16
HAAA HEM H . -10.51 -46.06 -61.61
HBA HEM H . -8.68 -47.35 -61.03
HBAA HEM H . -8.55 -46.60 -59.65
HMB HEM H . -3.97 -42.60 -65.67
HMBA HEM H . -5.50 -42.88 -65.96
HMBB HEM H . -4.78 -41.63 -66.62
HAB HEM H . -4.04 -38.15 -64.98
HBB HEM H . -2.89 -38.83 -66.82
HBBA HEM H . -2.98 -40.42 -66.28
HMC HEM H . -4.97 -35.71 -62.11
HMCA HEM H . -5.33 -34.86 -60.82
HMCB HEM H . -3.97 -35.68 -60.88
HAC HEM H . -6.76 -36.20 -57.40
HBC HEM H . -4.68 -34.83 -58.63
HBCA HEM H . -5.77 -34.19 -57.54
HMD HEM H . -8.55 -39.23 -55.42
HMDA HEM H . -8.85 -40.69 -54.82
HMDB HEM H . -7.35 -40.25 -55.17
HAD HEM H . -9.90 -42.50 -55.47
HADA HEM H . -10.43 -43.28 -56.73
HBD HEM H . -8.23 -44.28 -56.91
HBDA HEM H . -7.92 -43.68 -55.48
HHA HEM H . -10.00 -43.62 -59.03
N1 PLP I . -6.01 -27.54 -41.30
C2 PLP I . -7.38 -27.48 -41.16
C2A PLP I . -8.01 -26.62 -40.08
C3 PLP I . -8.16 -28.19 -41.96
O3 PLP I . -9.53 -28.14 -41.81
C4 PLP I . -7.61 -28.98 -42.93
C4A PLP I . -8.51 -29.76 -43.81
O4A PLP I . -8.26 -30.92 -44.06
C5 PLP I . -6.26 -29.04 -43.10
C6 PLP I . -5.46 -28.30 -42.25
C5A PLP I . -5.60 -29.93 -44.18
O4P PLP I . -6.33 -29.95 -45.33
P PLP I . -6.42 -31.33 -46.21
O1P PLP I . -5.42 -31.28 -47.38
O2P PLP I . -6.13 -32.51 -45.36
O3P PLP I . -7.79 -31.48 -46.77
H2A1 PLP I . -8.82 -26.08 -40.51
H2A2 PLP I . -8.37 -27.26 -39.28
H2A3 PLP I . -7.28 -25.93 -39.69
HO3 PLP I . -9.86 -29.00 -41.62
H4A PLP I . -9.40 -29.28 -44.23
H6 PLP I . -4.34 -28.34 -42.36
H5A1 PLP I . -4.58 -29.53 -44.41
H5A2 PLP I . -5.51 -30.94 -43.80
CHA HEM J . -14.70 19.43 -44.24
CHB HEM J . -16.12 21.59 -48.32
CHC HEM J . -17.04 17.27 -50.22
CHD HEM J . -16.87 15.42 -45.79
C1A HEM J . -14.81 20.35 -45.24
C2A HEM J . -14.08 21.59 -45.36
C3A HEM J . -14.49 22.18 -46.49
C4A HEM J . -15.47 21.35 -47.13
CMA HEM J . -13.98 23.54 -47.03
CAA HEM J . -13.05 22.12 -44.36
CBA HEM J . -13.70 22.55 -43.06
CGA HEM J . -12.64 22.78 -42.02
O1A HEM J . -12.96 23.37 -40.95
O2A HEM J . -11.48 22.38 -42.25
C1B HEM J . -16.42 20.61 -49.23
C2B HEM J . -16.66 20.76 -50.66
C3B HEM J . -16.91 19.55 -51.17
C4B HEM J . -16.84 18.61 -50.09
CMB HEM J . -16.62 22.10 -51.42
CAB HEM J . -17.23 19.13 -52.62
CBB HEM J . -17.50 20.01 -53.59
C1C HEM J . -17.14 16.40 -49.17
C2C HEM J . -17.62 15.05 -49.25
C3C HEM J . -17.58 14.54 -48.02
C4C HEM J . -17.06 15.56 -47.14
CMC HEM J . -18.10 14.35 -50.54
CAC HEM J . -17.98 13.12 -47.56
CBC HEM J . -18.52 12.22 -48.38
C1D HEM J . -16.39 16.40 -44.97
C2D HEM J . -16.56 16.47 -43.55
C3D HEM J . -15.96 17.56 -43.10
C4D HEM J . -15.40 18.24 -44.24
CMD HEM J . -17.29 15.42 -42.70
CAD HEM J . -15.90 18.01 -41.63
CBD HEM J . -17.18 18.79 -41.31
CGD HEM J . -17.20 19.23 -39.87
O1D HEM J . -17.93 20.21 -39.57
O2D HEM J . -16.48 18.63 -39.04
NA HEM J . -15.63 20.23 -46.34
NB HEM J . -16.54 19.27 -48.92
NC HEM J . -16.81 16.69 -47.87
ND HEM J . -15.68 17.51 -45.37
FE HEM J . -16.14 18.41 -47.11
HHB HEM J . -16.09 22.51 -48.65
HHC HEM J . -17.37 16.94 -51.09
HHD HEM J . -17.29 14.65 -45.36
HMA HEM J . -14.19 24.24 -46.37
HMAA HEM J . -13.02 23.50 -47.17
HMAB HEM J . -14.43 23.74 -47.87
HAA HEM J . -12.40 21.41 -44.18
HAAA HEM J . -12.57 22.87 -44.75
HBA HEM J . -14.20 23.37 -43.20
HBAA HEM J . -14.31 21.85 -42.75
HMB HEM J . -17.52 22.43 -51.54
HMBA HEM J . -16.11 22.74 -50.91
HMBB HEM J . -16.20 21.97 -52.28
HAB HEM J . -17.22 18.20 -52.85
HBB HEM J . -17.45 19.73 -54.52
HBBA HEM J . -17.86 20.88 -53.37
HMC HEM J . -17.76 14.85 -51.30
HMCA HEM J . -17.76 13.45 -50.57
HMCB HEM J . -19.06 14.35 -50.57
HAC HEM J . -17.75 12.87 -46.66
HBC HEM J . -19.17 12.51 -49.03
HBCA HEM J . -18.48 11.29 -48.13
HMD HEM J . -17.29 15.68 -41.76
HMDA HEM J . -18.22 15.34 -43.00
HMDB HEM J . -16.86 14.54 -42.79
HAD HEM J . -15.84 17.23 -41.05
HADA HEM J . -15.13 18.58 -41.49
HBD HEM J . -17.22 19.57 -41.89
HBDA HEM J . -17.94 18.23 -41.48
HHA HEM J . -14.42 19.76 -43.36
#